data_8CA4
#
_entry.id   8CA4
#
_cell.length_a   1.00
_cell.length_b   1.00
_cell.length_c   1.00
_cell.angle_alpha   90.00
_cell.angle_beta   90.00
_cell.angle_gamma   90.00
#
_symmetry.space_group_name_H-M   'P 1'
#
loop_
_entity.id
_entity.type
_entity.pdbx_description
1 polymer 'NADH dehydrogenase [ubiquinone] flavoprotein 2, mitochondrial'
2 polymer 'NADH dehydrogenase [ubiquinone] flavoprotein 1, mitochondrial'
3 polymer 'NADH-ubiquinone oxidoreductase 75 kDa subunit, mitochondrial'
4 polymer 'NADH dehydrogenase [ubiquinone] 1 alpha subcomplex subunit 2'
5 polymer 'NADH dehydrogenase [ubiquinone] flavoprotein 3, mitochondrial'
6 non-polymer 'FE2/S2 (INORGANIC) CLUSTER'
7 non-polymer 'IRON/SULFUR CLUSTER'
8 non-polymer 'FLAVIN MONONUCLEOTIDE'
#
loop_
_entity_poly.entity_id
_entity_poly.type
_entity_poly.pdbx_seq_one_letter_code
_entity_poly.pdbx_strand_id
1 'polypeptide(L)'
;MFSLALRARATGLAAQWGRHARNLHKTAVHNGAGGALFVHRDTPENNPDTPFDFTPENYKRIEAIVKNYPEGHQAAAVLP
VLDLAQRQNGWLPISAMNKVAEVLQVPPMRVYEVATFYTMYNRKPVGKYHIQVCTTTPCMLRDSDSILETLQRKLGIKVG
ETTPDKLFTLIEVECLGACVNAPMVQINDNYYEDLTPKDIEEIIDELKAGKVPKPGPRSGRFCCEPAGGLTSLTEPPKGP
GFGVQAGL
;
E
2 'polypeptide(L)'
;MLAARHFLGGLVPVRVSVRFSSGTTAPKKTSFGSLKDEDRIFTNLYGRHDWRLKGALRRGDWYKTKEILLKGPDWILGEM
KTSGLRGRGGAGFPTGLKWSFMNKPSDGRPKYLVVNADEGEPGTCKDREIMRHDPHKLVEGCLVGGRAMGARAAYIYIRG
EFYNEASNLQVAIREAYEAGLIGKNACGSDYDFDVFVVRGAGAYICGEETALIESIEGKQGKPRLKPPFPADVGVFGCPT
TVANVETVAVSPTICRRGGTWFAGFGRERNSGTKLFNISGHVNHPCTVEEEMSVPLKELIEKHAGGVTGGWDNLLAVIPG
GSSTPLIPKSVCETVLMDFDALVQAQTGLGTAAVIVMDRSTDIVKAIARLIEFYKHESCGQCTPCREGVDWMNKVMARFV
KGDARPAEIDSLWEISKQIEGHTICALGDGAAWPVQGLIRHFRPELEDRMQRFAQQHRAWQAAS
;
F
3 'polypeptide(L)'
;MLRIPIKRALIGLSNSPKGYVRTTGTAASNLIEVFVDGQSVMVEPGTTVLQACEKVGMQIPRFCYHERLSVAGNCRMCLV
EIEKAPKVVAACAMPVMKGWNILTNSEKSKKAREGVMEFLLANHPLDCPICDQGGECDLQDQSMMFGSDRSRFLEGKRAV
EDKNIGPLVKTIMTRCIQCTRCIRFASEIAGVDDLGTTGRGNDMQVGTYIEKMFMSELSGNVIDICPVGALTSKPYAFTA
RPWETRKTESIDVMDAVGSNIVVSTRTGEVMRILPRMHEDINEEWISDKTRFAYDGLKRQRLTEPMVRNEKGLLTYTSWE
DALSRVAGMLQNFEGNAVAAIAGGLVDAEALVALKDLLNKVDSDNLCTEEIFPTEGAGTDLRSNYLLNTTIAGVEEADVV
LLVGTNPRFEAPLFNARIRKSWLHNDLKVALIGSPVDLTYRYDHLGDSPKILQDIASGRHSFCEVLKDAKKPMVVLGSSA
LQRDDGAAILVAVSNMVQKIRVTTGVAAEWKVMNILHRIASQVAALDLGYKPGVEAIRKNPPKMLFLLGADGGCITRQDL
PKDCFIVYQGHHGDVGAPMADVILPGAAYTEKSATYVNTEGRAQQTKVAVTPPGLAREDWKIIRALSEIAGITLPYDTLD
QVRNRLEEVSPNLVRYDDIEETNYFQQASELAKLVNQEVLADPLVPPQLTIKDFYMTDSISRASQTMAKCVKAVTEGAQA
VEEPSIC
;
G
4 'polypeptide(L)'
;MAAAAASRAVGAKLGLREIRVHLCQRSPGSQGVRDFIVQRYVELKKAHPNLPILIRECSEVQPKLWARYAFGQEKTVSLN
NLSADEVTRAMQNVLSGKA
;
S
5 'polypeptide(L)'
;MAVSLLLRGGRIRALKAVLLEARVFPGELVSVVRLSTESEKSAKEKELHPKTQSVLKEPEPTDTTTYKNLQHHDYNTYTF
LDLNLDLSKFRLPQPSSGRESPRH
;
s
#
loop_
_chem_comp.id
_chem_comp.type
_chem_comp.name
_chem_comp.formula
FES non-polymer 'FE2/S2 (INORGANIC) CLUSTER' 'Fe2 S2'
FMN non-polymer 'FLAVIN MONONUCLEOTIDE' 'C17 H21 N4 O9 P'
SF4 non-polymer 'IRON/SULFUR CLUSTER' 'Fe4 S4'
#
# COMPACT_ATOMS: atom_id res chain seq x y z
N ALA A 36 24.30 -3.68 6.97
CA ALA A 36 25.22 -2.56 6.92
C ALA A 36 24.45 -1.26 6.79
N LEU A 37 23.71 -1.11 5.70
CA LEU A 37 22.94 0.10 5.46
C LEU A 37 21.78 -0.23 4.54
N PHE A 38 20.62 0.37 4.82
CA PHE A 38 19.40 0.16 4.06
C PHE A 38 19.01 1.39 3.25
N VAL A 39 20.00 2.19 2.86
CA VAL A 39 19.80 3.34 1.99
C VAL A 39 20.90 3.33 0.94
N HIS A 40 20.54 3.59 -0.31
CA HIS A 40 21.46 3.53 -1.42
C HIS A 40 22.00 4.91 -1.72
N ARG A 41 23.33 5.02 -1.84
CA ARG A 41 23.99 6.24 -2.28
C ARG A 41 24.88 5.90 -3.47
N ASP A 42 24.62 6.55 -4.60
CA ASP A 42 25.32 6.21 -5.82
C ASP A 42 26.80 6.57 -5.71
N THR A 43 27.63 5.77 -6.37
CA THR A 43 29.06 6.03 -6.48
C THR A 43 29.49 5.69 -7.90
N PRO A 44 30.77 5.86 -8.25
CA PRO A 44 31.21 5.40 -9.57
C PRO A 44 30.89 3.95 -9.82
N GLU A 45 31.00 3.11 -8.80
CA GLU A 45 30.50 1.74 -8.83
C GLU A 45 29.22 1.66 -8.03
N ASN A 46 28.32 0.80 -8.47
CA ASN A 46 26.96 0.75 -7.91
C ASN A 46 26.22 2.03 -8.28
N ASN A 47 25.97 2.21 -9.58
CA ASN A 47 25.33 3.38 -10.12
C ASN A 47 24.17 2.94 -11.00
N PRO A 48 23.10 3.73 -11.09
CA PRO A 48 21.94 3.31 -11.89
C PRO A 48 22.28 2.95 -13.32
N ASP A 49 23.49 3.28 -13.76
CA ASP A 49 23.93 2.98 -15.11
C ASP A 49 25.08 1.97 -15.14
N THR A 50 25.52 1.47 -13.99
CA THR A 50 26.61 0.52 -13.99
C THR A 50 26.19 -0.72 -14.78
N PRO A 51 27.07 -1.28 -15.61
CA PRO A 51 26.65 -2.34 -16.54
C PRO A 51 26.10 -3.55 -15.80
N PHE A 52 25.05 -4.14 -16.36
CA PHE A 52 24.54 -5.43 -15.93
C PHE A 52 23.40 -5.88 -16.83
N ASP A 53 23.37 -7.17 -17.15
CA ASP A 53 22.27 -7.74 -17.91
C ASP A 53 22.43 -9.25 -17.92
N PHE A 54 21.30 -9.95 -17.97
CA PHE A 54 21.33 -11.41 -17.98
C PHE A 54 21.89 -11.91 -19.31
N THR A 55 22.59 -13.04 -19.23
CA THR A 55 23.04 -13.73 -20.43
C THR A 55 21.86 -14.44 -21.08
N PRO A 56 22.01 -14.87 -22.34
CA PRO A 56 20.88 -15.58 -22.99
C PRO A 56 20.44 -16.84 -22.26
N GLU A 57 21.39 -17.64 -21.78
CA GLU A 57 21.02 -18.83 -21.03
C GLU A 57 20.35 -18.44 -19.72
N ASN A 58 20.80 -17.35 -19.11
CA ASN A 58 20.11 -16.85 -17.93
C ASN A 58 18.69 -16.41 -18.26
N TYR A 59 18.46 -15.88 -19.46
CA TYR A 59 17.10 -15.54 -19.86
C TYR A 59 16.24 -16.79 -20.00
N LYS A 60 16.82 -17.86 -20.55
CA LYS A 60 16.08 -19.12 -20.58
C LYS A 60 15.73 -19.58 -19.17
N ARG A 61 16.69 -19.51 -18.25
CA ARG A 61 16.40 -19.91 -16.88
C ARG A 61 15.34 -19.01 -16.26
N ILE A 62 15.36 -17.72 -16.59
CA ILE A 62 14.35 -16.79 -16.07
C ILE A 62 12.97 -17.19 -16.55
N GLU A 63 12.85 -17.54 -17.84
CA GLU A 63 11.57 -17.99 -18.35
C GLU A 63 11.12 -19.25 -17.61
N ALA A 64 12.05 -20.18 -17.38
CA ALA A 64 11.70 -21.41 -16.66
C ALA A 64 11.18 -21.09 -15.27
N ILE A 65 11.84 -20.17 -14.56
CA ILE A 65 11.39 -19.79 -13.22
C ILE A 65 10.00 -19.17 -13.29
N VAL A 66 9.80 -18.25 -14.24
CA VAL A 66 8.54 -17.52 -14.30
C VAL A 66 7.39 -18.47 -14.60
N LYS A 67 7.63 -19.47 -15.42
CA LYS A 67 6.53 -20.37 -15.77
C LYS A 67 6.15 -21.32 -14.63
N ASN A 68 6.63 -21.12 -13.41
CA ASN A 68 6.25 -21.95 -12.26
C ASN A 68 5.10 -21.37 -11.46
N TYR A 69 4.52 -20.26 -11.90
CA TYR A 69 3.44 -19.59 -11.19
C TYR A 69 2.29 -19.35 -12.16
N PRO A 70 1.06 -19.22 -11.64
CA PRO A 70 -0.09 -19.02 -12.52
C PRO A 70 0.10 -17.90 -13.53
N GLU A 71 -0.78 -17.80 -14.51
CA GLU A 71 -0.71 -16.69 -15.45
C GLU A 71 -0.86 -15.38 -14.71
N GLY A 72 -0.14 -14.36 -15.17
CA GLY A 72 0.05 -13.24 -14.28
C GLY A 72 0.86 -13.72 -13.08
N HIS A 73 0.66 -13.06 -11.94
CA HIS A 73 1.34 -13.46 -10.70
C HIS A 73 2.83 -13.69 -10.91
N GLN A 74 3.40 -13.14 -11.98
CA GLN A 74 4.80 -13.38 -12.29
C GLN A 74 5.74 -12.61 -11.38
N ALA A 75 5.22 -11.65 -10.61
CA ALA A 75 6.06 -10.96 -9.64
C ALA A 75 6.56 -11.92 -8.56
N ALA A 76 5.95 -13.09 -8.45
CA ALA A 76 6.42 -14.09 -7.49
C ALA A 76 7.85 -14.51 -7.77
N ALA A 77 8.32 -14.38 -9.01
CA ALA A 77 9.66 -14.81 -9.36
C ALA A 77 10.72 -13.80 -8.98
N VAL A 78 10.35 -12.70 -8.32
CA VAL A 78 11.35 -11.68 -7.97
C VAL A 78 12.45 -12.29 -7.12
N LEU A 79 12.08 -13.12 -6.15
CA LEU A 79 13.09 -13.73 -5.28
C LEU A 79 14.02 -14.63 -6.06
N PRO A 80 13.55 -15.68 -6.75
CA PRO A 80 14.49 -16.51 -7.53
C PRO A 80 15.22 -15.74 -8.61
N VAL A 81 14.57 -14.78 -9.27
CA VAL A 81 15.24 -14.03 -10.32
C VAL A 81 16.35 -13.16 -9.74
N LEU A 82 16.08 -12.50 -8.62
CA LEU A 82 17.12 -11.69 -8.00
C LEU A 82 18.28 -12.55 -7.52
N ASP A 83 17.98 -13.72 -6.97
CA ASP A 83 19.04 -14.63 -6.58
C ASP A 83 19.85 -15.07 -7.79
N LEU A 84 19.19 -15.29 -8.93
CA LEU A 84 19.91 -15.64 -10.14
C LEU A 84 20.82 -14.51 -10.58
N ALA A 85 20.33 -13.27 -10.51
CA ALA A 85 21.18 -12.13 -10.85
C ALA A 85 22.40 -12.08 -9.95
N GLN A 86 22.22 -12.31 -8.66
CA GLN A 86 23.35 -12.34 -7.76
C GLN A 86 24.30 -13.49 -8.10
N ARG A 87 23.77 -14.64 -8.46
CA ARG A 87 24.62 -15.76 -8.82
C ARG A 87 25.45 -15.43 -10.04
N GLN A 88 24.87 -14.68 -10.98
CA GLN A 88 25.61 -14.30 -12.18
C GLN A 88 26.70 -13.29 -11.85
N ASN A 89 26.38 -12.27 -11.08
CA ASN A 89 27.34 -11.18 -10.80
C ASN A 89 28.25 -11.50 -9.62
N GLY A 90 27.67 -11.53 -8.42
CA GLY A 90 28.43 -11.65 -7.20
C GLY A 90 27.81 -10.78 -6.13
N TRP A 91 27.10 -9.75 -6.58
CA TRP A 91 26.38 -8.85 -5.69
C TRP A 91 25.32 -8.14 -6.50
N LEU A 92 24.41 -7.46 -5.81
CA LEU A 92 23.27 -6.84 -6.44
C LEU A 92 23.43 -5.34 -6.52
N PRO A 93 24.02 -4.81 -7.60
CA PRO A 93 24.03 -3.36 -7.78
C PRO A 93 22.63 -2.84 -8.09
N ILE A 94 22.46 -1.54 -7.90
CA ILE A 94 21.18 -0.91 -8.16
C ILE A 94 20.74 -1.16 -9.59
N SER A 95 21.70 -1.23 -10.52
CA SER A 95 21.35 -1.55 -11.90
C SER A 95 20.77 -2.96 -12.01
N ALA A 96 21.35 -3.91 -11.27
CA ALA A 96 20.80 -5.27 -11.27
C ALA A 96 19.39 -5.30 -10.73
N MET A 97 19.15 -4.58 -9.63
CA MET A 97 17.80 -4.52 -9.08
C MET A 97 16.82 -3.93 -10.08
N ASN A 98 17.22 -2.84 -10.74
CA ASN A 98 16.33 -2.21 -11.71
C ASN A 98 16.07 -3.14 -12.89
N LYS A 99 17.08 -3.87 -13.32
CA LYS A 99 16.88 -4.80 -14.44
C LYS A 99 15.93 -5.93 -14.06
N VAL A 100 16.05 -6.46 -12.85
CA VAL A 100 15.11 -7.48 -12.41
C VAL A 100 13.70 -6.91 -12.35
N ALA A 101 13.55 -5.71 -11.79
CA ALA A 101 12.24 -5.10 -11.73
C ALA A 101 11.65 -4.90 -13.12
N GLU A 102 12.48 -4.48 -14.07
CA GLU A 102 11.99 -4.25 -15.42
C GLU A 102 11.57 -5.57 -16.08
N VAL A 103 12.42 -6.60 -15.99
CA VAL A 103 12.12 -7.84 -16.70
C VAL A 103 10.92 -8.54 -16.09
N LEU A 104 10.69 -8.39 -14.78
CA LEU A 104 9.51 -8.97 -14.15
C LEU A 104 8.31 -8.03 -14.15
N GLN A 105 8.48 -6.78 -14.59
CA GLN A 105 7.38 -5.83 -14.68
C GLN A 105 6.77 -5.56 -13.32
N VAL A 106 7.63 -5.22 -12.36
CA VAL A 106 7.17 -4.81 -11.03
C VAL A 106 7.82 -3.47 -10.72
N PRO A 107 7.22 -2.63 -9.88
CA PRO A 107 7.86 -1.36 -9.53
C PRO A 107 9.22 -1.61 -8.89
N PRO A 108 10.22 -0.77 -9.18
CA PRO A 108 11.55 -1.03 -8.62
C PRO A 108 11.58 -1.07 -7.11
N MET A 109 10.65 -0.37 -6.45
CA MET A 109 10.63 -0.42 -4.99
C MET A 109 10.24 -1.80 -4.49
N ARG A 110 9.42 -2.53 -5.25
CA ARG A 110 9.10 -3.90 -4.86
C ARG A 110 10.32 -4.81 -4.90
N VAL A 111 11.35 -4.44 -5.65
CA VAL A 111 12.59 -5.21 -5.66
C VAL A 111 13.56 -4.69 -4.61
N TYR A 112 13.59 -3.38 -4.40
CA TYR A 112 14.43 -2.83 -3.34
C TYR A 112 14.01 -3.38 -1.99
N GLU A 113 12.71 -3.47 -1.75
CA GLU A 113 12.22 -4.02 -0.49
C GLU A 113 12.73 -5.44 -0.28
N VAL A 114 12.62 -6.27 -1.32
CA VAL A 114 13.05 -7.65 -1.20
C VAL A 114 14.55 -7.73 -0.93
N ALA A 115 15.33 -6.97 -1.71
CA ALA A 115 16.78 -7.05 -1.58
C ALA A 115 17.24 -6.61 -0.21
N THR A 116 16.60 -5.57 0.36
CA THR A 116 16.98 -5.12 1.69
C THR A 116 16.44 -6.05 2.77
N PHE A 117 15.29 -6.68 2.54
CA PHE A 117 14.68 -7.50 3.58
C PHE A 117 15.43 -8.81 3.76
N TYR A 118 15.85 -9.44 2.67
CA TYR A 118 16.47 -10.75 2.75
C TYR A 118 17.98 -10.63 2.88
N THR A 119 18.58 -11.54 3.66
CA THR A 119 19.96 -11.39 4.07
C THR A 119 20.97 -12.12 3.18
N MET A 120 20.54 -13.08 2.37
CA MET A 120 21.47 -13.69 1.43
C MET A 120 21.69 -12.86 0.19
N TYR A 121 21.05 -11.71 0.08
CA TYR A 121 21.25 -10.81 -1.04
C TYR A 121 22.35 -9.83 -0.70
N ASN A 122 23.42 -9.82 -1.48
CA ASN A 122 24.60 -9.02 -1.21
C ASN A 122 24.49 -7.70 -1.97
N ARG A 123 24.27 -6.62 -1.24
CA ARG A 123 24.14 -5.30 -1.84
C ARG A 123 25.47 -4.55 -1.88
N LYS A 124 26.54 -5.16 -1.40
CA LYS A 124 27.90 -4.64 -1.54
C LYS A 124 28.79 -5.76 -2.05
N PRO A 125 29.84 -5.43 -2.80
CA PRO A 125 30.67 -6.49 -3.38
C PRO A 125 31.25 -7.39 -2.30
N VAL A 126 31.29 -8.68 -2.59
CA VAL A 126 31.71 -9.70 -1.64
C VAL A 126 32.90 -10.45 -2.24
N GLY A 127 33.75 -10.97 -1.36
CA GLY A 127 34.92 -11.71 -1.80
C GLY A 127 34.54 -12.91 -2.65
N LYS A 128 35.57 -13.54 -3.21
CA LYS A 128 35.34 -14.71 -4.04
C LYS A 128 34.69 -15.82 -3.24
N TYR A 129 35.16 -16.07 -2.03
CA TYR A 129 34.57 -17.05 -1.12
C TYR A 129 33.98 -16.30 0.07
N HIS A 130 32.69 -16.50 0.31
CA HIS A 130 31.97 -15.83 1.38
C HIS A 130 31.88 -16.79 2.56
N ILE A 131 32.68 -16.53 3.58
CA ILE A 131 32.69 -17.36 4.79
C ILE A 131 31.62 -16.84 5.74
N GLN A 132 30.82 -17.77 6.27
CA GLN A 132 29.71 -17.42 7.16
C GLN A 132 29.75 -18.37 8.35
N VAL A 133 30.24 -17.87 9.49
CA VAL A 133 30.38 -18.67 10.70
C VAL A 133 29.11 -18.52 11.51
N CYS A 134 28.44 -19.65 11.78
CA CYS A 134 27.26 -19.62 12.63
C CYS A 134 27.66 -19.35 14.07
N THR A 135 26.87 -18.53 14.77
CA THR A 135 27.19 -18.12 16.12
C THR A 135 26.05 -18.28 17.11
N THR A 136 24.89 -18.77 16.69
CA THR A 136 23.78 -18.93 17.59
C THR A 136 24.16 -19.90 18.72
N THR A 137 23.32 -19.94 19.76
CA THR A 137 23.67 -20.65 20.99
C THR A 137 24.06 -22.10 20.79
N PRO A 138 23.36 -22.90 19.98
CA PRO A 138 23.78 -24.31 19.84
C PRO A 138 25.20 -24.47 19.34
N CYS A 139 25.68 -23.57 18.49
CA CYS A 139 27.08 -23.63 18.05
C CYS A 139 28.01 -22.98 19.05
N MET A 140 27.61 -21.84 19.60
CA MET A 140 28.44 -21.18 20.60
C MET A 140 28.76 -22.13 21.75
N LEU A 141 27.80 -22.98 22.12
CA LEU A 141 28.05 -23.97 23.14
C LEU A 141 29.10 -24.98 22.71
N ARG A 142 29.24 -25.22 21.41
CA ARG A 142 30.27 -26.10 20.88
C ARG A 142 31.43 -25.31 20.29
N ASP A 143 31.63 -24.08 20.76
CA ASP A 143 32.89 -23.36 20.57
C ASP A 143 33.02 -22.80 19.15
N SER A 144 31.97 -22.11 18.70
CA SER A 144 32.09 -21.34 17.47
C SER A 144 32.96 -20.11 17.65
N ASP A 145 33.11 -19.62 18.89
CA ASP A 145 33.96 -18.46 19.12
C ASP A 145 35.40 -18.74 18.72
N SER A 146 35.90 -19.93 19.06
CA SER A 146 37.26 -20.29 18.67
C SER A 146 37.39 -20.35 17.15
N ILE A 147 36.38 -20.88 16.47
CA ILE A 147 36.44 -20.94 15.01
C ILE A 147 36.48 -19.53 14.42
N LEU A 148 35.64 -18.64 14.94
CA LEU A 148 35.64 -17.27 14.44
C LEU A 148 36.98 -16.59 14.71
N GLU A 149 37.52 -16.77 15.91
CA GLU A 149 38.80 -16.16 16.25
C GLU A 149 39.90 -16.68 15.34
N THR A 150 39.96 -18.00 15.13
CA THR A 150 40.98 -18.56 14.27
C THR A 150 40.84 -18.06 12.85
N LEU A 151 39.61 -18.00 12.33
CA LEU A 151 39.41 -17.53 10.96
C LEU A 151 39.89 -16.09 10.81
N GLN A 152 39.47 -15.21 11.72
CA GLN A 152 39.87 -13.81 11.59
C GLN A 152 41.38 -13.65 11.77
N ARG A 153 41.97 -14.40 12.69
CA ARG A 153 43.41 -14.33 12.87
C ARG A 153 44.15 -14.79 11.63
N LYS A 154 43.70 -15.88 11.01
CA LYS A 154 44.37 -16.39 9.83
C LYS A 154 44.23 -15.44 8.65
N LEU A 155 43.04 -14.90 8.43
CA LEU A 155 42.80 -14.03 7.29
C LEU A 155 43.23 -12.59 7.54
N GLY A 156 43.64 -12.26 8.76
CA GLY A 156 44.09 -10.90 9.04
C GLY A 156 43.02 -9.86 8.79
N ILE A 157 41.78 -10.16 9.15
CA ILE A 157 40.65 -9.26 8.97
C ILE A 157 39.76 -9.35 10.20
N LYS A 158 38.83 -8.41 10.30
CA LYS A 158 37.83 -8.39 11.34
C LYS A 158 36.49 -8.80 10.76
N VAL A 159 35.66 -9.45 11.58
CA VAL A 159 34.37 -9.95 11.15
C VAL A 159 33.65 -8.87 10.36
N GLY A 160 33.30 -9.16 9.12
CA GLY A 160 32.60 -8.23 8.26
C GLY A 160 33.46 -7.52 7.24
N GLU A 161 34.74 -7.86 7.13
CA GLU A 161 35.67 -7.19 6.23
C GLU A 161 36.15 -8.16 5.17
N THR A 162 36.55 -7.60 4.02
CA THR A 162 37.03 -8.37 2.89
C THR A 162 38.55 -8.40 2.87
N THR A 163 39.10 -9.54 2.49
CA THR A 163 40.54 -9.66 2.37
C THR A 163 41.03 -8.71 1.28
N PRO A 164 42.21 -8.09 1.44
CA PRO A 164 42.68 -7.17 0.40
C PRO A 164 42.78 -7.80 -0.97
N ASP A 165 42.99 -9.11 -1.04
CA ASP A 165 43.00 -9.81 -2.31
C ASP A 165 41.61 -9.90 -2.93
N LYS A 166 40.56 -9.54 -2.20
CA LYS A 166 39.19 -9.75 -2.64
C LYS A 166 38.92 -11.23 -2.86
N LEU A 167 39.32 -12.03 -1.86
CA LEU A 167 39.16 -13.47 -1.91
C LEU A 167 38.29 -14.03 -0.80
N PHE A 168 38.16 -13.35 0.33
CA PHE A 168 37.42 -13.88 1.46
C PHE A 168 36.65 -12.76 2.13
N THR A 169 35.47 -13.10 2.65
CA THR A 169 34.65 -12.18 3.40
C THR A 169 34.06 -12.95 4.57
N LEU A 170 34.33 -12.48 5.79
CA LEU A 170 33.91 -13.15 7.01
C LEU A 170 32.75 -12.40 7.63
N ILE A 171 31.65 -13.09 7.88
CA ILE A 171 30.51 -12.52 8.59
C ILE A 171 29.97 -13.53 9.59
N GLU A 172 29.18 -13.03 10.52
CA GLU A 172 28.53 -13.85 11.54
C GLU A 172 27.06 -14.04 11.15
N VAL A 173 26.62 -15.29 11.15
CA VAL A 173 25.27 -15.64 10.70
C VAL A 173 24.57 -16.40 11.80
N GLU A 174 23.24 -16.35 11.77
CA GLU A 174 22.41 -17.07 12.73
C GLU A 174 22.41 -18.56 12.42
N CYS A 175 21.46 -19.31 12.95
CA CYS A 175 21.44 -20.75 12.70
C CYS A 175 21.37 -21.00 11.21
N LEU A 176 22.19 -21.93 10.74
CA LEU A 176 22.22 -22.32 9.34
C LEU A 176 21.69 -23.73 9.14
N GLY A 177 20.86 -24.21 10.04
CA GLY A 177 20.52 -25.62 10.06
C GLY A 177 21.76 -26.42 10.42
N ALA A 178 21.62 -27.71 10.62
CA ALA A 178 22.76 -28.55 10.97
C ALA A 178 23.39 -28.09 12.29
N CYS A 179 22.56 -27.98 13.32
CA CYS A 179 23.05 -27.59 14.63
C CYS A 179 23.68 -28.75 15.38
N VAL A 180 23.56 -29.97 14.87
CA VAL A 180 24.20 -31.12 15.52
C VAL A 180 25.65 -31.30 15.07
N ASN A 181 26.01 -30.76 13.91
CA ASN A 181 27.39 -30.78 13.43
C ASN A 181 28.13 -29.51 13.80
N ALA A 182 27.87 -28.96 14.96
CA ALA A 182 28.50 -27.71 15.35
C ALA A 182 29.88 -27.96 15.94
N PRO A 183 30.80 -26.98 15.83
CA PRO A 183 30.67 -25.67 15.20
C PRO A 183 30.68 -25.80 13.68
N MET A 184 30.19 -24.80 12.95
CA MET A 184 29.91 -24.97 11.54
C MET A 184 30.08 -23.64 10.82
N VAL A 185 30.47 -23.71 9.55
CA VAL A 185 30.60 -22.53 8.69
C VAL A 185 30.06 -22.87 7.32
N GLN A 186 29.80 -21.82 6.53
CA GLN A 186 29.34 -21.95 5.16
C GLN A 186 30.22 -21.11 4.26
N ILE A 187 30.79 -21.74 3.24
CA ILE A 187 31.54 -21.05 2.20
C ILE A 187 30.71 -21.11 0.93
N ASN A 188 30.17 -19.97 0.52
CA ASN A 188 29.28 -19.92 -0.63
C ASN A 188 28.08 -20.83 -0.40
N ASP A 189 27.98 -21.93 -1.16
CA ASP A 189 26.83 -22.82 -1.09
C ASP A 189 27.13 -24.14 -0.42
N ASN A 190 28.26 -24.26 0.28
CA ASN A 190 28.66 -25.51 0.91
C ASN A 190 28.70 -25.36 2.42
N TYR A 191 28.45 -26.46 3.12
CA TYR A 191 28.54 -26.54 4.56
C TYR A 191 29.79 -27.31 4.94
N TYR A 192 30.65 -26.69 5.74
CA TYR A 192 31.75 -27.37 6.41
C TYR A 192 31.47 -27.33 7.89
N GLU A 193 31.40 -28.49 8.52
CA GLU A 193 30.79 -28.61 9.83
C GLU A 193 31.56 -29.62 10.67
N ASP A 194 31.21 -29.68 11.95
CA ASP A 194 31.98 -30.42 12.95
C ASP A 194 33.41 -29.89 13.02
N LEU A 195 33.57 -28.60 12.79
CA LEU A 195 34.88 -28.01 12.57
C LEU A 195 35.67 -27.85 13.86
N THR A 196 36.98 -27.69 13.70
CA THR A 196 37.91 -27.38 14.77
C THR A 196 38.84 -26.29 14.25
N PRO A 197 39.61 -25.61 15.09
CA PRO A 197 40.51 -24.58 14.56
C PRO A 197 41.45 -25.11 13.49
N LYS A 198 42.01 -26.30 13.71
CA LYS A 198 42.91 -26.87 12.72
C LYS A 198 42.19 -27.13 11.42
N ASP A 199 40.99 -27.70 11.49
CA ASP A 199 40.24 -28.02 10.29
C ASP A 199 39.86 -26.77 9.52
N ILE A 200 39.42 -25.72 10.23
CA ILE A 200 39.01 -24.51 9.53
C ILE A 200 40.22 -23.87 8.86
N GLU A 201 41.36 -23.80 9.55
CA GLU A 201 42.52 -23.21 8.88
C GLU A 201 43.02 -24.08 7.73
N GLU A 202 42.79 -25.40 7.80
CA GLU A 202 43.20 -26.26 6.70
C GLU A 202 42.32 -26.09 5.46
N ILE A 203 41.00 -26.03 5.66
CA ILE A 203 40.12 -25.81 4.52
C ILE A 203 40.20 -24.38 4.03
N ILE A 204 40.74 -23.46 4.84
CA ILE A 204 41.04 -22.14 4.33
C ILE A 204 42.35 -22.13 3.56
N ASP A 205 43.30 -22.99 3.93
CA ASP A 205 44.52 -23.11 3.14
C ASP A 205 44.21 -23.65 1.75
N GLU A 206 43.32 -24.64 1.67
CA GLU A 206 42.99 -25.18 0.36
C GLU A 206 42.36 -24.11 -0.54
N LEU A 207 41.41 -23.34 0.00
CA LEU A 207 40.82 -22.27 -0.80
C LEU A 207 41.87 -21.22 -1.17
N LYS A 208 42.74 -20.88 -0.23
CA LYS A 208 43.80 -19.91 -0.52
C LYS A 208 44.61 -20.35 -1.73
N ALA A 209 45.05 -21.61 -1.74
CA ALA A 209 45.84 -22.12 -2.85
C ALA A 209 44.94 -22.43 -4.04
N GLY A 210 44.38 -23.63 -4.07
CA GLY A 210 43.54 -24.05 -5.17
C GLY A 210 42.65 -25.18 -4.72
N LYS A 211 41.81 -25.64 -5.64
CA LYS A 211 40.87 -26.72 -5.34
C LYS A 211 39.84 -26.24 -4.33
N VAL A 212 38.77 -27.00 -4.16
CA VAL A 212 37.72 -26.69 -3.21
C VAL A 212 37.61 -27.86 -2.23
N PRO A 213 37.71 -27.63 -0.93
CA PRO A 213 37.62 -28.75 0.02
C PRO A 213 36.26 -29.42 -0.06
N LYS A 214 36.25 -30.73 0.08
CA LYS A 214 35.00 -31.47 0.00
C LYS A 214 34.09 -31.06 1.16
N PRO A 215 32.82 -30.74 0.89
CA PRO A 215 31.94 -30.31 1.98
C PRO A 215 31.58 -31.47 2.89
N GLY A 216 30.86 -31.14 3.96
CA GLY A 216 30.43 -32.11 4.92
C GLY A 216 31.27 -32.10 6.18
N PRO A 217 30.88 -32.89 7.18
CA PRO A 217 31.63 -32.90 8.44
C PRO A 217 33.07 -33.34 8.23
N ARG A 218 33.95 -32.80 9.07
CA ARG A 218 35.37 -33.16 9.06
C ARG A 218 35.77 -33.89 10.34
N SER A 219 34.81 -34.45 11.07
CA SER A 219 35.07 -35.14 12.32
C SER A 219 35.12 -36.65 12.15
N GLY A 220 35.02 -37.15 10.92
CA GLY A 220 35.05 -38.58 10.67
C GLY A 220 33.70 -39.26 10.66
N ARG A 221 32.64 -38.56 11.05
CA ARG A 221 31.28 -39.08 10.98
C ARG A 221 30.57 -38.40 9.82
N PHE A 222 29.88 -39.21 9.00
CA PHE A 222 29.43 -38.74 7.70
C PHE A 222 28.48 -37.55 7.83
N CYS A 223 27.44 -37.69 8.66
CA CYS A 223 26.48 -36.61 8.83
C CYS A 223 25.36 -36.94 9.81
N CYS A 224 25.21 -36.12 10.84
CA CYS A 224 24.07 -36.14 11.76
C CYS A 224 23.98 -37.44 12.57
N GLU A 225 24.81 -38.43 12.26
CA GLU A 225 24.75 -39.69 12.98
C GLU A 225 25.51 -39.58 14.30
N PRO A 226 25.21 -40.45 15.26
CA PRO A 226 26.00 -40.46 16.49
C PRO A 226 27.46 -40.75 16.18
N ALA A 227 28.35 -40.02 16.87
CA ALA A 227 29.77 -40.12 16.55
C ALA A 227 30.33 -41.48 16.93
N GLY A 228 30.05 -41.94 18.15
CA GLY A 228 30.63 -43.18 18.62
C GLY A 228 30.23 -44.37 17.75
N GLY A 229 28.96 -44.44 17.38
CA GLY A 229 28.47 -45.53 16.57
C GLY A 229 26.96 -45.51 16.47
N LEU A 230 26.42 -46.18 15.45
CA LEU A 230 24.98 -46.12 15.23
C LEU A 230 24.23 -46.69 16.43
N THR A 231 23.08 -46.08 16.73
CA THR A 231 22.23 -46.52 17.83
C THR A 231 20.76 -46.58 17.40
N SER A 232 20.50 -46.77 16.11
CA SER A 232 19.13 -46.73 15.60
C SER A 232 18.97 -47.63 14.38
N LEU A 233 19.13 -47.07 13.19
CA LEU A 233 18.90 -47.80 11.94
C LEU A 233 20.13 -48.65 11.64
N THR A 234 20.32 -49.68 12.46
CA THR A 234 21.50 -50.53 12.40
C THR A 234 21.21 -51.90 11.83
N GLU A 235 20.03 -52.11 11.26
CA GLU A 235 19.66 -53.37 10.64
C GLU A 235 19.02 -53.08 9.29
N PRO A 236 19.02 -54.06 8.38
CA PRO A 236 18.57 -53.79 7.01
C PRO A 236 17.15 -53.26 6.98
N PRO A 237 16.86 -52.27 6.14
CA PRO A 237 15.48 -51.79 6.03
C PRO A 237 14.56 -52.85 5.43
N LYS A 238 13.29 -52.77 5.81
CA LYS A 238 12.34 -53.82 5.46
C LYS A 238 11.84 -53.65 4.03
N GLY A 239 11.29 -54.74 3.50
CA GLY A 239 10.92 -54.82 2.11
C GLY A 239 9.89 -53.78 1.69
N PRO A 240 9.53 -53.79 0.40
CA PRO A 240 8.58 -52.77 -0.08
C PRO A 240 7.21 -52.82 0.60
N GLY A 241 6.70 -54.00 0.92
CA GLY A 241 5.35 -54.11 1.40
C GLY A 241 5.24 -54.51 2.86
N PHE A 242 6.22 -54.15 3.67
CA PHE A 242 6.27 -54.58 5.06
C PHE A 242 5.32 -53.73 5.90
N GLY A 243 4.32 -54.38 6.49
CA GLY A 243 3.43 -53.73 7.44
C GLY A 243 2.18 -53.12 6.86
N VAL A 244 1.93 -53.30 5.56
CA VAL A 244 0.77 -52.67 4.94
C VAL A 244 -0.51 -53.20 5.58
N GLN A 245 -1.53 -52.36 5.63
CA GLN A 245 -2.84 -52.74 6.16
C GLN A 245 -3.38 -53.98 5.46
N LYS B 29 1.65 -49.06 26.56
CA LYS B 29 0.72 -48.51 27.54
C LYS B 29 1.41 -47.44 28.37
N THR B 30 2.43 -47.85 29.12
CA THR B 30 3.22 -46.95 29.93
C THR B 30 4.69 -47.29 29.75
N SER B 31 5.54 -46.29 29.98
CA SER B 31 6.97 -46.43 29.74
C SER B 31 7.22 -46.50 28.24
N PHE B 32 7.75 -45.42 27.66
CA PHE B 32 7.88 -45.27 26.23
C PHE B 32 9.35 -45.18 25.85
N GLY B 33 9.62 -45.47 24.58
CA GLY B 33 10.96 -45.46 24.03
C GLY B 33 11.32 -46.83 23.49
N SER B 34 12.59 -46.97 23.12
CA SER B 34 13.11 -48.23 22.59
C SER B 34 12.36 -48.63 21.32
N LEU B 35 12.13 -47.65 20.45
CA LEU B 35 11.45 -47.91 19.20
C LEU B 35 12.24 -48.87 18.34
N LYS B 36 11.57 -49.92 17.85
CA LYS B 36 12.22 -50.89 16.99
C LYS B 36 12.36 -50.34 15.59
N ASP B 37 13.45 -50.72 14.92
CA ASP B 37 13.70 -50.24 13.57
C ASP B 37 12.63 -50.69 12.60
N GLU B 38 11.83 -51.68 12.97
CA GLU B 38 10.68 -52.05 12.14
C GLU B 38 9.69 -50.90 12.04
N ASP B 39 9.62 -50.06 13.08
CA ASP B 39 8.60 -49.03 13.18
C ASP B 39 9.12 -47.64 12.84
N ARG B 40 10.39 -47.49 12.51
CA ARG B 40 10.94 -46.19 12.18
C ARG B 40 10.52 -45.80 10.77
N ILE B 41 9.86 -44.65 10.65
CA ILE B 41 9.36 -44.22 9.34
C ILE B 41 10.52 -43.86 8.43
N PHE B 42 11.46 -43.06 8.93
CA PHE B 42 12.59 -42.59 8.13
C PHE B 42 13.71 -43.62 8.23
N THR B 43 13.83 -44.46 7.21
CA THR B 43 14.75 -45.59 7.21
C THR B 43 16.05 -45.27 6.49
N ASN B 44 16.27 -44.02 6.11
CA ASN B 44 17.53 -43.59 5.50
C ASN B 44 18.04 -42.31 6.16
N LEU B 45 17.65 -42.09 7.42
CA LEU B 45 17.96 -40.83 8.07
C LEU B 45 19.45 -40.52 8.04
N TYR B 46 20.29 -41.55 8.06
CA TYR B 46 21.73 -41.37 8.16
C TYR B 46 22.44 -41.41 6.82
N GLY B 47 21.70 -41.59 5.72
CA GLY B 47 22.24 -41.37 4.40
C GLY B 47 23.07 -42.50 3.83
N ARG B 48 23.27 -43.59 4.55
CA ARG B 48 24.05 -44.70 4.04
C ARG B 48 23.21 -45.70 3.25
N HIS B 49 22.10 -45.26 2.70
CA HIS B 49 21.32 -46.03 1.73
C HIS B 49 20.96 -45.10 0.58
N ASP B 50 20.91 -45.63 -0.63
CA ASP B 50 20.68 -44.79 -1.79
C ASP B 50 19.40 -44.00 -1.61
N TRP B 51 19.49 -42.69 -1.86
CA TRP B 51 18.37 -41.79 -1.65
C TRP B 51 17.55 -41.55 -2.91
N ARG B 52 18.02 -42.01 -4.06
CA ARG B 52 17.30 -41.82 -5.31
C ARG B 52 16.16 -42.82 -5.41
N LEU B 53 15.36 -42.69 -6.47
CA LEU B 53 14.18 -43.55 -6.61
C LEU B 53 14.56 -45.02 -6.53
N LYS B 54 15.73 -45.38 -7.07
CA LYS B 54 16.13 -46.78 -7.09
C LYS B 54 16.16 -47.36 -5.68
N GLY B 55 16.78 -46.64 -4.74
CA GLY B 55 16.82 -47.11 -3.36
C GLY B 55 15.55 -46.85 -2.59
N ALA B 56 14.83 -45.78 -2.93
CA ALA B 56 13.58 -45.48 -2.25
C ALA B 56 12.56 -46.59 -2.48
N LEU B 57 12.46 -47.09 -3.71
CA LEU B 57 11.56 -48.20 -3.97
C LEU B 57 11.96 -49.43 -3.17
N ARG B 58 13.25 -49.71 -3.09
CA ARG B 58 13.71 -50.85 -2.30
C ARG B 58 13.32 -50.68 -0.84
N ARG B 59 13.39 -49.46 -0.32
CA ARG B 59 13.05 -49.23 1.08
C ARG B 59 11.56 -49.08 1.33
N GLY B 60 10.75 -49.01 0.28
CA GLY B 60 9.32 -49.12 0.43
C GLY B 60 8.49 -47.90 0.06
N ASP B 61 9.11 -46.87 -0.50
CA ASP B 61 8.35 -45.71 -0.93
C ASP B 61 7.62 -46.01 -2.24
N TRP B 62 6.61 -45.20 -2.53
CA TRP B 62 5.84 -45.32 -3.76
C TRP B 62 5.27 -46.73 -3.93
N TYR B 63 4.78 -47.31 -2.83
CA TYR B 63 4.16 -48.63 -2.85
C TYR B 63 2.68 -48.49 -2.61
N LYS B 64 1.87 -49.01 -3.53
CA LYS B 64 0.42 -48.91 -3.46
C LYS B 64 -0.07 -47.47 -3.44
N THR B 65 0.74 -46.54 -3.96
CA THR B 65 0.32 -45.15 -3.98
C THR B 65 -0.92 -44.95 -4.84
N LYS B 66 -1.01 -45.69 -5.94
CA LYS B 66 -2.21 -45.61 -6.78
C LYS B 66 -3.45 -46.02 -5.98
N GLU B 67 -3.34 -47.11 -5.21
CA GLU B 67 -4.47 -47.54 -4.40
C GLU B 67 -4.81 -46.49 -3.35
N ILE B 68 -3.80 -45.93 -2.70
CA ILE B 68 -4.05 -44.90 -1.69
C ILE B 68 -4.77 -43.72 -2.32
N LEU B 69 -4.33 -43.31 -3.51
CA LEU B 69 -4.93 -42.16 -4.17
C LEU B 69 -6.37 -42.45 -4.57
N LEU B 70 -6.63 -43.66 -5.08
CA LEU B 70 -7.98 -43.99 -5.52
C LEU B 70 -8.92 -44.30 -4.37
N LYS B 71 -8.39 -44.54 -3.17
CA LYS B 71 -9.27 -44.72 -2.02
C LYS B 71 -9.95 -43.43 -1.59
N GLY B 72 -9.57 -42.29 -2.16
CA GLY B 72 -10.28 -41.06 -1.96
C GLY B 72 -9.61 -40.12 -0.99
N PRO B 73 -10.13 -38.90 -0.89
CA PRO B 73 -9.57 -37.94 0.08
C PRO B 73 -10.17 -38.10 1.47
N ASP B 74 -11.44 -38.49 1.53
CA ASP B 74 -12.08 -38.69 2.83
C ASP B 74 -11.40 -39.81 3.60
N TRP B 75 -11.07 -40.92 2.92
CA TRP B 75 -10.39 -42.01 3.59
C TRP B 75 -9.02 -41.58 4.10
N ILE B 76 -8.28 -40.83 3.30
CA ILE B 76 -6.96 -40.36 3.72
C ILE B 76 -7.08 -39.45 4.93
N LEU B 77 -8.02 -38.51 4.89
CA LEU B 77 -8.21 -37.61 6.02
C LEU B 77 -8.61 -38.37 7.26
N GLY B 78 -9.47 -39.39 7.11
CA GLY B 78 -9.84 -40.20 8.25
C GLY B 78 -8.66 -40.94 8.83
N GLU B 79 -7.78 -41.46 7.97
CA GLU B 79 -6.58 -42.14 8.46
C GLU B 79 -5.71 -41.17 9.24
N MET B 80 -5.48 -39.98 8.69
CA MET B 80 -4.64 -39.01 9.38
C MET B 80 -5.25 -38.60 10.71
N LYS B 81 -6.58 -38.45 10.75
CA LYS B 81 -7.25 -38.12 12.01
C LYS B 81 -7.06 -39.22 13.03
N THR B 82 -7.39 -40.46 12.66
CA THR B 82 -7.33 -41.56 13.60
C THR B 82 -5.90 -41.90 14.01
N SER B 83 -4.91 -41.44 13.23
CA SER B 83 -3.53 -41.63 13.65
C SER B 83 -3.14 -40.73 14.81
N GLY B 84 -3.81 -39.59 14.95
CA GLY B 84 -3.48 -38.66 16.00
C GLY B 84 -2.30 -37.78 15.71
N LEU B 85 -1.78 -37.80 14.49
CA LEU B 85 -0.62 -37.00 14.14
C LEU B 85 -0.89 -35.52 14.40
N ARG B 86 0.03 -34.88 15.11
CA ARG B 86 -0.04 -33.45 15.40
C ARG B 86 1.10 -32.73 14.68
N GLY B 87 0.81 -31.52 14.21
CA GLY B 87 1.76 -30.76 13.43
C GLY B 87 3.17 -30.81 13.99
N ARG B 88 4.11 -31.28 13.19
CA ARG B 88 5.49 -31.46 13.64
C ARG B 88 6.32 -30.19 13.52
N GLY B 89 5.76 -29.10 12.99
CA GLY B 89 6.46 -27.85 12.97
C GLY B 89 6.54 -27.25 14.36
N GLY B 90 6.37 -25.93 14.46
CA GLY B 90 6.40 -25.29 15.75
C GLY B 90 5.32 -25.79 16.69
N ALA B 91 4.09 -25.31 16.49
CA ALA B 91 2.97 -25.66 17.36
C ALA B 91 2.28 -26.91 16.87
N GLY B 92 1.92 -27.78 17.79
CA GLY B 92 1.30 -29.05 17.44
C GLY B 92 -0.21 -28.94 17.34
N PHE B 93 -0.70 -28.83 16.10
CA PHE B 93 -2.11 -28.76 15.80
C PHE B 93 -2.53 -30.01 15.05
N PRO B 94 -3.55 -30.75 15.51
CA PRO B 94 -3.92 -32.01 14.85
C PRO B 94 -3.90 -31.94 13.33
N THR B 95 -3.07 -32.79 12.72
CA THR B 95 -2.85 -32.73 11.29
C THR B 95 -4.12 -33.04 10.51
N GLY B 96 -4.86 -34.06 10.93
CA GLY B 96 -6.08 -34.40 10.22
C GLY B 96 -7.07 -33.25 10.22
N LEU B 97 -7.30 -32.65 11.38
CA LEU B 97 -8.20 -31.50 11.45
C LEU B 97 -7.69 -30.36 10.59
N LYS B 98 -6.40 -30.07 10.66
CA LYS B 98 -5.87 -28.94 9.90
C LYS B 98 -6.03 -29.17 8.40
N TRP B 99 -5.78 -30.39 7.93
CA TRP B 99 -5.90 -30.68 6.51
C TRP B 99 -7.34 -30.80 6.06
N SER B 100 -8.27 -31.07 6.98
CA SER B 100 -9.67 -31.20 6.59
C SER B 100 -10.30 -29.86 6.23
N PHE B 101 -9.72 -28.74 6.68
CA PHE B 101 -10.30 -27.45 6.35
C PHE B 101 -10.34 -27.21 4.85
N MET B 102 -9.50 -27.88 4.08
CA MET B 102 -9.49 -27.73 2.63
C MET B 102 -10.32 -28.82 1.95
N ASN B 103 -10.97 -29.70 2.70
CA ASN B 103 -11.83 -30.72 2.12
C ASN B 103 -13.21 -30.18 1.78
N LYS B 104 -13.46 -28.88 1.99
CA LYS B 104 -14.74 -28.30 1.70
C LYS B 104 -15.03 -28.35 0.20
N PRO B 105 -16.30 -28.26 -0.18
CA PRO B 105 -16.63 -28.32 -1.61
C PRO B 105 -15.92 -27.24 -2.39
N SER B 106 -15.56 -27.57 -3.64
CA SER B 106 -14.77 -26.67 -4.45
C SER B 106 -15.47 -25.33 -4.65
N ASP B 107 -14.67 -24.26 -4.61
CA ASP B 107 -15.15 -22.91 -4.85
C ASP B 107 -14.80 -22.40 -6.24
N GLY B 108 -14.23 -23.25 -7.09
CA GLY B 108 -13.81 -22.84 -8.41
C GLY B 108 -12.40 -22.29 -8.48
N ARG B 109 -11.69 -22.19 -7.35
CA ARG B 109 -10.31 -21.72 -7.35
C ARG B 109 -9.36 -22.89 -7.13
N PRO B 110 -8.12 -22.78 -7.60
CA PRO B 110 -7.15 -23.85 -7.36
C PRO B 110 -6.80 -23.95 -5.89
N LYS B 111 -6.43 -25.17 -5.48
CA LYS B 111 -5.97 -25.44 -4.13
C LYS B 111 -4.51 -25.83 -4.16
N TYR B 112 -3.74 -25.31 -3.21
CA TYR B 112 -2.30 -25.55 -3.16
C TYR B 112 -1.92 -26.13 -1.80
N LEU B 113 -0.83 -26.90 -1.80
CA LEU B 113 -0.26 -27.46 -0.58
C LEU B 113 1.17 -26.94 -0.47
N VAL B 114 1.39 -26.00 0.41
CA VAL B 114 2.72 -25.43 0.61
C VAL B 114 3.42 -26.19 1.72
N VAL B 115 4.61 -26.68 1.42
CA VAL B 115 5.41 -27.43 2.38
C VAL B 115 6.41 -26.48 3.02
N ASN B 116 6.44 -26.46 4.35
CA ASN B 116 7.28 -25.52 5.09
C ASN B 116 8.60 -26.19 5.39
N ALA B 117 9.54 -26.06 4.46
CA ALA B 117 10.89 -26.62 4.61
C ALA B 117 11.91 -25.57 5.02
N ASP B 118 11.45 -24.42 5.52
CA ASP B 118 12.35 -23.36 5.97
C ASP B 118 12.70 -23.62 7.43
N GLU B 119 13.59 -24.60 7.64
CA GLU B 119 13.98 -25.00 8.98
C GLU B 119 14.87 -23.94 9.62
N GLY B 120 14.26 -22.94 10.23
CA GLY B 120 15.00 -21.81 10.75
C GLY B 120 15.19 -21.81 12.25
N GLU B 121 14.37 -22.58 12.97
CA GLU B 121 14.44 -22.61 14.42
C GLU B 121 15.84 -23.02 14.87
N PRO B 122 16.53 -22.23 15.68
CA PRO B 122 17.86 -22.66 16.15
C PRO B 122 17.78 -23.98 16.89
N GLY B 123 18.73 -24.86 16.59
CA GLY B 123 18.76 -26.17 17.17
C GLY B 123 18.08 -27.26 16.37
N THR B 124 17.39 -26.90 15.29
CA THR B 124 16.61 -27.85 14.50
C THR B 124 17.38 -28.19 13.22
N CYS B 125 17.50 -29.49 12.94
CA CYS B 125 18.10 -29.97 11.70
C CYS B 125 17.47 -31.22 11.11
N LYS B 126 16.24 -31.55 11.53
CA LYS B 126 15.57 -32.78 11.09
C LYS B 126 15.07 -32.67 9.65
N ASP B 127 14.52 -31.51 9.29
CA ASP B 127 14.01 -31.35 7.93
C ASP B 127 15.13 -31.47 6.92
N ARG B 128 16.32 -30.98 7.27
CA ARG B 128 17.47 -31.11 6.38
C ARG B 128 17.70 -32.56 6.00
N GLU B 129 17.70 -33.45 6.98
CA GLU B 129 17.93 -34.85 6.69
C GLU B 129 16.78 -35.45 5.90
N ILE B 130 15.54 -35.13 6.28
CA ILE B 130 14.42 -35.70 5.52
C ILE B 130 14.54 -35.31 4.04
N MET B 131 15.04 -34.12 3.76
CA MET B 131 15.11 -33.66 2.37
C MET B 131 16.35 -34.13 1.63
N ARG B 132 17.48 -34.32 2.31
CA ARG B 132 18.69 -34.69 1.59
C ARG B 132 18.94 -36.19 1.54
N HIS B 133 18.29 -36.97 2.41
CA HIS B 133 18.48 -38.42 2.42
C HIS B 133 17.24 -39.20 2.07
N ASP B 134 16.09 -38.56 1.98
CA ASP B 134 14.86 -39.28 1.69
C ASP B 134 13.89 -38.34 1.01
N PRO B 135 14.29 -37.68 -0.08
CA PRO B 135 13.35 -36.74 -0.72
C PRO B 135 12.09 -37.40 -1.21
N HIS B 136 12.16 -38.66 -1.60
CA HIS B 136 10.99 -39.30 -2.18
C HIS B 136 9.89 -39.49 -1.15
N LYS B 137 10.24 -39.64 0.13
CA LYS B 137 9.23 -39.64 1.17
C LYS B 137 8.46 -38.33 1.16
N LEU B 138 9.18 -37.21 1.10
CA LEU B 138 8.54 -35.91 1.07
C LEU B 138 7.70 -35.75 -0.19
N VAL B 139 8.19 -36.24 -1.32
CA VAL B 139 7.48 -36.07 -2.59
C VAL B 139 6.17 -36.87 -2.57
N GLU B 140 6.21 -38.12 -2.13
CA GLU B 140 5.00 -38.91 -2.05
C GLU B 140 4.04 -38.36 -1.01
N GLY B 141 4.57 -37.81 0.09
CA GLY B 141 3.72 -37.13 1.04
C GLY B 141 3.02 -35.95 0.40
N CYS B 142 3.75 -35.18 -0.41
CA CYS B 142 3.12 -34.09 -1.15
C CYS B 142 1.99 -34.61 -2.02
N LEU B 143 2.22 -35.72 -2.71
CA LEU B 143 1.20 -36.27 -3.59
C LEU B 143 -0.06 -36.65 -2.80
N VAL B 144 0.11 -37.44 -1.75
CA VAL B 144 -1.07 -37.93 -1.02
C VAL B 144 -1.77 -36.78 -0.31
N GLY B 145 -1.03 -35.89 0.32
CA GLY B 145 -1.65 -34.76 0.99
C GLY B 145 -2.36 -33.83 0.02
N GLY B 146 -1.77 -33.62 -1.16
CA GLY B 146 -2.44 -32.83 -2.16
C GLY B 146 -3.73 -33.47 -2.63
N ARG B 147 -3.72 -34.80 -2.80
CA ARG B 147 -4.96 -35.48 -3.13
C ARG B 147 -6.00 -35.28 -2.02
N ALA B 148 -5.57 -35.43 -0.77
CA ALA B 148 -6.51 -35.31 0.34
C ALA B 148 -7.12 -33.92 0.41
N MET B 149 -6.30 -32.89 0.19
CA MET B 149 -6.78 -31.51 0.23
C MET B 149 -7.43 -31.06 -1.07
N GLY B 150 -7.35 -31.85 -2.13
CA GLY B 150 -7.85 -31.42 -3.42
C GLY B 150 -6.94 -30.48 -4.17
N ALA B 151 -5.68 -30.35 -3.76
CA ALA B 151 -4.78 -29.40 -4.38
C ALA B 151 -4.30 -29.90 -5.74
N ARG B 152 -3.92 -28.96 -6.60
CA ARG B 152 -3.40 -29.27 -7.92
C ARG B 152 -1.89 -29.21 -7.99
N ALA B 153 -1.24 -28.47 -7.10
CA ALA B 153 0.21 -28.36 -7.07
C ALA B 153 0.66 -28.38 -5.62
N ALA B 154 1.96 -28.24 -5.41
CA ALA B 154 2.51 -28.23 -4.05
C ALA B 154 3.88 -27.54 -4.10
N TYR B 155 3.91 -26.27 -3.74
CA TYR B 155 5.16 -25.51 -3.71
C TYR B 155 5.92 -25.84 -2.43
N ILE B 156 7.15 -26.30 -2.57
CA ILE B 156 8.01 -26.60 -1.43
C ILE B 156 8.91 -25.39 -1.21
N TYR B 157 8.84 -24.81 -0.02
CA TYR B 157 9.63 -23.64 0.33
C TYR B 157 10.80 -24.09 1.19
N ILE B 158 12.01 -24.04 0.64
CA ILE B 158 13.21 -24.53 1.31
C ILE B 158 14.18 -23.37 1.45
N ARG B 159 14.84 -23.30 2.61
CA ARG B 159 15.82 -22.25 2.86
C ARG B 159 16.72 -22.05 1.66
N GLY B 160 17.23 -20.82 1.52
CA GLY B 160 18.23 -20.57 0.50
C GLY B 160 19.58 -21.17 0.86
N GLU B 161 19.87 -21.31 2.16
CA GLU B 161 21.12 -21.93 2.56
C GLU B 161 21.17 -23.39 2.13
N PHE B 162 20.05 -24.10 2.26
CA PHE B 162 19.98 -25.52 1.93
C PHE B 162 20.04 -25.72 0.42
N TYR B 163 21.11 -25.24 -0.21
CA TYR B 163 21.21 -25.36 -1.67
C TYR B 163 21.40 -26.80 -2.10
N ASN B 164 22.30 -27.52 -1.46
CA ASN B 164 22.52 -28.91 -1.84
C ASN B 164 21.31 -29.78 -1.53
N GLU B 165 20.59 -29.46 -0.47
CA GLU B 165 19.39 -30.21 -0.15
C GLU B 165 18.28 -29.93 -1.14
N ALA B 166 18.14 -28.68 -1.57
CA ALA B 166 17.18 -28.38 -2.63
C ALA B 166 17.56 -29.04 -3.94
N SER B 167 18.86 -29.12 -4.23
CA SER B 167 19.30 -29.80 -5.44
C SER B 167 18.95 -31.29 -5.40
N ASN B 168 19.20 -31.94 -4.26
CA ASN B 168 18.79 -33.34 -4.12
C ASN B 168 17.29 -33.46 -4.27
N LEU B 169 16.54 -32.51 -3.69
CA LEU B 169 15.09 -32.56 -3.76
C LEU B 169 14.62 -32.49 -5.21
N GLN B 170 15.21 -31.60 -6.01
CA GLN B 170 14.79 -31.54 -7.41
C GLN B 170 15.26 -32.74 -8.20
N VAL B 171 16.41 -33.32 -7.86
CA VAL B 171 16.79 -34.55 -8.55
C VAL B 171 15.77 -35.64 -8.29
N ALA B 172 15.27 -35.72 -7.06
CA ALA B 172 14.25 -36.71 -6.76
C ALA B 172 12.92 -36.38 -7.43
N ILE B 173 12.56 -35.10 -7.48
CA ILE B 173 11.33 -34.71 -8.14
C ILE B 173 11.39 -35.03 -9.63
N ARG B 174 12.54 -34.78 -10.25
CA ARG B 174 12.70 -35.10 -11.66
C ARG B 174 12.66 -36.62 -11.88
N GLU B 175 13.23 -37.39 -10.95
CA GLU B 175 13.11 -38.83 -11.05
C GLU B 175 11.64 -39.26 -11.01
N ALA B 176 10.87 -38.67 -10.11
CA ALA B 176 9.44 -38.99 -10.05
C ALA B 176 8.74 -38.62 -11.35
N TYR B 177 8.96 -37.41 -11.83
CA TYR B 177 8.33 -36.96 -13.06
C TYR B 177 8.66 -37.92 -14.21
N GLU B 178 9.93 -38.31 -14.32
CA GLU B 178 10.34 -39.16 -15.42
C GLU B 178 9.80 -40.57 -15.27
N ALA B 179 9.59 -41.03 -14.04
CA ALA B 179 8.99 -42.33 -13.81
C ALA B 179 7.47 -42.30 -13.89
N GLY B 180 6.87 -41.13 -14.00
CA GLY B 180 5.44 -41.01 -14.14
C GLY B 180 4.69 -40.96 -12.83
N LEU B 181 5.39 -40.93 -11.70
CA LEU B 181 4.71 -40.91 -10.41
C LEU B 181 3.97 -39.60 -10.18
N ILE B 182 4.43 -38.51 -10.79
CA ILE B 182 3.77 -37.23 -10.71
C ILE B 182 3.52 -36.73 -12.12
N GLY B 183 2.73 -35.67 -12.24
CA GLY B 183 2.54 -35.02 -13.52
C GLY B 183 1.12 -35.11 -14.03
N LYS B 184 0.96 -35.55 -15.27
CA LYS B 184 -0.36 -35.61 -15.90
C LYS B 184 -1.32 -36.40 -15.03
N ASN B 185 -1.16 -37.72 -14.98
CA ASN B 185 -1.93 -38.58 -14.08
C ASN B 185 -0.91 -39.29 -13.19
N ALA B 186 -0.94 -38.98 -11.89
CA ALA B 186 0.04 -39.51 -10.97
C ALA B 186 -0.23 -40.99 -10.70
N CYS B 187 0.78 -41.83 -10.93
CA CYS B 187 0.68 -43.25 -10.63
C CYS B 187 -0.52 -43.89 -11.34
N GLY B 188 -0.96 -43.31 -12.44
CA GLY B 188 -2.17 -43.78 -13.08
C GLY B 188 -3.43 -43.44 -12.32
N SER B 189 -3.32 -42.68 -11.23
CA SER B 189 -4.48 -42.34 -10.42
C SER B 189 -5.47 -41.46 -11.16
N ASP B 190 -5.06 -40.83 -12.24
CA ASP B 190 -5.85 -39.85 -12.99
C ASP B 190 -5.88 -38.52 -12.25
N TYR B 191 -5.08 -38.36 -11.19
CA TYR B 191 -5.00 -37.10 -10.47
C TYR B 191 -3.82 -36.30 -11.00
N ASP B 192 -4.07 -35.04 -11.35
CA ASP B 192 -3.06 -34.16 -11.91
C ASP B 192 -2.38 -33.39 -10.79
N PHE B 193 -1.08 -33.64 -10.60
CA PHE B 193 -0.33 -33.04 -9.50
C PHE B 193 1.04 -32.60 -9.99
N ASP B 194 1.50 -31.45 -9.49
CA ASP B 194 2.82 -30.91 -9.79
C ASP B 194 3.50 -30.51 -8.50
N VAL B 195 4.79 -30.77 -8.42
CA VAL B 195 5.61 -30.41 -7.26
C VAL B 195 6.60 -29.36 -7.71
N PHE B 196 6.48 -28.16 -7.15
CA PHE B 196 7.40 -27.06 -7.41
C PHE B 196 8.29 -26.86 -6.19
N VAL B 197 9.57 -26.61 -6.42
CA VAL B 197 10.53 -26.32 -5.37
C VAL B 197 10.89 -24.85 -5.47
N VAL B 198 10.62 -24.11 -4.40
CA VAL B 198 10.89 -22.68 -4.34
C VAL B 198 11.89 -22.43 -3.22
N ARG B 199 12.99 -21.77 -3.54
CA ARG B 199 14.02 -21.45 -2.56
C ARG B 199 13.80 -20.03 -2.06
N GLY B 200 13.84 -19.87 -0.74
CA GLY B 200 13.81 -18.55 -0.13
C GLY B 200 15.21 -17.99 0.01
N ALA B 201 15.28 -16.87 0.72
CA ALA B 201 16.57 -16.29 1.07
C ALA B 201 16.72 -16.33 2.59
N GLY B 202 17.52 -15.45 3.15
CA GLY B 202 17.80 -15.49 4.57
C GLY B 202 16.72 -14.82 5.40
N ALA B 203 15.92 -15.62 6.10
CA ALA B 203 14.83 -15.08 6.89
C ALA B 203 14.18 -16.18 7.72
N TYR B 204 14.45 -16.18 9.02
CA TYR B 204 13.78 -17.12 9.91
C TYR B 204 12.28 -16.87 9.93
N ILE B 205 11.86 -15.61 9.74
CA ILE B 205 10.44 -15.30 9.76
C ILE B 205 9.70 -15.96 8.63
N CYS B 206 10.38 -16.31 7.54
CA CYS B 206 9.70 -16.91 6.40
C CYS B 206 9.20 -18.32 6.68
N GLY B 207 9.47 -18.88 7.85
CA GLY B 207 8.86 -20.15 8.20
C GLY B 207 7.42 -20.03 8.65
N GLU B 208 6.98 -18.84 9.03
CA GLU B 208 5.60 -18.63 9.42
C GLU B 208 4.67 -18.84 8.24
N GLU B 209 3.48 -19.37 8.51
CA GLU B 209 2.52 -19.66 7.46
C GLU B 209 2.36 -18.50 6.49
N THR B 210 1.76 -17.41 6.96
CA THR B 210 1.44 -16.31 6.07
C THR B 210 2.69 -15.60 5.57
N ALA B 211 3.74 -15.52 6.38
CA ALA B 211 5.01 -14.97 5.90
C ALA B 211 5.58 -15.82 4.78
N LEU B 212 5.51 -17.14 4.93
CA LEU B 212 5.96 -18.04 3.88
C LEU B 212 5.14 -17.84 2.61
N ILE B 213 3.82 -17.69 2.75
CA ILE B 213 2.97 -17.47 1.59
C ILE B 213 3.38 -16.18 0.88
N GLU B 214 3.61 -15.12 1.64
CA GLU B 214 4.02 -13.86 1.05
C GLU B 214 5.35 -13.99 0.34
N SER B 215 6.31 -14.69 0.94
CA SER B 215 7.61 -14.87 0.30
C SER B 215 7.46 -15.62 -1.01
N ILE B 216 6.64 -16.67 -1.03
CA ILE B 216 6.36 -17.35 -2.30
C ILE B 216 5.77 -16.38 -3.30
N GLU B 217 4.86 -15.52 -2.85
CA GLU B 217 4.25 -14.53 -3.72
C GLU B 217 5.24 -13.45 -4.16
N GLY B 218 6.41 -13.38 -3.55
CA GLY B 218 7.47 -12.49 -4.00
C GLY B 218 7.63 -11.24 -3.17
N LYS B 219 6.72 -10.96 -2.25
CA LYS B 219 6.82 -9.78 -1.41
C LYS B 219 7.75 -10.06 -0.23
N GLN B 220 7.84 -9.09 0.67
CA GLN B 220 8.60 -9.29 1.90
C GLN B 220 7.91 -10.32 2.77
N GLY B 221 8.70 -11.18 3.40
CA GLY B 221 8.14 -12.17 4.29
C GLY B 221 7.58 -11.56 5.55
N LYS B 222 6.47 -10.84 5.43
CA LYS B 222 5.82 -10.19 6.56
C LYS B 222 4.49 -10.89 6.84
N PRO B 223 4.28 -11.46 8.02
CA PRO B 223 3.05 -12.22 8.25
C PRO B 223 1.80 -11.38 7.99
N ARG B 224 0.79 -12.02 7.42
CA ARG B 224 -0.51 -11.40 7.22
C ARG B 224 -1.30 -11.38 8.52
N LEU B 225 -2.44 -10.70 8.48
CA LEU B 225 -3.38 -10.72 9.56
C LEU B 225 -4.33 -11.90 9.39
N LYS B 226 -4.79 -12.43 10.52
CA LYS B 226 -5.69 -13.57 10.54
C LYS B 226 -6.85 -13.24 11.45
N PRO B 227 -8.10 -13.42 11.00
CA PRO B 227 -8.56 -13.95 9.70
C PRO B 227 -8.39 -12.94 8.58
N PRO B 228 -8.52 -13.36 7.31
CA PRO B 228 -8.83 -14.71 6.85
C PRO B 228 -7.66 -15.68 7.00
N PHE B 229 -7.96 -16.96 7.19
CA PHE B 229 -6.93 -17.96 7.39
C PHE B 229 -6.44 -18.51 6.05
N PRO B 230 -5.25 -19.10 6.02
CA PRO B 230 -4.74 -19.62 4.75
C PRO B 230 -5.68 -20.60 4.07
N ALA B 231 -6.41 -21.39 4.83
CA ALA B 231 -7.35 -22.33 4.22
C ALA B 231 -8.49 -21.62 3.49
N ASP B 232 -8.67 -20.33 3.69
CA ASP B 232 -9.69 -19.55 2.99
C ASP B 232 -9.09 -18.69 1.89
N VAL B 233 -8.09 -17.87 2.21
CA VAL B 233 -7.28 -17.17 1.21
C VAL B 233 -5.82 -17.49 1.51
N GLY B 234 -5.10 -17.98 0.51
CA GLY B 234 -3.73 -18.42 0.69
C GLY B 234 -2.84 -17.90 -0.42
N VAL B 235 -1.91 -18.75 -0.85
CA VAL B 235 -0.95 -18.35 -1.87
C VAL B 235 -1.70 -18.03 -3.16
N PHE B 236 -1.45 -16.85 -3.70
CA PHE B 236 -2.13 -16.35 -4.88
C PHE B 236 -3.62 -16.10 -4.65
N GLY B 237 -4.01 -15.93 -3.38
CA GLY B 237 -5.39 -15.66 -3.05
C GLY B 237 -6.29 -16.88 -2.99
N CYS B 238 -5.77 -18.06 -3.26
CA CYS B 238 -6.53 -19.30 -3.30
C CYS B 238 -6.31 -20.09 -2.02
N PRO B 239 -7.15 -21.10 -1.77
CA PRO B 239 -6.98 -21.89 -0.54
C PRO B 239 -5.61 -22.54 -0.48
N THR B 240 -5.06 -22.61 0.73
CA THR B 240 -3.73 -23.14 0.93
C THR B 240 -3.66 -23.81 2.29
N THR B 241 -2.77 -24.79 2.42
CA THR B 241 -2.48 -25.40 3.72
C THR B 241 -0.97 -25.55 3.84
N VAL B 242 -0.39 -24.88 4.83
CA VAL B 242 1.03 -24.98 5.10
C VAL B 242 1.27 -26.15 6.03
N ALA B 243 2.20 -27.02 5.66
CA ALA B 243 2.50 -28.20 6.45
C ALA B 243 4.00 -28.38 6.57
N ASN B 244 4.42 -28.96 7.68
CA ASN B 244 5.83 -29.18 7.92
C ASN B 244 6.36 -30.31 7.05
N VAL B 245 7.67 -30.31 6.83
CA VAL B 245 8.30 -31.36 6.04
C VAL B 245 8.03 -32.72 6.69
N GLU B 246 8.24 -32.81 8.00
CA GLU B 246 8.02 -34.07 8.69
C GLU B 246 6.54 -34.47 8.62
N THR B 247 5.64 -33.52 8.81
CA THR B 247 4.22 -33.84 8.78
C THR B 247 3.82 -34.43 7.43
N VAL B 248 4.25 -33.78 6.34
CA VAL B 248 3.88 -34.28 5.02
C VAL B 248 4.58 -35.60 4.72
N ALA B 249 5.83 -35.74 5.16
CA ALA B 249 6.59 -36.94 4.83
C ALA B 249 6.09 -38.16 5.59
N VAL B 250 5.50 -37.97 6.77
CA VAL B 250 4.97 -39.10 7.51
C VAL B 250 3.70 -39.64 6.88
N SER B 251 2.98 -38.82 6.12
CA SER B 251 1.63 -39.19 5.69
C SER B 251 1.58 -40.48 4.88
N PRO B 252 2.42 -40.68 3.86
CA PRO B 252 2.29 -41.92 3.07
C PRO B 252 2.46 -43.17 3.91
N THR B 253 3.38 -43.15 4.87
CA THR B 253 3.58 -44.31 5.73
C THR B 253 2.38 -44.52 6.64
N ILE B 254 1.79 -43.42 7.14
CA ILE B 254 0.58 -43.54 7.94
C ILE B 254 -0.51 -44.22 7.12
N CYS B 255 -0.69 -43.78 5.87
CA CYS B 255 -1.73 -44.36 5.03
C CYS B 255 -1.44 -45.83 4.75
N ARG B 256 -0.19 -46.18 4.47
CA ARG B 256 0.13 -47.55 4.12
C ARG B 256 -0.03 -48.48 5.32
N ARG B 257 0.54 -48.11 6.46
CA ARG B 257 0.59 -48.98 7.62
C ARG B 257 -0.59 -48.78 8.58
N GLY B 258 -1.52 -47.90 8.25
CA GLY B 258 -2.70 -47.72 9.07
C GLY B 258 -2.52 -46.68 10.15
N GLY B 259 -3.55 -45.86 10.36
CA GLY B 259 -3.49 -44.86 11.41
C GLY B 259 -3.36 -45.46 12.80
N THR B 260 -3.99 -46.61 13.03
CA THR B 260 -3.91 -47.23 14.35
C THR B 260 -2.48 -47.61 14.69
N TRP B 261 -1.70 -48.07 13.71
CA TRP B 261 -0.31 -48.40 13.97
C TRP B 261 0.46 -47.18 14.46
N PHE B 262 0.26 -46.04 13.80
CA PHE B 262 0.91 -44.81 14.24
C PHE B 262 0.44 -44.41 15.63
N ALA B 263 -0.86 -44.51 15.88
CA ALA B 263 -1.40 -44.17 17.19
C ALA B 263 -0.87 -45.09 18.29
N GLY B 264 -0.40 -46.28 17.92
CA GLY B 264 0.11 -47.20 18.92
C GLY B 264 1.25 -46.60 19.75
N PHE B 265 2.05 -45.72 19.16
CA PHE B 265 3.17 -45.11 19.86
C PHE B 265 2.75 -43.81 20.51
N GLY B 266 3.33 -43.53 21.68
CA GLY B 266 3.01 -42.32 22.40
C GLY B 266 1.92 -42.53 23.42
N ARG B 267 1.60 -41.46 24.14
CA ARG B 267 0.62 -41.56 25.22
C ARG B 267 -0.79 -41.56 24.68
N GLU B 268 -1.37 -40.38 24.46
CA GLU B 268 -2.75 -40.31 23.98
C GLU B 268 -2.86 -39.34 22.81
N ARG B 269 -3.13 -38.06 23.10
CA ARG B 269 -3.12 -37.07 22.04
C ARG B 269 -1.71 -36.85 21.49
N ASN B 270 -0.69 -37.36 22.16
CA ASN B 270 0.69 -37.27 21.69
C ASN B 270 1.08 -38.62 21.10
N SER B 271 0.72 -38.81 19.83
CA SER B 271 0.89 -40.08 19.15
C SER B 271 1.91 -39.93 18.02
N GLY B 272 2.75 -40.95 17.85
CA GLY B 272 3.63 -41.02 16.71
C GLY B 272 5.09 -41.16 17.12
N THR B 273 5.94 -41.18 16.11
CA THR B 273 7.38 -41.16 16.26
C THR B 273 7.91 -39.80 15.83
N LYS B 274 8.97 -39.34 16.49
CA LYS B 274 9.47 -38.00 16.30
C LYS B 274 10.98 -38.03 16.05
N LEU B 275 11.43 -37.10 15.22
CA LEU B 275 12.86 -36.89 15.00
C LEU B 275 13.40 -35.93 16.04
N PHE B 276 14.45 -36.34 16.73
CA PHE B 276 15.04 -35.56 17.81
C PHE B 276 16.45 -35.15 17.44
N ASN B 277 16.75 -33.87 17.58
CA ASN B 277 18.08 -33.31 17.33
C ASN B 277 18.68 -32.96 18.68
N ILE B 278 19.50 -33.85 19.21
CA ILE B 278 20.18 -33.62 20.48
C ILE B 278 21.48 -32.89 20.19
N SER B 279 21.56 -31.63 20.64
CA SER B 279 22.73 -30.81 20.39
C SER B 279 23.20 -30.14 21.67
N GLY B 280 24.19 -29.27 21.57
CA GLY B 280 24.72 -28.60 22.74
C GLY B 280 25.80 -29.41 23.40
N HIS B 281 25.87 -29.35 24.73
CA HIS B 281 26.93 -30.05 25.48
C HIS B 281 26.48 -31.48 25.72
N VAL B 282 26.64 -32.30 24.68
CA VAL B 282 26.32 -33.72 24.74
C VAL B 282 27.41 -34.46 23.97
N ASN B 283 27.75 -35.65 24.45
CA ASN B 283 28.94 -36.34 23.95
C ASN B 283 28.86 -36.57 22.45
N HIS B 284 27.73 -37.07 21.96
CA HIS B 284 27.56 -37.43 20.56
C HIS B 284 26.31 -36.76 20.01
N PRO B 285 26.38 -35.47 19.68
CA PRO B 285 25.22 -34.81 19.09
C PRO B 285 24.79 -35.52 17.82
N CYS B 286 23.48 -35.71 17.67
CA CYS B 286 22.99 -36.54 16.59
C CYS B 286 21.52 -36.20 16.33
N THR B 287 21.05 -36.63 15.17
CA THR B 287 19.64 -36.62 14.84
C THR B 287 19.14 -38.06 14.90
N VAL B 288 18.17 -38.31 15.76
CA VAL B 288 17.65 -39.66 15.99
C VAL B 288 16.14 -39.61 15.97
N GLU B 289 15.54 -40.75 15.66
CA GLU B 289 14.10 -40.94 15.70
C GLU B 289 13.75 -41.82 16.88
N GLU B 290 12.69 -41.47 17.60
CA GLU B 290 12.34 -42.16 18.83
C GLU B 290 10.85 -42.04 19.07
N GLU B 291 10.34 -42.92 19.93
CA GLU B 291 8.93 -42.87 20.30
C GLU B 291 8.58 -41.52 20.90
N MET B 292 7.39 -41.03 20.58
CA MET B 292 6.86 -39.89 21.31
C MET B 292 6.72 -40.27 22.78
N SER B 293 6.99 -39.31 23.66
CA SER B 293 6.89 -39.49 25.10
C SER B 293 8.06 -40.28 25.66
N VAL B 294 9.15 -40.42 24.91
CA VAL B 294 10.35 -41.03 25.48
C VAL B 294 10.91 -40.10 26.55
N PRO B 295 11.38 -40.62 27.69
CA PRO B 295 11.93 -39.72 28.72
C PRO B 295 13.11 -38.93 28.19
N LEU B 296 13.24 -37.70 28.67
CA LEU B 296 14.35 -36.86 28.24
C LEU B 296 15.69 -37.47 28.64
N LYS B 297 15.78 -38.04 29.83
CA LYS B 297 17.02 -38.68 30.23
C LYS B 297 17.35 -39.85 29.32
N GLU B 298 16.36 -40.67 28.98
CA GLU B 298 16.60 -41.77 28.05
C GLU B 298 17.06 -41.26 26.70
N LEU B 299 16.41 -40.21 26.20
CA LEU B 299 16.79 -39.67 24.90
C LEU B 299 18.22 -39.16 24.92
N ILE B 300 18.62 -38.52 26.02
CA ILE B 300 19.94 -37.89 26.06
C ILE B 300 21.03 -38.92 26.31
N GLU B 301 20.73 -40.02 26.99
CA GLU B 301 21.76 -40.99 27.34
C GLU B 301 21.86 -42.13 26.34
N LYS B 302 20.73 -42.71 25.95
CA LYS B 302 20.76 -43.87 25.06
C LYS B 302 21.38 -43.54 23.71
N HIS B 303 20.99 -42.41 23.13
CA HIS B 303 21.38 -42.07 21.77
C HIS B 303 22.54 -41.07 21.71
N ALA B 304 22.53 -40.03 22.53
CA ALA B 304 23.55 -38.99 22.47
C ALA B 304 24.74 -39.27 23.39
N GLY B 305 24.77 -40.41 24.07
CA GLY B 305 25.88 -40.77 24.92
C GLY B 305 25.76 -40.28 26.34
N GLY B 306 25.30 -39.05 26.52
CA GLY B 306 25.10 -38.47 27.83
C GLY B 306 25.67 -37.06 27.85
N VAL B 307 25.16 -36.25 28.78
CA VAL B 307 25.63 -34.87 28.88
C VAL B 307 27.10 -34.87 29.21
N THR B 308 27.84 -33.92 28.65
CA THR B 308 29.28 -33.86 28.86
C THR B 308 29.58 -33.77 30.35
N GLY B 309 30.54 -34.58 30.80
CA GLY B 309 30.92 -34.59 32.19
C GLY B 309 30.00 -35.35 33.11
N GLY B 310 29.07 -36.13 32.57
CA GLY B 310 28.15 -36.90 33.38
C GLY B 310 26.85 -36.15 33.66
N TRP B 311 25.82 -36.92 33.99
CA TRP B 311 24.50 -36.34 34.19
C TRP B 311 24.52 -35.22 35.22
N ASP B 312 25.42 -35.29 36.20
CA ASP B 312 25.48 -34.27 37.23
C ASP B 312 25.85 -32.92 36.63
N ASN B 313 26.78 -32.91 35.67
CA ASN B 313 27.17 -31.67 34.99
C ASN B 313 26.12 -31.29 33.95
N LEU B 314 24.89 -31.14 34.41
CA LEU B 314 23.77 -30.71 33.58
C LEU B 314 23.11 -29.54 34.27
N LEU B 315 23.00 -28.41 33.56
CA LEU B 315 22.41 -27.20 34.13
C LEU B 315 20.96 -27.03 33.68
N ALA B 316 20.73 -26.98 32.37
CA ALA B 316 19.39 -26.75 31.84
C ALA B 316 19.32 -27.35 30.45
N VAL B 317 18.10 -27.48 29.96
CA VAL B 317 17.84 -27.99 28.61
C VAL B 317 16.72 -27.16 28.00
N ILE B 318 16.77 -26.99 26.68
CA ILE B 318 15.69 -26.35 25.95
C ILE B 318 15.01 -27.43 25.12
N PRO B 319 13.95 -28.06 25.62
CA PRO B 319 13.40 -29.23 24.90
C PRO B 319 12.94 -28.91 23.50
N GLY B 320 12.35 -27.73 23.28
CA GLY B 320 11.86 -27.38 21.97
C GLY B 320 12.98 -26.94 21.06
N GLY B 321 12.80 -25.79 20.41
CA GLY B 321 13.87 -25.21 19.63
C GLY B 321 14.53 -24.10 20.42
N SER B 322 14.43 -22.87 19.92
CA SER B 322 14.84 -21.70 20.68
C SER B 322 13.67 -20.96 21.30
N SER B 323 12.47 -21.08 20.73
CA SER B 323 11.29 -20.41 21.26
C SER B 323 10.77 -21.08 22.53
N THR B 324 11.32 -22.22 22.92
CA THR B 324 10.88 -22.92 24.11
C THR B 324 11.69 -22.46 25.32
N PRO B 325 11.06 -22.28 26.48
CA PRO B 325 11.83 -21.88 27.67
C PRO B 325 12.62 -23.05 28.24
N LEU B 326 13.55 -22.71 29.13
CA LEU B 326 14.44 -23.69 29.73
C LEU B 326 13.71 -24.58 30.73
N ILE B 327 14.28 -25.76 30.95
CA ILE B 327 13.91 -26.59 32.08
C ILE B 327 15.20 -26.95 32.81
N PRO B 328 15.29 -26.74 34.12
CA PRO B 328 16.52 -27.08 34.84
C PRO B 328 16.64 -28.59 35.02
N LYS B 329 17.83 -29.00 35.48
CA LYS B 329 18.08 -30.42 35.68
C LYS B 329 17.04 -31.04 36.62
N SER B 330 16.58 -30.27 37.60
CA SER B 330 15.58 -30.80 38.52
C SER B 330 14.31 -31.20 37.78
N VAL B 331 13.86 -30.37 36.85
CA VAL B 331 12.65 -30.67 36.11
C VAL B 331 12.89 -31.66 34.98
N CYS B 332 14.12 -31.73 34.46
CA CYS B 332 14.42 -32.57 33.31
C CYS B 332 14.87 -33.98 33.71
N GLU B 333 15.00 -34.26 35.00
CA GLU B 333 15.26 -35.65 35.39
C GLU B 333 14.08 -36.57 35.08
N THR B 334 12.84 -36.06 35.15
CA THR B 334 11.67 -36.92 34.97
C THR B 334 10.71 -36.44 33.89
N VAL B 335 11.03 -35.39 33.14
CA VAL B 335 10.11 -34.90 32.12
C VAL B 335 10.04 -35.89 30.97
N LEU B 336 8.85 -36.00 30.36
CA LEU B 336 8.62 -36.86 29.21
C LEU B 336 8.49 -36.02 27.96
N MET B 337 9.22 -36.38 26.92
CA MET B 337 9.19 -35.62 25.68
C MET B 337 7.83 -35.74 25.01
N ASP B 338 6.92 -34.84 25.38
CA ASP B 338 5.55 -34.85 24.88
C ASP B 338 5.00 -33.44 24.90
N PHE B 339 4.04 -33.17 24.02
CA PHE B 339 3.38 -31.88 24.02
C PHE B 339 2.76 -31.61 25.39
N ASP B 340 1.93 -32.54 25.87
CA ASP B 340 1.24 -32.34 27.14
C ASP B 340 2.23 -32.29 28.30
N ALA B 341 3.20 -33.20 28.31
CA ALA B 341 4.15 -33.26 29.41
C ALA B 341 4.96 -31.97 29.52
N LEU B 342 5.46 -31.48 28.39
CA LEU B 342 6.27 -30.27 28.43
C LEU B 342 5.41 -29.04 28.69
N VAL B 343 4.16 -29.03 28.25
CA VAL B 343 3.25 -27.94 28.62
C VAL B 343 3.05 -27.93 30.12
N GLN B 344 2.89 -29.12 30.72
CA GLN B 344 2.79 -29.20 32.17
C GLN B 344 4.06 -28.68 32.83
N ALA B 345 5.21 -29.03 32.28
CA ALA B 345 6.49 -28.54 32.79
C ALA B 345 6.72 -27.07 32.47
N GLN B 346 5.81 -26.43 31.73
CA GLN B 346 5.86 -25.00 31.45
C GLN B 346 6.85 -24.69 30.33
N THR B 347 6.87 -25.53 29.30
CA THR B 347 7.69 -25.29 28.12
C THR B 347 6.91 -25.64 26.86
N GLY B 348 7.30 -26.71 26.18
CA GLY B 348 6.59 -27.14 24.98
C GLY B 348 7.49 -27.77 23.95
N LEU B 349 7.15 -28.98 23.51
CA LEU B 349 7.88 -29.68 22.46
C LEU B 349 7.64 -28.96 21.14
N GLY B 350 8.35 -27.85 20.95
CA GLY B 350 8.20 -27.10 19.72
C GLY B 350 8.57 -27.93 18.51
N THR B 351 9.87 -28.05 18.26
CA THR B 351 10.40 -28.85 17.17
C THR B 351 11.21 -30.03 17.65
N ALA B 352 11.24 -30.29 18.95
CA ALA B 352 11.94 -31.43 19.52
C ALA B 352 13.45 -31.32 19.30
N ALA B 353 13.98 -30.11 19.41
CA ALA B 353 15.41 -29.87 19.25
C ALA B 353 16.04 -29.69 20.63
N VAL B 354 16.39 -30.81 21.25
CA VAL B 354 16.98 -30.79 22.58
C VAL B 354 18.33 -30.08 22.50
N ILE B 355 18.48 -29.01 23.27
CA ILE B 355 19.75 -28.30 23.42
C ILE B 355 20.17 -28.45 24.86
N VAL B 356 21.38 -28.98 25.08
CA VAL B 356 21.85 -29.33 26.41
C VAL B 356 22.99 -28.40 26.80
N MET B 357 22.99 -27.97 28.05
CA MET B 357 24.04 -27.12 28.61
C MET B 357 24.53 -27.74 29.91
N ASP B 358 25.85 -27.72 30.12
CA ASP B 358 26.50 -28.53 31.14
C ASP B 358 27.22 -27.65 32.15
N ARG B 359 26.46 -26.93 32.97
CA ARG B 359 27.01 -26.29 34.15
C ARG B 359 28.07 -25.25 33.82
N SER B 360 29.15 -25.67 33.16
CA SER B 360 30.19 -24.73 32.77
C SER B 360 29.65 -23.62 31.87
N THR B 361 28.52 -23.84 31.22
CA THR B 361 27.96 -22.85 30.32
C THR B 361 27.57 -21.58 31.07
N ASP B 362 27.64 -20.46 30.36
CA ASP B 362 27.14 -19.17 30.86
C ASP B 362 25.70 -19.05 30.41
N ILE B 363 24.78 -19.43 31.31
CA ILE B 363 23.38 -19.58 30.92
C ILE B 363 22.80 -18.26 30.44
N VAL B 364 23.07 -17.17 31.16
CA VAL B 364 22.51 -15.88 30.79
C VAL B 364 23.08 -15.43 29.45
N LYS B 365 24.36 -15.70 29.20
CA LYS B 365 24.95 -15.34 27.92
C LYS B 365 24.30 -16.11 26.77
N ALA B 366 24.06 -17.41 26.99
CA ALA B 366 23.42 -18.21 25.94
C ALA B 366 22.02 -17.72 25.64
N ILE B 367 21.24 -17.44 26.68
CA ILE B 367 19.88 -16.94 26.44
C ILE B 367 19.93 -15.56 25.80
N ALA B 368 20.92 -14.74 26.16
CA ALA B 368 21.08 -13.45 25.51
C ALA B 368 21.36 -13.62 24.03
N ARG B 369 22.17 -14.62 23.67
CA ARG B 369 22.42 -14.88 22.26
C ARG B 369 21.14 -15.29 21.54
N LEU B 370 20.31 -16.10 22.21
CA LEU B 370 19.04 -16.48 21.58
C LEU B 370 18.13 -15.27 21.38
N ILE B 371 18.09 -14.37 22.36
CA ILE B 371 17.29 -13.17 22.21
C ILE B 371 17.85 -12.29 21.11
N GLU B 372 19.17 -12.26 20.96
CA GLU B 372 19.79 -11.53 19.86
C GLU B 372 19.38 -12.13 18.52
N PHE B 373 19.32 -13.46 18.46
CA PHE B 373 18.82 -14.12 17.26
C PHE B 373 17.43 -13.62 16.91
N TYR B 374 16.53 -13.59 17.91
CA TYR B 374 15.18 -13.12 17.62
C TYR B 374 15.18 -11.65 17.22
N LYS B 375 16.04 -10.83 17.83
CA LYS B 375 16.12 -9.43 17.43
C LYS B 375 16.52 -9.30 15.96
N HIS B 376 17.51 -10.09 15.54
CA HIS B 376 17.93 -10.03 14.15
C HIS B 376 16.84 -10.53 13.21
N GLU B 377 16.11 -11.57 13.62
CA GLU B 377 15.19 -12.24 12.72
C GLU B 377 13.79 -11.64 12.71
N SER B 378 13.46 -10.73 13.63
CA SER B 378 12.14 -10.14 13.65
C SER B 378 11.89 -9.38 12.35
N CYS B 379 10.70 -9.55 11.79
CA CYS B 379 10.37 -8.88 10.53
C CYS B 379 10.27 -7.37 10.72
N GLY B 380 9.88 -6.93 11.91
CA GLY B 380 9.74 -5.50 12.18
C GLY B 380 8.41 -4.90 11.82
N GLN B 381 7.43 -5.71 11.42
CA GLN B 381 6.15 -5.16 10.96
C GLN B 381 5.40 -4.50 12.11
N CYS B 382 5.23 -5.21 13.21
CA CYS B 382 4.28 -4.82 14.23
C CYS B 382 4.99 -4.38 15.52
N THR B 383 4.44 -3.33 16.13
CA THR B 383 5.17 -2.57 17.14
C THR B 383 5.61 -3.40 18.32
N PRO B 384 4.77 -4.22 18.95
CA PRO B 384 5.22 -4.96 20.13
C PRO B 384 6.56 -5.63 19.90
N CYS B 385 6.64 -6.58 18.97
CA CYS B 385 7.90 -7.28 18.74
C CYS B 385 8.97 -6.35 18.21
N ARG B 386 8.62 -5.53 17.20
CA ARG B 386 9.64 -4.69 16.58
C ARG B 386 10.40 -3.87 17.63
N GLU B 387 9.67 -3.20 18.52
CA GLU B 387 10.29 -2.30 19.47
C GLU B 387 10.58 -2.94 20.82
N GLY B 388 10.15 -4.18 21.05
CA GLY B 388 10.34 -4.78 22.34
C GLY B 388 11.39 -5.87 22.34
N VAL B 389 11.58 -6.54 21.22
CA VAL B 389 12.66 -7.53 21.15
C VAL B 389 14.01 -6.84 21.25
N ASP B 390 14.14 -5.66 20.65
CA ASP B 390 15.37 -4.89 20.80
C ASP B 390 15.56 -4.45 22.24
N TRP B 391 14.47 -4.05 22.90
CA TRP B 391 14.54 -3.71 24.32
C TRP B 391 15.04 -4.89 25.14
N MET B 392 14.46 -6.07 24.91
CA MET B 392 14.91 -7.25 25.65
C MET B 392 16.36 -7.55 25.35
N ASN B 393 16.77 -7.40 24.10
CA ASN B 393 18.15 -7.66 23.74
C ASN B 393 19.09 -6.75 24.50
N LYS B 394 18.77 -5.46 24.56
CA LYS B 394 19.62 -4.52 25.27
C LYS B 394 19.68 -4.85 26.76
N VAL B 395 18.53 -5.14 27.36
CA VAL B 395 18.51 -5.42 28.79
C VAL B 395 19.27 -6.71 29.07
N MET B 396 19.15 -7.70 28.20
CA MET B 396 19.86 -8.96 28.43
C MET B 396 21.36 -8.80 28.22
N ALA B 397 21.77 -7.96 27.28
CA ALA B 397 23.18 -7.67 27.12
C ALA B 397 23.72 -7.02 28.38
N ARG B 398 22.96 -6.12 28.99
CA ARG B 398 23.38 -5.55 30.27
C ARG B 398 23.42 -6.62 31.36
N PHE B 399 22.42 -7.52 31.38
CA PHE B 399 22.36 -8.54 32.42
C PHE B 399 23.57 -9.47 32.34
N VAL B 400 24.00 -9.80 31.13
CA VAL B 400 25.13 -10.73 30.98
C VAL B 400 26.34 -10.20 31.71
N LYS B 401 26.46 -8.88 31.85
CA LYS B 401 27.57 -8.27 32.56
C LYS B 401 27.21 -7.83 33.96
N GLY B 402 25.92 -7.81 34.29
CA GLY B 402 25.48 -7.34 35.59
C GLY B 402 25.34 -5.84 35.70
N ASP B 403 25.41 -5.11 34.58
CA ASP B 403 25.37 -3.65 34.63
C ASP B 403 24.04 -3.14 35.19
N ALA B 404 22.97 -3.92 35.11
CA ALA B 404 21.67 -3.49 35.58
C ALA B 404 21.59 -3.66 37.10
N ARG B 405 20.40 -3.52 37.66
CA ARG B 405 20.16 -3.66 39.08
C ARG B 405 19.00 -4.60 39.32
N PRO B 406 18.94 -5.22 40.50
CA PRO B 406 18.00 -6.35 40.69
C PRO B 406 16.55 -5.99 40.45
N ALA B 407 16.18 -4.71 40.56
CA ALA B 407 14.81 -4.32 40.30
C ALA B 407 14.42 -4.44 38.83
N GLU B 408 15.38 -4.64 37.93
CA GLU B 408 15.10 -4.69 36.51
C GLU B 408 14.68 -6.06 36.02
N ILE B 409 14.85 -7.11 36.83
CA ILE B 409 14.40 -8.43 36.41
C ILE B 409 12.89 -8.43 36.24
N ASP B 410 12.17 -7.83 37.18
CA ASP B 410 10.72 -7.75 37.04
C ASP B 410 10.32 -6.85 35.89
N SER B 411 11.10 -5.81 35.59
CA SER B 411 10.82 -5.01 34.41
C SER B 411 10.95 -5.84 33.14
N LEU B 412 11.99 -6.67 33.07
CA LEU B 412 12.14 -7.56 31.92
C LEU B 412 10.97 -8.53 31.83
N TRP B 413 10.56 -9.08 32.96
CA TRP B 413 9.41 -9.99 32.95
C TRP B 413 8.15 -9.28 32.45
N GLU B 414 7.90 -8.07 32.92
CA GLU B 414 6.71 -7.33 32.48
C GLU B 414 6.78 -7.01 31.00
N ILE B 415 7.96 -6.63 30.50
CA ILE B 415 8.09 -6.40 29.07
C ILE B 415 7.78 -7.67 28.30
N SER B 416 8.27 -8.81 28.80
CA SER B 416 8.00 -10.08 28.13
C SER B 416 6.50 -10.34 28.07
N LYS B 417 5.79 -10.12 29.18
CA LYS B 417 4.36 -10.36 29.17
C LYS B 417 3.63 -9.37 28.27
N GLN B 418 4.14 -8.14 28.17
CA GLN B 418 3.54 -7.16 27.27
C GLN B 418 3.72 -7.59 25.81
N ILE B 419 4.84 -8.22 25.50
CA ILE B 419 5.10 -8.63 24.13
C ILE B 419 4.37 -9.91 23.77
N GLU B 420 4.13 -10.78 24.75
CA GLU B 420 3.71 -12.14 24.46
C GLU B 420 2.44 -12.18 23.61
N GLY B 421 1.36 -11.61 24.13
CA GLY B 421 0.06 -11.82 23.52
C GLY B 421 -0.42 -10.76 22.56
N HIS B 422 0.44 -9.85 22.13
CA HIS B 422 0.01 -8.68 21.38
C HIS B 422 0.60 -8.60 19.98
N THR B 423 1.39 -9.58 19.56
CA THR B 423 2.04 -9.53 18.27
C THR B 423 1.15 -10.11 17.19
N ILE B 424 1.45 -9.74 15.94
CA ILE B 424 0.71 -10.31 14.81
C ILE B 424 0.99 -11.80 14.67
N CYS B 425 2.25 -12.20 14.84
CA CYS B 425 2.68 -13.57 14.64
C CYS B 425 3.25 -14.12 15.94
N ALA B 426 3.57 -15.40 15.92
CA ALA B 426 4.04 -16.08 17.13
C ALA B 426 5.51 -15.85 17.42
N LEU B 427 6.24 -15.17 16.53
CA LEU B 427 7.63 -14.87 16.81
C LEU B 427 7.77 -14.05 18.08
N GLY B 428 6.79 -13.19 18.37
CA GLY B 428 6.81 -12.48 19.64
C GLY B 428 6.73 -13.43 20.82
N ASP B 429 5.87 -14.44 20.74
CA ASP B 429 5.81 -15.45 21.78
C ASP B 429 7.16 -16.13 21.92
N GLY B 430 7.78 -16.48 20.80
CA GLY B 430 9.06 -17.17 20.84
C GLY B 430 10.17 -16.32 21.43
N ALA B 431 10.12 -15.01 21.20
CA ALA B 431 11.12 -14.13 21.79
C ALA B 431 10.87 -13.91 23.27
N ALA B 432 9.60 -13.91 23.69
CA ALA B 432 9.30 -13.67 25.10
C ALA B 432 9.57 -14.89 25.96
N TRP B 433 9.30 -16.10 25.44
CA TRP B 433 9.32 -17.28 26.29
C TRP B 433 10.70 -17.59 26.87
N PRO B 434 11.79 -17.59 26.10
CA PRO B 434 13.10 -17.91 26.70
C PRO B 434 13.46 -17.00 27.86
N VAL B 435 13.15 -15.72 27.73
CA VAL B 435 13.44 -14.78 28.81
C VAL B 435 12.64 -15.15 30.05
N GLN B 436 11.38 -15.52 29.86
CA GLN B 436 10.56 -15.93 31.01
C GLN B 436 11.13 -17.18 31.67
N GLY B 437 11.57 -18.15 30.88
CA GLY B 437 12.17 -19.33 31.46
C GLY B 437 13.43 -19.01 32.26
N LEU B 438 14.27 -18.14 31.71
CA LEU B 438 15.47 -17.73 32.45
C LEU B 438 15.10 -17.04 33.74
N ILE B 439 14.20 -16.06 33.69
CA ILE B 439 13.83 -15.32 34.89
C ILE B 439 13.15 -16.23 35.90
N ARG B 440 12.56 -17.33 35.45
CA ARG B 440 11.82 -18.21 36.34
C ARG B 440 12.71 -19.27 36.98
N HIS B 441 13.76 -19.72 36.31
CA HIS B 441 14.58 -20.81 36.84
C HIS B 441 15.99 -20.40 37.23
N PHE B 442 16.46 -19.22 36.86
CA PHE B 442 17.82 -18.80 37.16
C PHE B 442 17.88 -17.37 37.64
N ARG B 443 16.87 -16.92 38.38
CA ARG B 443 16.91 -15.59 38.97
C ARG B 443 18.08 -15.42 39.93
N PRO B 444 18.40 -16.39 40.80
CA PRO B 444 19.55 -16.20 41.70
C PRO B 444 20.85 -15.96 40.97
N GLU B 445 21.06 -16.62 39.81
CA GLU B 445 22.28 -16.37 39.06
C GLU B 445 22.34 -14.93 38.58
N LEU B 446 21.22 -14.39 38.10
CA LEU B 446 21.19 -13.00 37.68
C LEU B 446 21.50 -12.07 38.85
N GLU B 447 20.91 -12.34 40.01
CA GLU B 447 21.17 -11.49 41.17
C GLU B 447 22.63 -11.58 41.58
N ASP B 448 23.22 -12.79 41.55
CA ASP B 448 24.63 -12.93 41.91
C ASP B 448 25.53 -12.15 40.97
N ARG B 449 25.26 -12.24 39.66
CA ARG B 449 26.09 -11.51 38.72
C ARG B 449 25.94 -10.01 38.91
N MET B 450 24.71 -9.54 39.14
CA MET B 450 24.52 -8.11 39.40
C MET B 450 25.28 -7.67 40.64
N GLN B 451 25.24 -8.48 41.69
CA GLN B 451 25.97 -8.13 42.91
C GLN B 451 27.47 -8.07 42.66
N ARG B 452 28.00 -9.04 41.92
CA ARG B 452 29.43 -9.02 41.64
C ARG B 452 29.80 -7.78 40.82
N PHE B 453 28.98 -7.42 39.85
CA PHE B 453 29.26 -6.19 39.10
C PHE B 453 29.22 -4.97 40.02
N ALA B 454 28.20 -4.88 40.87
CA ALA B 454 28.11 -3.75 41.80
C ALA B 454 29.29 -3.72 42.76
N GLN B 455 29.93 -4.87 42.98
CA GLN B 455 31.14 -4.90 43.80
C GLN B 455 32.33 -4.24 43.11
N GLN B 456 32.15 -3.69 41.92
CA GLN B 456 33.21 -2.94 41.25
C GLN B 456 32.71 -1.57 40.81
N SER C 29 -33.32 -8.56 8.91
CA SER C 29 -32.34 -8.47 7.83
C SER C 29 -31.12 -9.32 8.17
N ASN C 30 -30.08 -9.21 7.34
CA ASN C 30 -28.82 -9.91 7.58
C ASN C 30 -27.93 -9.06 8.48
N LEU C 31 -28.39 -8.92 9.72
CA LEU C 31 -27.70 -8.15 10.74
C LEU C 31 -27.40 -9.03 11.95
N ILE C 32 -26.21 -8.85 12.51
CA ILE C 32 -25.76 -9.62 13.67
C ILE C 32 -25.81 -8.72 14.89
N GLU C 33 -25.99 -9.35 16.05
CA GLU C 33 -26.05 -8.65 17.33
C GLU C 33 -24.74 -8.84 18.07
N VAL C 34 -24.11 -7.73 18.48
CA VAL C 34 -22.90 -7.77 19.27
C VAL C 34 -23.08 -6.81 20.45
N PHE C 35 -22.33 -7.06 21.52
CA PHE C 35 -22.40 -6.28 22.73
C PHE C 35 -21.09 -5.53 22.93
N VAL C 36 -21.19 -4.23 23.20
CA VAL C 36 -20.05 -3.39 23.55
C VAL C 36 -20.23 -3.01 25.01
N ASP C 37 -19.55 -3.71 25.91
CA ASP C 37 -19.74 -3.54 27.34
C ASP C 37 -21.18 -3.82 27.74
N GLY C 38 -21.83 -4.76 27.05
CA GLY C 38 -23.21 -5.09 27.30
C GLY C 38 -24.22 -4.25 26.55
N GLN C 39 -23.77 -3.21 25.85
CA GLN C 39 -24.67 -2.33 25.10
C GLN C 39 -24.91 -2.98 23.74
N SER C 40 -26.09 -3.56 23.56
CA SER C 40 -26.39 -4.26 22.32
C SER C 40 -26.37 -3.29 21.15
N VAL C 41 -25.81 -3.75 20.03
CA VAL C 41 -25.71 -2.93 18.82
C VAL C 41 -25.91 -3.83 17.61
N MET C 42 -26.65 -3.34 16.62
CA MET C 42 -26.90 -4.06 15.38
C MET C 42 -25.84 -3.69 14.36
N VAL C 43 -25.15 -4.69 13.82
CA VAL C 43 -24.10 -4.49 12.83
C VAL C 43 -24.19 -5.59 11.77
N GLU C 44 -24.01 -5.22 10.51
CA GLU C 44 -24.04 -6.20 9.44
C GLU C 44 -22.77 -7.03 9.46
N PRO C 45 -22.82 -8.25 8.92
CA PRO C 45 -21.61 -9.08 8.90
C PRO C 45 -20.47 -8.38 8.16
N GLY C 46 -19.26 -8.61 8.66
CA GLY C 46 -18.07 -8.00 8.13
C GLY C 46 -17.64 -6.75 8.87
N THR C 47 -18.55 -6.12 9.62
CA THR C 47 -18.19 -4.98 10.44
C THR C 47 -17.16 -5.39 11.48
N THR C 48 -16.11 -4.60 11.61
CA THR C 48 -15.05 -4.95 12.54
C THR C 48 -15.37 -4.46 13.95
N VAL C 49 -14.58 -4.93 14.90
CA VAL C 49 -14.77 -4.55 16.29
C VAL C 49 -14.63 -3.05 16.45
N LEU C 50 -13.68 -2.46 15.73
CA LEU C 50 -13.48 -1.01 15.80
C LEU C 50 -14.74 -0.27 15.37
N GLN C 51 -15.35 -0.72 14.27
CA GLN C 51 -16.54 -0.04 13.78
C GLN C 51 -17.74 -0.26 14.68
N ALA C 52 -17.85 -1.44 15.30
CA ALA C 52 -18.92 -1.64 16.28
C ALA C 52 -18.73 -0.70 17.48
N CYS C 53 -17.50 -0.61 17.99
CA CYS C 53 -17.25 0.30 19.10
C CYS C 53 -17.55 1.73 18.69
N GLU C 54 -17.23 2.10 17.46
CA GLU C 54 -17.53 3.44 16.98
C GLU C 54 -19.03 3.67 16.93
N LYS C 55 -19.80 2.68 16.44
CA LYS C 55 -21.25 2.82 16.42
C LYS C 55 -21.79 3.09 17.80
N VAL C 56 -21.30 2.36 18.80
CA VAL C 56 -21.77 2.61 20.17
C VAL C 56 -21.30 3.98 20.65
N GLY C 57 -20.11 4.40 20.26
CA GLY C 57 -19.60 5.69 20.66
C GLY C 57 -18.14 5.64 21.08
N MET C 58 -17.73 4.50 21.63
CA MET C 58 -16.34 4.34 22.04
C MET C 58 -15.42 4.51 20.84
N GLN C 59 -14.36 5.27 21.02
CA GLN C 59 -13.35 5.49 19.98
C GLN C 59 -12.08 4.78 20.41
N ILE C 60 -11.88 3.57 19.90
CA ILE C 60 -10.71 2.79 20.32
C ILE C 60 -9.46 3.53 19.86
N PRO C 61 -8.39 3.57 20.66
CA PRO C 61 -7.17 4.23 20.20
C PRO C 61 -6.63 3.56 18.95
N ARG C 62 -5.95 4.36 18.12
CA ARG C 62 -5.47 3.85 16.86
C ARG C 62 -4.32 4.72 16.37
N PHE C 63 -3.53 4.14 15.47
CA PHE C 63 -2.48 4.88 14.77
C PHE C 63 -2.46 4.44 13.32
N CYS C 64 -2.26 3.15 13.10
CA CYS C 64 -2.07 2.62 11.76
C CYS C 64 -3.35 2.58 10.94
N TYR C 65 -4.52 2.54 11.59
CA TYR C 65 -5.78 2.41 10.87
C TYR C 65 -6.22 3.74 10.31
N HIS C 66 -6.64 3.74 9.04
CA HIS C 66 -7.24 4.90 8.41
C HIS C 66 -8.50 4.45 7.67
N GLU C 67 -9.49 5.35 7.63
CA GLU C 67 -10.78 4.97 7.07
C GLU C 67 -10.72 4.79 5.56
N ARG C 68 -9.89 5.57 4.88
CA ARG C 68 -9.80 5.54 3.43
C ARG C 68 -8.76 4.56 2.91
N LEU C 69 -7.96 3.94 3.79
CA LEU C 69 -6.87 3.07 3.40
C LEU C 69 -7.14 1.65 3.86
N SER C 70 -6.34 0.73 3.35
CA SER C 70 -6.43 -0.68 3.75
C SER C 70 -6.02 -0.84 5.20
N VAL C 71 -6.61 -1.82 5.87
CA VAL C 71 -6.26 -2.11 7.26
C VAL C 71 -4.88 -2.75 7.29
N ALA C 72 -4.09 -2.40 8.30
CA ALA C 72 -2.72 -2.86 8.41
C ALA C 72 -2.49 -3.71 9.65
N GLY C 73 -2.93 -3.24 10.82
CA GLY C 73 -2.71 -4.00 12.03
C GLY C 73 -1.30 -3.96 12.56
N ASN C 74 -0.49 -2.99 12.15
CA ASN C 74 0.89 -2.93 12.59
C ASN C 74 1.01 -2.41 14.01
N CYS C 75 0.37 -1.29 14.30
CA CYS C 75 0.63 -0.59 15.55
C CYS C 75 0.17 -1.39 16.76
N ARG C 76 -0.90 -2.17 16.63
CA ARG C 76 -1.45 -2.95 17.73
C ARG C 76 -1.96 -2.08 18.86
N MET C 77 -2.14 -0.78 18.62
CA MET C 77 -2.63 0.09 19.67
C MET C 77 -4.13 -0.11 19.93
N CYS C 78 -4.87 -0.60 18.93
CA CYS C 78 -6.31 -0.77 19.04
C CYS C 78 -6.69 -2.10 19.69
N LEU C 79 -5.80 -2.72 20.44
CA LEU C 79 -6.11 -4.00 21.05
C LEU C 79 -7.22 -3.84 22.08
N VAL C 80 -8.20 -4.74 22.03
CA VAL C 80 -9.32 -4.74 22.95
C VAL C 80 -9.57 -6.17 23.37
N GLU C 81 -10.29 -6.33 24.48
CA GLU C 81 -10.57 -7.63 25.06
C GLU C 81 -11.99 -8.05 24.73
N ILE C 82 -12.14 -9.25 24.18
CA ILE C 82 -13.44 -9.86 23.96
C ILE C 82 -13.75 -10.77 25.15
N GLU C 83 -14.93 -10.62 25.73
CA GLU C 83 -15.25 -11.32 26.96
C GLU C 83 -15.08 -12.83 26.79
N LYS C 84 -14.75 -13.48 27.91
CA LYS C 84 -14.48 -14.92 27.94
C LYS C 84 -13.70 -15.37 26.70
N ALA C 85 -12.63 -14.63 26.42
CA ALA C 85 -11.65 -15.00 25.41
C ALA C 85 -10.26 -14.86 26.00
N PRO C 86 -9.31 -15.68 25.55
CA PRO C 86 -7.98 -15.67 26.19
C PRO C 86 -7.15 -14.45 25.84
N LYS C 87 -7.00 -14.17 24.55
CA LYS C 87 -6.12 -13.11 24.08
C LYS C 87 -6.93 -11.96 23.50
N VAL C 88 -6.28 -10.81 23.42
CA VAL C 88 -6.90 -9.58 22.94
C VAL C 88 -6.79 -9.53 21.43
N VAL C 89 -7.83 -9.03 20.78
CA VAL C 89 -7.88 -8.94 19.33
C VAL C 89 -7.53 -7.53 18.91
N ALA C 90 -7.27 -7.35 17.61
CA ALA C 90 -7.00 -6.04 17.03
C ALA C 90 -8.31 -5.48 16.51
N ALA C 91 -8.83 -4.46 17.18
CA ALA C 91 -10.16 -3.97 16.87
C ALA C 91 -10.28 -3.55 15.42
N CYS C 92 -9.21 -2.96 14.86
CA CYS C 92 -9.30 -2.45 13.50
C CYS C 92 -9.39 -3.56 12.47
N ALA C 93 -8.86 -4.74 12.78
CA ALA C 93 -8.78 -5.83 11.82
C ALA C 93 -9.71 -6.99 12.10
N MET C 94 -10.20 -7.13 13.34
CA MET C 94 -10.98 -8.30 13.70
C MET C 94 -12.42 -8.14 13.24
N PRO C 95 -12.95 -9.03 12.40
CA PRO C 95 -14.38 -8.97 12.07
C PRO C 95 -15.20 -9.49 13.23
N VAL C 96 -16.27 -8.77 13.55
CA VAL C 96 -17.05 -9.11 14.74
C VAL C 96 -17.87 -10.36 14.50
N MET C 97 -18.26 -11.01 15.60
CA MET C 97 -19.04 -12.24 15.56
C MET C 97 -20.23 -12.12 16.49
N LYS C 98 -21.25 -12.92 16.21
CA LYS C 98 -22.49 -12.87 16.99
C LYS C 98 -22.21 -13.12 18.46
N GLY C 99 -22.88 -12.33 19.31
CA GLY C 99 -22.82 -12.53 20.74
C GLY C 99 -21.57 -12.03 21.42
N TRP C 100 -20.58 -11.58 20.65
CA TRP C 100 -19.34 -11.10 21.25
C TRP C 100 -19.61 -9.90 22.14
N ASN C 101 -19.00 -9.92 23.33
CA ASN C 101 -19.02 -8.78 24.24
C ASN C 101 -17.66 -8.12 24.20
N ILE C 102 -17.62 -6.88 23.73
CA ILE C 102 -16.38 -6.14 23.57
C ILE C 102 -16.19 -5.26 24.80
N LEU C 103 -15.21 -5.61 25.64
CA LEU C 103 -14.90 -4.82 26.82
C LEU C 103 -13.78 -3.84 26.48
N THR C 104 -14.06 -2.55 26.62
CA THR C 104 -13.13 -1.51 26.24
C THR C 104 -12.47 -0.82 27.42
N ASN C 105 -13.02 -0.94 28.62
CA ASN C 105 -12.42 -0.36 29.82
C ASN C 105 -11.87 -1.44 30.75
N SER C 106 -11.58 -2.62 30.21
CA SER C 106 -11.14 -3.73 31.02
C SER C 106 -9.66 -3.58 31.39
N GLU C 107 -9.27 -4.31 32.44
CA GLU C 107 -7.87 -4.30 32.84
C GLU C 107 -6.97 -4.78 31.71
N LYS C 108 -7.37 -5.88 31.05
CA LYS C 108 -6.53 -6.44 29.99
C LYS C 108 -6.37 -5.44 28.85
N SER C 109 -7.47 -4.81 28.44
CA SER C 109 -7.39 -3.85 27.35
C SER C 109 -6.53 -2.66 27.72
N LYS C 110 -6.76 -2.10 28.92
CA LYS C 110 -5.99 -0.93 29.33
C LYS C 110 -4.51 -1.24 29.46
N LYS C 111 -4.18 -2.42 29.98
CA LYS C 111 -2.78 -2.80 30.10
C LYS C 111 -2.16 -3.03 28.73
N ALA C 112 -2.91 -3.60 27.79
CA ALA C 112 -2.40 -3.75 26.44
C ALA C 112 -2.12 -2.39 25.81
N ARG C 113 -3.02 -1.43 25.99
CA ARG C 113 -2.79 -0.09 25.46
C ARG C 113 -1.57 0.55 26.10
N GLU C 114 -1.43 0.41 27.42
CA GLU C 114 -0.26 1.00 28.09
C GLU C 114 1.03 0.38 27.57
N GLY C 115 1.06 -0.94 27.43
CA GLY C 115 2.26 -1.58 26.91
C GLY C 115 2.59 -1.15 25.49
N VAL C 116 1.58 -1.09 24.63
CA VAL C 116 1.82 -0.69 23.25
C VAL C 116 2.33 0.73 23.20
N MET C 117 1.76 1.63 24.00
CA MET C 117 2.22 3.00 24.01
C MET C 117 3.66 3.08 24.53
N GLU C 118 3.99 2.26 25.54
CA GLU C 118 5.35 2.25 26.04
C GLU C 118 6.33 1.83 24.95
N PHE C 119 5.97 0.78 24.20
CA PHE C 119 6.85 0.35 23.11
C PHE C 119 6.97 1.43 22.04
N LEU C 120 5.86 2.10 21.71
CA LEU C 120 5.91 3.16 20.73
C LEU C 120 6.85 4.27 21.18
N LEU C 121 6.80 4.63 22.46
CA LEU C 121 7.58 5.74 22.97
C LEU C 121 9.01 5.38 23.32
N ALA C 122 9.35 4.09 23.36
CA ALA C 122 10.71 3.70 23.75
C ALA C 122 11.75 4.39 22.88
N ASN C 123 11.62 4.29 21.56
CA ASN C 123 12.63 4.79 20.63
C ASN C 123 12.29 6.15 20.05
N HIS C 124 11.22 6.78 20.52
CA HIS C 124 10.83 8.07 19.97
C HIS C 124 11.83 9.14 20.41
N PRO C 125 12.09 10.13 19.56
CA PRO C 125 13.01 11.21 19.94
C PRO C 125 12.30 12.32 20.69
N LEU C 126 13.00 12.91 21.64
CA LEU C 126 12.45 13.98 22.46
C LEU C 126 12.50 15.30 21.70
N ASP C 127 11.60 15.40 20.71
CA ASP C 127 11.56 16.54 19.82
C ASP C 127 10.30 17.38 19.96
N CYS C 128 9.50 17.13 20.99
CA CYS C 128 8.19 17.79 21.06
C CYS C 128 8.28 19.30 20.95
N PRO C 129 9.16 20.01 21.65
CA PRO C 129 9.25 21.45 21.46
C PRO C 129 9.54 21.86 20.02
N ILE C 130 10.40 21.13 19.32
CA ILE C 130 10.80 21.50 17.97
C ILE C 130 10.08 20.65 16.92
N CYS C 131 8.93 20.07 17.28
CA CYS C 131 8.19 19.20 16.39
C CYS C 131 6.96 19.94 15.87
N ASP C 132 6.74 19.88 14.55
CA ASP C 132 5.60 20.58 13.96
C ASP C 132 4.28 20.00 14.44
N GLN C 133 4.25 18.75 14.88
CA GLN C 133 3.05 18.18 15.47
C GLN C 133 2.97 18.58 16.94
N GLY C 134 3.02 19.88 17.21
CA GLY C 134 3.04 20.35 18.59
C GLY C 134 1.81 19.94 19.36
N GLY C 135 0.71 20.64 19.15
CA GLY C 135 -0.54 20.37 19.81
C GLY C 135 -1.52 19.52 19.03
N GLU C 136 -1.11 18.98 17.88
CA GLU C 136 -1.96 18.10 17.08
C GLU C 136 -1.47 16.67 17.07
N CYS C 137 -0.61 16.30 18.02
CA CYS C 137 0.03 14.99 17.97
C CYS C 137 -0.87 13.93 18.58
N ASP C 138 -1.29 12.97 17.75
CA ASP C 138 -2.06 11.86 18.28
C ASP C 138 -1.24 11.02 19.26
N LEU C 139 0.07 10.91 19.05
CA LEU C 139 0.89 10.21 20.03
C LEU C 139 0.84 10.91 21.38
N GLN C 140 0.94 12.23 21.39
CA GLN C 140 0.82 12.97 22.65
C GLN C 140 -0.55 12.74 23.27
N ASP C 141 -1.61 12.91 22.48
CA ASP C 141 -2.96 12.82 23.03
C ASP C 141 -3.22 11.43 23.62
N GLN C 142 -2.86 10.39 22.87
CA GLN C 142 -3.13 9.03 23.33
C GLN C 142 -2.16 8.59 24.41
N SER C 143 -0.97 9.19 24.51
CA SER C 143 -0.13 8.94 25.67
C SER C 143 -0.75 9.55 26.92
N MET C 144 -1.27 10.77 26.79
CA MET C 144 -1.91 11.40 27.95
C MET C 144 -3.14 10.62 28.39
N MET C 145 -3.95 10.15 27.43
CA MET C 145 -5.20 9.50 27.78
C MET C 145 -5.00 8.05 28.19
N PHE C 146 -4.39 7.24 27.33
CA PHE C 146 -4.35 5.80 27.50
C PHE C 146 -2.99 5.25 27.90
N GLY C 147 -1.94 6.08 27.92
CA GLY C 147 -0.61 5.61 28.23
C GLY C 147 -0.26 5.77 29.70
N SER C 148 0.96 5.39 30.03
CA SER C 148 1.51 5.59 31.36
C SER C 148 2.11 6.99 31.48
N ASP C 149 2.46 7.38 32.70
CA ASP C 149 2.96 8.71 32.98
C ASP C 149 4.46 8.75 33.23
N ARG C 150 5.17 7.65 32.99
CA ARG C 150 6.60 7.60 33.23
C ARG C 150 7.23 6.57 32.31
N SER C 151 8.54 6.69 32.15
CA SER C 151 9.30 5.82 31.25
C SER C 151 10.29 5.00 32.05
N ARG C 152 10.33 3.70 31.78
CA ARG C 152 11.30 2.79 32.38
C ARG C 152 12.30 2.26 31.35
N PHE C 153 12.37 2.89 30.19
CA PHE C 153 13.33 2.53 29.15
C PHE C 153 14.67 3.17 29.51
N LEU C 154 15.66 2.33 29.83
CA LEU C 154 16.94 2.83 30.32
C LEU C 154 18.06 2.50 29.35
N GLU C 155 17.86 2.79 28.07
CA GLU C 155 18.85 2.48 27.05
C GLU C 155 19.01 3.67 26.11
N GLY C 156 19.75 3.47 25.01
CA GLY C 156 19.94 4.50 24.01
C GLY C 156 18.98 4.27 22.85
N LYS C 157 18.32 5.35 22.45
CA LYS C 157 17.34 5.28 21.38
C LYS C 157 18.03 5.11 20.02
N ARG C 158 17.28 4.61 19.06
CA ARG C 158 17.79 4.53 17.70
C ARG C 158 17.76 5.91 17.06
N ALA C 159 18.45 6.05 15.92
CA ALA C 159 18.51 7.32 15.21
C ALA C 159 18.58 7.02 13.72
N VAL C 160 17.52 7.35 13.01
CA VAL C 160 17.46 7.15 11.57
C VAL C 160 18.00 8.41 10.90
N GLU C 161 18.52 8.24 9.69
CA GLU C 161 19.03 9.37 8.91
C GLU C 161 17.89 9.93 8.05
N ASP C 162 17.84 11.25 7.99
CA ASP C 162 16.85 11.92 7.16
C ASP C 162 17.24 11.84 5.70
N LYS C 163 16.24 11.93 4.83
CA LYS C 163 16.43 11.78 3.39
C LYS C 163 15.70 12.89 2.65
N ASN C 164 16.31 13.36 1.57
CA ASN C 164 15.70 14.40 0.75
C ASN C 164 14.66 13.77 -0.15
N ILE C 165 13.42 14.23 -0.02
CA ILE C 165 12.29 13.66 -0.75
C ILE C 165 11.56 14.73 -1.57
N GLY C 166 12.25 15.82 -1.89
CA GLY C 166 11.67 16.88 -2.70
C GLY C 166 11.52 18.17 -1.92
N PRO C 167 11.10 19.24 -2.61
CA PRO C 167 11.01 20.55 -1.96
C PRO C 167 9.75 20.77 -1.14
N LEU C 168 8.81 19.82 -1.15
CA LEU C 168 7.52 20.02 -0.49
C LEU C 168 7.37 19.26 0.82
N VAL C 169 8.07 18.15 1.00
CA VAL C 169 7.90 17.30 2.16
C VAL C 169 9.23 17.19 2.89
N LYS C 170 9.23 17.52 4.18
CA LYS C 170 10.42 17.38 5.01
C LYS C 170 10.33 16.08 5.78
N THR C 171 11.40 15.28 5.72
CA THR C 171 11.44 13.97 6.34
C THR C 171 12.32 14.03 7.57
N ILE C 172 11.70 13.91 8.74
CA ILE C 172 12.43 13.73 10.00
C ILE C 172 12.12 12.33 10.50
N MET C 173 12.69 11.33 9.82
CA MET C 173 12.24 9.95 10.00
C MET C 173 12.52 9.40 11.39
N THR C 174 13.36 10.04 12.19
CA THR C 174 13.60 9.53 13.53
C THR C 174 12.32 9.49 14.35
N ARG C 175 11.31 10.28 13.98
CA ARG C 175 10.04 10.28 14.66
C ARG C 175 9.07 9.23 14.15
N CYS C 176 9.39 8.59 13.03
CA CYS C 176 8.46 7.64 12.42
C CYS C 176 8.15 6.50 13.39
N ILE C 177 6.89 6.08 13.39
CA ILE C 177 6.45 4.94 14.17
C ILE C 177 6.15 3.73 13.28
N GLN C 178 6.57 3.78 12.02
CA GLN C 178 6.40 2.66 11.10
C GLN C 178 4.94 2.22 11.00
N CYS C 179 4.05 3.21 10.97
CA CYS C 179 2.63 2.92 10.84
C CYS C 179 2.25 2.58 9.40
N THR C 180 2.90 3.20 8.43
CA THR C 180 2.76 2.90 7.01
C THR C 180 1.53 3.53 6.38
N ARG C 181 0.91 4.51 7.02
CA ARG C 181 -0.17 5.23 6.34
C ARG C 181 0.36 5.92 5.09
N CYS C 182 1.57 6.47 5.16
CA CYS C 182 2.15 7.10 3.98
C CYS C 182 2.34 6.09 2.86
N ILE C 183 2.86 4.91 3.17
CA ILE C 183 3.06 3.89 2.15
C ILE C 183 1.72 3.50 1.54
N ARG C 184 0.73 3.24 2.37
CA ARG C 184 -0.57 2.81 1.86
C ARG C 184 -1.21 3.90 1.00
N PHE C 185 -1.13 5.15 1.43
CA PHE C 185 -1.69 6.24 0.65
C PHE C 185 -1.01 6.36 -0.69
N ALA C 186 0.32 6.29 -0.71
CA ALA C 186 1.05 6.39 -1.97
C ALA C 186 0.70 5.23 -2.89
N SER C 187 0.54 4.03 -2.33
CA SER C 187 0.30 2.87 -3.16
C SER C 187 -1.13 2.85 -3.71
N GLU C 188 -2.11 3.28 -2.92
CA GLU C 188 -3.51 3.14 -3.27
C GLU C 188 -4.11 4.45 -3.77
N ILE C 189 -4.12 5.48 -2.92
CA ILE C 189 -4.83 6.71 -3.27
C ILE C 189 -4.12 7.43 -4.40
N ALA C 190 -2.80 7.56 -4.32
CA ALA C 190 -2.04 8.27 -5.34
C ALA C 190 -1.52 7.36 -6.44
N GLY C 191 -1.41 6.06 -6.19
CA GLY C 191 -0.99 5.13 -7.22
C GLY C 191 0.37 5.45 -7.77
N VAL C 192 1.34 5.70 -6.90
CA VAL C 192 2.68 6.08 -7.31
C VAL C 192 3.70 4.96 -7.12
N ASP C 193 3.54 4.13 -6.09
CA ASP C 193 4.43 2.98 -5.87
C ASP C 193 5.89 3.42 -5.72
N ASP C 194 6.11 4.52 -4.98
CA ASP C 194 7.45 5.02 -4.72
C ASP C 194 7.93 4.77 -3.30
N LEU C 195 7.06 4.89 -2.31
CA LEU C 195 7.43 4.68 -0.92
C LEU C 195 7.31 3.21 -0.54
N GLY C 196 8.10 2.81 0.44
CA GLY C 196 8.06 1.44 0.91
C GLY C 196 8.91 1.30 2.15
N THR C 197 8.85 0.12 2.75
CA THR C 197 9.62 -0.21 3.93
C THR C 197 10.82 -1.05 3.52
N THR C 198 12.02 -0.57 3.86
CA THR C 198 13.25 -1.27 3.53
C THR C 198 13.90 -1.78 4.81
N GLY C 199 14.55 -2.93 4.72
CA GLY C 199 15.16 -3.55 5.88
C GLY C 199 14.17 -4.39 6.65
N ARG C 200 14.53 -4.69 7.88
CA ARG C 200 13.66 -5.45 8.77
C ARG C 200 14.11 -5.24 10.20
N GLY C 201 13.24 -5.65 11.13
CA GLY C 201 13.56 -5.52 12.54
C GLY C 201 13.48 -4.08 13.00
N ASN C 202 14.22 -3.78 14.07
CA ASN C 202 14.26 -2.42 14.59
C ASN C 202 14.90 -1.44 13.62
N ASP C 203 15.56 -1.93 12.58
CA ASP C 203 16.20 -1.08 11.59
C ASP C 203 15.31 -0.82 10.39
N MET C 204 14.06 -1.27 10.40
CA MET C 204 13.17 -1.02 9.29
C MET C 204 13.05 0.48 9.06
N GLN C 205 13.10 0.88 7.79
CA GLN C 205 13.06 2.28 7.42
C GLN C 205 12.03 2.49 6.32
N VAL C 206 11.26 3.57 6.45
CA VAL C 206 10.22 3.92 5.49
C VAL C 206 10.75 5.01 4.59
N GLY C 207 10.71 4.78 3.29
CA GLY C 207 11.16 5.76 2.33
C GLY C 207 11.56 5.10 1.03
N THR C 208 12.07 5.93 0.13
CA THR C 208 12.58 5.45 -1.14
C THR C 208 14.02 4.97 -0.96
N TYR C 209 14.28 3.73 -1.33
CA TYR C 209 15.62 3.18 -1.18
C TYR C 209 16.67 4.06 -1.84
N ILE C 210 16.32 4.64 -2.98
CA ILE C 210 17.22 5.51 -3.73
C ILE C 210 16.89 6.96 -3.41
N GLU C 211 17.64 7.89 -4.00
CA GLU C 211 17.41 9.31 -3.76
C GLU C 211 16.30 9.83 -4.65
N LYS C 212 15.16 9.15 -4.63
CA LYS C 212 14.01 9.55 -5.43
C LYS C 212 13.45 10.87 -4.90
N MET C 213 12.56 11.47 -5.69
CA MET C 213 11.78 12.61 -5.25
C MET C 213 10.30 12.22 -5.28
N PHE C 214 9.61 12.43 -4.17
CA PHE C 214 8.21 12.06 -4.06
C PHE C 214 7.36 13.22 -4.59
N MET C 215 7.33 13.33 -5.92
CA MET C 215 6.60 14.38 -6.60
C MET C 215 5.33 13.79 -7.19
N SER C 216 4.19 14.36 -6.81
CA SER C 216 2.90 13.96 -7.35
C SER C 216 1.90 15.06 -7.02
N GLU C 217 0.79 15.07 -7.74
CA GLU C 217 -0.24 16.06 -7.50
C GLU C 217 -0.96 15.86 -6.17
N LEU C 218 -0.74 14.72 -5.50
CA LEU C 218 -1.36 14.45 -4.20
C LEU C 218 -0.34 14.17 -3.12
N SER C 219 0.92 14.55 -3.33
CA SER C 219 1.97 14.19 -2.39
C SER C 219 1.76 14.82 -1.02
N GLY C 220 1.15 16.01 -0.97
CA GLY C 220 1.05 16.72 0.30
C GLY C 220 0.30 15.96 1.36
N ASN C 221 -0.75 15.24 0.96
CA ASN C 221 -1.64 14.61 1.93
C ASN C 221 -0.92 13.62 2.83
N VAL C 222 0.26 13.16 2.41
CA VAL C 222 1.08 12.33 3.28
C VAL C 222 1.36 13.06 4.59
N ILE C 223 1.49 14.39 4.53
CA ILE C 223 1.73 15.18 5.73
C ILE C 223 0.58 15.01 6.70
N ASP C 224 -0.66 15.05 6.20
CA ASP C 224 -1.81 14.86 7.07
C ASP C 224 -1.84 13.44 7.63
N ILE C 225 -1.62 12.44 6.79
CA ILE C 225 -1.81 11.08 7.28
C ILE C 225 -0.72 10.65 8.22
N CYS C 226 0.46 11.28 8.17
CA CYS C 226 1.50 10.89 9.12
C CYS C 226 1.06 11.21 10.54
N PRO C 227 0.71 10.21 11.36
CA PRO C 227 0.20 10.52 12.70
C PRO C 227 1.19 11.28 13.56
N VAL C 228 2.48 11.00 13.38
CA VAL C 228 3.52 11.71 14.11
C VAL C 228 4.11 12.77 13.18
N GLY C 229 5.22 13.38 13.59
CA GLY C 229 5.76 14.49 12.83
C GLY C 229 6.90 14.09 11.91
N ALA C 230 6.90 12.84 11.46
CA ALA C 230 7.99 12.37 10.62
C ALA C 230 7.97 13.02 9.24
N LEU C 231 6.79 13.31 8.72
CA LEU C 231 6.64 13.94 7.41
C LEU C 231 5.88 15.25 7.60
N THR C 232 6.56 16.36 7.31
CA THR C 232 6.00 17.68 7.50
C THR C 232 6.31 18.54 6.28
N SER C 233 5.75 19.75 6.27
CA SER C 233 5.81 20.63 5.11
C SER C 233 6.97 21.61 5.28
N LYS C 234 7.84 21.66 4.27
CA LYS C 234 8.96 22.60 4.33
C LYS C 234 8.48 24.04 4.40
N PRO C 235 7.53 24.49 3.57
CA PRO C 235 7.13 25.91 3.64
C PRO C 235 6.55 26.32 4.98
N TYR C 236 5.83 25.45 5.67
CA TYR C 236 5.14 25.80 6.91
C TYR C 236 5.98 25.54 8.14
N ALA C 237 7.14 24.91 8.01
CA ALA C 237 7.87 24.42 9.17
C ALA C 237 8.14 25.54 10.17
N PHE C 238 7.92 25.23 11.44
CA PHE C 238 8.29 26.05 12.60
C PHE C 238 7.47 27.33 12.72
N THR C 239 6.56 27.60 11.78
CA THR C 239 5.99 28.94 11.71
C THR C 239 5.05 29.23 12.88
N ALA C 240 4.25 28.25 13.30
CA ALA C 240 3.24 28.51 14.31
C ALA C 240 2.87 27.21 15.01
N ARG C 241 1.98 27.32 15.99
CA ARG C 241 1.47 26.19 16.75
C ARG C 241 -0.04 26.08 16.57
N PRO C 242 -0.58 24.85 16.62
CA PRO C 242 -1.99 24.68 16.26
C PRO C 242 -2.95 25.44 17.14
N TRP C 243 -2.68 25.55 18.45
CA TRP C 243 -3.63 26.21 19.33
C TRP C 243 -3.75 27.69 19.03
N GLU C 244 -2.74 28.30 18.41
CA GLU C 244 -2.81 29.71 18.04
C GLU C 244 -3.71 29.94 16.83
N THR C 245 -3.62 29.06 15.83
CA THR C 245 -4.25 29.33 14.56
C THR C 245 -5.76 29.32 14.67
N ARG C 246 -6.40 30.14 13.83
CA ARG C 246 -7.86 30.20 13.73
C ARG C 246 -8.27 29.50 12.44
N LYS C 247 -9.17 28.53 12.55
CA LYS C 247 -9.51 27.64 11.44
C LYS C 247 -10.78 28.14 10.77
N THR C 248 -10.62 28.72 9.58
CA THR C 248 -11.75 29.12 8.74
C THR C 248 -12.09 28.00 7.76
N GLU C 249 -13.31 28.05 7.24
CA GLU C 249 -13.80 27.03 6.31
C GLU C 249 -14.14 27.70 4.99
N SER C 250 -13.33 27.43 3.97
CA SER C 250 -13.52 28.05 2.67
C SER C 250 -13.35 26.99 1.59
N ILE C 251 -13.32 27.42 0.34
CA ILE C 251 -13.28 26.55 -0.83
C ILE C 251 -12.04 26.89 -1.63
N ASP C 252 -11.51 25.88 -2.31
CA ASP C 252 -10.35 26.05 -3.19
C ASP C 252 -10.79 26.50 -4.58
N VAL C 253 -9.95 27.32 -5.21
CA VAL C 253 -10.27 27.88 -6.51
C VAL C 253 -9.11 27.66 -7.48
N MET C 254 -8.22 26.73 -7.16
CA MET C 254 -7.12 26.42 -8.06
C MET C 254 -7.54 25.51 -9.19
N ASP C 255 -8.78 25.03 -9.19
CA ASP C 255 -9.33 24.21 -10.26
C ASP C 255 -10.84 24.21 -10.10
N ALA C 256 -11.52 23.51 -10.99
CA ALA C 256 -12.97 23.46 -11.00
C ALA C 256 -13.54 22.38 -10.11
N VAL C 257 -12.70 21.66 -9.35
CA VAL C 257 -13.22 20.64 -8.45
C VAL C 257 -13.94 21.29 -7.27
N GLY C 258 -13.39 22.37 -6.73
CA GLY C 258 -14.00 23.01 -5.58
C GLY C 258 -13.67 22.34 -4.26
N SER C 259 -12.45 21.82 -4.12
CA SER C 259 -12.03 21.14 -2.90
C SER C 259 -12.33 21.97 -1.66
N ASN C 260 -13.17 21.45 -0.78
CA ASN C 260 -13.39 22.09 0.51
C ASN C 260 -12.10 22.11 1.30
N ILE C 261 -11.75 23.26 1.85
CA ILE C 261 -10.48 23.45 2.54
C ILE C 261 -10.69 24.22 3.84
N VAL C 262 -9.70 24.12 4.71
CA VAL C 262 -9.66 24.87 5.97
C VAL C 262 -8.44 25.76 5.93
N VAL C 263 -8.64 27.06 6.14
CA VAL C 263 -7.56 28.04 6.12
C VAL C 263 -7.17 28.34 7.56
N SER C 264 -5.90 28.11 7.90
CA SER C 264 -5.40 28.38 9.23
C SER C 264 -4.81 29.78 9.26
N THR C 265 -5.34 30.63 10.14
CA THR C 265 -4.97 32.03 10.20
C THR C 265 -4.44 32.34 11.59
N ARG C 266 -3.34 33.09 11.64
CA ARG C 266 -2.78 33.59 12.89
C ARG C 266 -2.47 35.07 12.74
N THR C 267 -3.17 35.90 13.51
CA THR C 267 -2.98 37.35 13.49
C THR C 267 -3.02 37.89 12.06
N GLY C 268 -4.16 37.68 11.41
CA GLY C 268 -4.38 38.24 10.09
C GLY C 268 -3.38 37.79 9.06
N GLU C 269 -3.03 36.51 9.07
CA GLU C 269 -2.09 35.95 8.11
C GLU C 269 -2.47 34.49 7.87
N VAL C 270 -2.26 34.04 6.64
CA VAL C 270 -2.52 32.63 6.31
C VAL C 270 -1.30 31.81 6.73
N MET C 271 -1.51 30.84 7.59
CA MET C 271 -0.42 30.00 8.07
C MET C 271 -0.24 28.74 7.23
N ARG C 272 -1.35 28.16 6.77
CA ARG C 272 -1.32 26.95 5.97
C ARG C 272 -2.74 26.62 5.54
N ILE C 273 -2.84 25.81 4.49
CA ILE C 273 -4.12 25.35 3.96
C ILE C 273 -4.24 23.87 4.26
N LEU C 274 -5.42 23.46 4.73
CA LEU C 274 -5.66 22.07 5.10
C LEU C 274 -6.93 21.58 4.45
N PRO C 275 -7.06 20.27 4.23
CA PRO C 275 -8.27 19.74 3.62
C PRO C 275 -9.43 19.71 4.59
N ARG C 276 -10.63 19.71 4.03
CA ARG C 276 -11.87 19.59 4.79
C ARG C 276 -12.69 18.46 4.21
N MET C 277 -13.18 17.57 5.06
CA MET C 277 -13.83 16.36 4.59
C MET C 277 -15.13 16.70 3.87
N HIS C 278 -15.20 16.34 2.59
CA HIS C 278 -16.45 16.40 1.83
C HIS C 278 -16.53 15.10 1.03
N GLU C 279 -17.37 14.18 1.50
CA GLU C 279 -17.41 12.85 0.89
C GLU C 279 -17.73 12.92 -0.59
N ASP C 280 -18.45 13.95 -1.01
CA ASP C 280 -18.90 14.06 -2.39
C ASP C 280 -17.94 14.82 -3.29
N ILE C 281 -16.85 15.36 -2.74
CA ILE C 281 -15.87 16.08 -3.54
C ILE C 281 -14.46 15.71 -3.08
N ASN C 282 -14.06 16.25 -1.94
CA ASN C 282 -12.69 16.12 -1.45
C ASN C 282 -12.38 14.72 -0.98
N GLU C 283 -13.06 14.27 0.07
CA GLU C 283 -12.81 12.98 0.68
C GLU C 283 -11.54 13.00 1.50
N GLU C 284 -11.18 14.17 2.03
CA GLU C 284 -10.09 14.42 2.99
C GLU C 284 -8.80 14.87 2.32
N TRP C 285 -8.64 14.70 1.01
CA TRP C 285 -7.41 15.04 0.32
C TRP C 285 -7.55 16.34 -0.45
N ILE C 286 -6.42 16.94 -0.78
CA ILE C 286 -6.35 18.12 -1.63
C ILE C 286 -5.09 18.05 -2.47
N SER C 287 -5.12 18.69 -3.63
CA SER C 287 -3.99 18.66 -4.54
C SER C 287 -2.81 19.44 -3.97
N ASP C 288 -1.62 19.10 -4.44
CA ASP C 288 -0.42 19.76 -3.95
C ASP C 288 -0.44 21.25 -4.27
N LYS C 289 -0.93 21.62 -5.45
CA LYS C 289 -1.07 23.03 -5.78
C LYS C 289 -2.01 23.73 -4.80
N THR C 290 -3.21 23.17 -4.62
CA THR C 290 -4.15 23.75 -3.66
C THR C 290 -3.49 23.93 -2.30
N ARG C 291 -2.69 22.96 -1.88
CA ARG C 291 -2.10 23.02 -0.55
C ARG C 291 -1.02 24.08 -0.46
N PHE C 292 -0.13 24.15 -1.44
CA PHE C 292 1.12 24.88 -1.29
C PHE C 292 1.20 26.17 -2.10
N ALA C 293 0.13 26.56 -2.78
CA ALA C 293 0.16 27.80 -3.55
C ALA C 293 -0.29 29.00 -2.74
N TYR C 294 -0.61 28.83 -1.45
CA TYR C 294 -1.02 29.96 -0.63
C TYR C 294 0.10 30.97 -0.43
N ASP C 295 1.34 30.60 -0.74
CA ASP C 295 2.44 31.55 -0.63
C ASP C 295 2.25 32.71 -1.59
N GLY C 296 1.69 32.45 -2.77
CA GLY C 296 1.57 33.49 -3.77
C GLY C 296 0.76 34.69 -3.29
N LEU C 297 -0.15 34.46 -2.35
CA LEU C 297 -0.99 35.56 -1.87
C LEU C 297 -0.17 36.65 -1.20
N LYS C 298 1.07 36.37 -0.82
CA LYS C 298 1.92 37.32 -0.10
C LYS C 298 3.03 37.86 -0.99
N ARG C 299 2.80 37.91 -2.30
CA ARG C 299 3.79 38.41 -3.23
C ARG C 299 3.09 39.00 -4.44
N GLN C 300 3.77 39.93 -5.11
CA GLN C 300 3.25 40.59 -6.31
C GLN C 300 1.76 40.88 -6.16
N ARG C 301 1.44 41.60 -5.09
CA ARG C 301 0.06 41.82 -4.67
C ARG C 301 -0.31 43.28 -4.87
N LEU C 302 -1.42 43.52 -5.56
CA LEU C 302 -1.93 44.87 -5.75
C LEU C 302 -2.63 45.31 -4.47
N THR C 303 -2.14 46.39 -3.86
CA THR C 303 -2.59 46.80 -2.54
C THR C 303 -3.07 48.24 -2.48
N GLU C 304 -3.23 48.91 -3.62
CA GLU C 304 -3.71 50.29 -3.61
C GLU C 304 -4.19 50.64 -5.00
N PRO C 305 -5.19 51.51 -5.13
CA PRO C 305 -5.59 51.98 -6.46
C PRO C 305 -4.41 52.66 -7.14
N MET C 306 -4.33 52.49 -8.45
CA MET C 306 -3.19 52.97 -9.20
C MET C 306 -3.68 53.36 -10.59
N VAL C 307 -3.23 54.53 -11.06
CA VAL C 307 -3.74 55.07 -12.32
C VAL C 307 -2.59 55.75 -13.05
N ARG C 308 -2.92 56.50 -14.10
CA ARG C 308 -1.93 57.25 -14.85
C ARG C 308 -0.98 56.31 -15.58
N ASN C 309 -1.45 55.72 -16.67
CA ASN C 309 -0.58 55.03 -17.61
C ASN C 309 -0.36 55.83 -18.89
N GLU C 310 -1.29 56.72 -19.22
CA GLU C 310 -1.10 57.59 -20.39
C GLU C 310 -0.02 58.61 -20.15
N LYS C 311 0.05 59.18 -18.95
CA LYS C 311 1.06 60.18 -18.63
C LYS C 311 2.45 59.58 -18.52
N GLY C 312 2.57 58.25 -18.52
CA GLY C 312 3.87 57.62 -18.46
C GLY C 312 3.84 56.31 -17.69
N LEU C 313 4.10 56.40 -16.38
CA LEU C 313 4.18 55.23 -15.51
C LEU C 313 3.05 55.25 -14.51
N LEU C 314 2.63 54.05 -14.10
CA LEU C 314 1.56 53.91 -13.12
C LEU C 314 1.99 54.50 -11.78
N THR C 315 1.11 55.27 -11.15
CA THR C 315 1.37 55.86 -9.85
C THR C 315 0.14 55.71 -8.97
N TYR C 316 0.40 55.54 -7.67
CA TYR C 316 -0.70 55.32 -6.74
C TYR C 316 -1.61 56.53 -6.67
N THR C 317 -2.88 56.27 -6.38
CA THR C 317 -3.86 57.33 -6.15
C THR C 317 -4.85 56.88 -5.08
N SER C 318 -6.07 57.41 -5.12
CA SER C 318 -7.10 57.05 -4.16
C SER C 318 -8.32 56.49 -4.89
N TRP C 319 -9.18 55.82 -4.12
CA TRP C 319 -10.36 55.21 -4.71
C TRP C 319 -11.25 56.24 -5.38
N GLU C 320 -11.54 57.34 -4.69
CA GLU C 320 -12.47 58.32 -5.24
C GLU C 320 -11.91 59.00 -6.47
N ASP C 321 -10.60 58.91 -6.72
CA ASP C 321 -10.00 59.45 -7.93
C ASP C 321 -9.98 58.44 -9.07
N ALA C 322 -9.50 57.23 -8.78
CA ALA C 322 -9.45 56.20 -9.82
C ALA C 322 -10.85 55.87 -10.32
N LEU C 323 -11.80 55.71 -9.40
CA LEU C 323 -13.17 55.45 -9.80
C LEU C 323 -13.76 56.61 -10.56
N SER C 324 -13.38 57.84 -10.23
CA SER C 324 -13.86 58.99 -10.99
C SER C 324 -13.38 58.93 -12.42
N ARG C 325 -12.10 58.61 -12.64
CA ARG C 325 -11.60 58.48 -14.01
C ARG C 325 -12.31 57.36 -14.75
N VAL C 326 -12.48 56.21 -14.10
CA VAL C 326 -13.16 55.09 -14.74
C VAL C 326 -14.58 55.48 -15.11
N ALA C 327 -15.29 56.14 -14.20
CA ALA C 327 -16.67 56.54 -14.45
C ALA C 327 -16.75 57.54 -15.59
N GLY C 328 -15.80 58.47 -15.66
CA GLY C 328 -15.78 59.41 -16.77
C GLY C 328 -15.67 58.69 -18.10
N MET C 329 -14.72 57.75 -18.20
CA MET C 329 -14.57 57.01 -19.44
C MET C 329 -15.82 56.21 -19.77
N LEU C 330 -16.41 55.56 -18.76
CA LEU C 330 -17.61 54.77 -19.00
C LEU C 330 -18.75 55.64 -19.49
N GLN C 331 -18.95 56.80 -18.88
CA GLN C 331 -19.99 57.72 -19.33
C GLN C 331 -19.74 58.13 -20.76
N ASN C 332 -18.49 58.42 -21.11
CA ASN C 332 -18.19 58.80 -22.48
C ASN C 332 -18.57 57.69 -23.46
N PHE C 333 -18.25 56.45 -23.13
CA PHE C 333 -18.51 55.35 -24.04
C PHE C 333 -19.88 54.72 -23.77
N GLU C 334 -20.27 53.82 -24.66
CA GLU C 334 -21.54 53.11 -24.57
C GLU C 334 -21.57 52.06 -25.67
N GLY C 335 -22.64 51.27 -25.70
CA GLY C 335 -22.78 50.27 -26.73
C GLY C 335 -21.72 49.18 -26.60
N ASN C 336 -21.39 48.57 -27.73
CA ASN C 336 -20.38 47.52 -27.75
C ASN C 336 -18.96 48.05 -27.71
N ALA C 337 -18.78 49.37 -27.66
CA ALA C 337 -17.45 49.94 -27.55
C ALA C 337 -16.81 49.66 -26.20
N VAL C 338 -17.57 49.16 -25.23
CA VAL C 338 -17.05 48.76 -23.93
C VAL C 338 -17.28 47.26 -23.78
N ALA C 339 -16.30 46.58 -23.21
CA ALA C 339 -16.39 45.14 -23.05
C ALA C 339 -15.58 44.73 -21.83
N ALA C 340 -15.90 43.54 -21.31
CA ALA C 340 -15.29 43.04 -20.10
C ALA C 340 -14.78 41.62 -20.32
N ILE C 341 -13.75 41.26 -19.56
CA ILE C 341 -13.17 39.93 -19.59
C ILE C 341 -13.07 39.43 -18.16
N ALA C 342 -13.59 38.24 -17.92
CA ALA C 342 -13.46 37.55 -16.64
C ALA C 342 -12.57 36.34 -16.83
N GLY C 343 -11.64 36.13 -15.92
CA GLY C 343 -10.69 35.05 -16.07
C GLY C 343 -10.24 34.42 -14.77
N GLY C 344 -10.20 33.10 -14.74
CA GLY C 344 -9.62 32.38 -13.62
C GLY C 344 -10.37 32.56 -12.33
N LEU C 345 -9.75 33.27 -11.38
CA LEU C 345 -10.23 33.36 -10.01
C LEU C 345 -11.14 34.57 -9.88
N VAL C 346 -12.41 34.40 -10.22
CA VAL C 346 -13.42 35.44 -10.07
C VAL C 346 -14.66 34.82 -9.46
N ASP C 347 -15.45 35.64 -8.78
CA ASP C 347 -16.61 35.16 -8.03
C ASP C 347 -17.90 35.58 -8.72
N ALA C 348 -18.94 34.79 -8.49
CA ALA C 348 -20.22 35.04 -9.16
C ALA C 348 -20.78 36.41 -8.83
N GLU C 349 -20.55 36.90 -7.61
CA GLU C 349 -21.05 38.22 -7.25
C GLU C 349 -20.39 39.30 -8.11
N ALA C 350 -19.07 39.24 -8.27
CA ALA C 350 -18.40 40.19 -9.12
C ALA C 350 -18.86 40.03 -10.57
N LEU C 351 -19.05 38.79 -11.02
CA LEU C 351 -19.49 38.58 -12.40
C LEU C 351 -20.84 39.21 -12.65
N VAL C 352 -21.80 39.00 -11.74
CA VAL C 352 -23.13 39.54 -11.94
C VAL C 352 -23.11 41.07 -11.82
N ALA C 353 -22.30 41.60 -10.90
CA ALA C 353 -22.18 43.05 -10.79
C ALA C 353 -21.68 43.64 -12.10
N LEU C 354 -20.61 43.09 -12.65
CA LEU C 354 -20.07 43.62 -13.90
C LEU C 354 -21.06 43.46 -15.05
N LYS C 355 -21.75 42.32 -15.09
CA LYS C 355 -22.74 42.13 -16.14
C LYS C 355 -23.83 43.17 -16.08
N ASP C 356 -24.34 43.44 -14.87
CA ASP C 356 -25.39 44.44 -14.74
C ASP C 356 -24.88 45.83 -15.10
N LEU C 357 -23.65 46.14 -14.71
CA LEU C 357 -23.09 47.45 -15.06
C LEU C 357 -23.00 47.62 -16.58
N LEU C 358 -22.45 46.63 -17.26
CA LEU C 358 -22.30 46.75 -18.71
C LEU C 358 -23.66 46.76 -19.40
N ASN C 359 -24.62 45.99 -18.90
CA ASN C 359 -25.96 46.03 -19.48
C ASN C 359 -26.58 47.41 -19.33
N LYS C 360 -26.46 48.01 -18.14
CA LYS C 360 -26.97 49.36 -17.96
C LYS C 360 -26.27 50.34 -18.89
N VAL C 361 -24.99 50.10 -19.19
CA VAL C 361 -24.31 50.88 -20.22
C VAL C 361 -24.75 50.48 -21.62
N ASP C 362 -25.53 49.40 -21.75
CA ASP C 362 -25.99 48.91 -23.03
C ASP C 362 -24.89 48.17 -23.77
N SER C 363 -24.21 47.25 -23.08
CA SER C 363 -23.17 46.44 -23.67
C SER C 363 -23.44 44.97 -23.35
N ASP C 364 -22.99 44.11 -24.25
CA ASP C 364 -23.13 42.66 -24.05
C ASP C 364 -21.85 41.91 -24.42
N ASN C 365 -20.74 42.60 -24.64
CA ASN C 365 -19.49 41.96 -24.98
C ASN C 365 -18.73 41.45 -23.75
N LEU C 366 -19.44 41.18 -22.67
CA LEU C 366 -18.81 40.68 -21.46
C LEU C 366 -18.48 39.20 -21.66
N CYS C 367 -17.20 38.91 -21.88
CA CYS C 367 -16.73 37.59 -22.24
C CYS C 367 -15.94 36.97 -21.09
N THR C 368 -15.46 35.75 -21.32
CA THR C 368 -14.60 35.06 -20.39
C THR C 368 -13.44 34.44 -21.14
N GLU C 369 -12.32 34.24 -20.44
CA GLU C 369 -11.08 33.90 -21.13
C GLU C 369 -11.10 32.51 -21.74
N GLU C 370 -11.81 31.57 -21.13
CA GLU C 370 -11.81 30.19 -21.59
C GLU C 370 -12.94 29.98 -22.60
N ILE C 371 -12.60 29.38 -23.73
CA ILE C 371 -13.56 29.18 -24.80
C ILE C 371 -14.49 28.03 -24.46
N PHE C 372 -15.69 28.06 -25.05
CA PHE C 372 -16.64 26.96 -24.98
C PHE C 372 -17.44 27.01 -26.27
N PRO C 373 -17.69 25.87 -26.91
CA PRO C 373 -18.50 25.88 -28.14
C PRO C 373 -19.88 26.47 -27.89
N THR C 374 -20.20 27.54 -28.60
CA THR C 374 -21.49 28.20 -28.49
C THR C 374 -22.32 28.07 -29.76
N GLU C 375 -21.97 27.11 -30.63
CA GLU C 375 -22.66 26.98 -31.90
C GLU C 375 -23.96 26.19 -31.77
N GLY C 376 -23.94 25.09 -31.03
CA GLY C 376 -25.13 24.28 -30.89
C GLY C 376 -26.12 24.91 -29.94
N ALA C 377 -26.39 24.26 -28.82
CA ALA C 377 -27.17 24.88 -27.75
C ALA C 377 -26.33 25.79 -26.88
N GLY C 378 -25.01 25.69 -26.96
CA GLY C 378 -24.17 26.61 -26.21
C GLY C 378 -24.47 26.55 -24.74
N THR C 379 -24.56 27.73 -24.12
CA THR C 379 -24.83 27.85 -22.70
C THR C 379 -26.31 27.90 -22.39
N ASP C 380 -27.17 27.67 -23.39
CA ASP C 380 -28.60 27.71 -23.14
C ASP C 380 -29.03 26.65 -22.14
N LEU C 381 -28.43 25.47 -22.21
CA LEU C 381 -28.78 24.35 -21.34
C LEU C 381 -27.59 24.01 -20.46
N ARG C 382 -27.84 23.92 -19.14
CA ARG C 382 -26.76 23.62 -18.20
C ARG C 382 -26.21 22.22 -18.38
N SER C 383 -27.01 21.30 -18.91
CA SER C 383 -26.51 19.94 -19.16
C SER C 383 -25.47 19.91 -20.25
N ASN C 384 -25.27 21.00 -20.98
CA ASN C 384 -24.32 21.07 -22.07
C ASN C 384 -22.90 21.39 -21.62
N TYR C 385 -22.68 21.70 -20.33
CA TYR C 385 -21.35 22.10 -19.89
C TYR C 385 -21.08 21.76 -18.43
N LEU C 386 -21.74 20.74 -17.89
CA LEU C 386 -21.55 20.36 -16.51
C LEU C 386 -21.21 18.88 -16.42
N LEU C 387 -20.41 18.52 -15.43
CA LEU C 387 -20.13 17.13 -15.11
C LEU C 387 -21.43 16.53 -14.58
N ASN C 388 -22.34 16.23 -15.51
CA ASN C 388 -23.69 15.83 -15.14
C ASN C 388 -23.70 14.63 -14.22
N THR C 389 -22.73 13.73 -14.37
CA THR C 389 -22.68 12.55 -13.53
C THR C 389 -22.08 12.82 -12.16
N THR C 390 -21.63 14.05 -11.90
CA THR C 390 -21.06 14.41 -10.62
C THR C 390 -19.77 13.64 -10.37
N ILE C 391 -18.96 14.12 -9.43
CA ILE C 391 -17.72 13.43 -9.08
C ILE C 391 -18.02 12.07 -8.48
N ALA C 392 -19.06 11.97 -7.67
CA ALA C 392 -19.34 10.76 -6.92
C ALA C 392 -19.99 9.66 -7.77
N GLY C 393 -20.47 9.97 -8.96
CA GLY C 393 -21.05 8.96 -9.81
C GLY C 393 -20.05 8.10 -10.54
N VAL C 394 -18.78 8.49 -10.54
CA VAL C 394 -17.76 7.67 -11.16
C VAL C 394 -17.74 6.29 -10.53
N GLU C 395 -17.87 6.23 -9.21
CA GLU C 395 -17.95 4.95 -8.52
C GLU C 395 -19.15 4.13 -8.97
N GLU C 396 -20.18 4.77 -9.49
CA GLU C 396 -21.35 4.07 -10.02
C GLU C 396 -21.24 3.75 -11.49
N ALA C 397 -20.26 4.32 -12.19
CA ALA C 397 -20.13 4.06 -13.62
C ALA C 397 -19.47 2.71 -13.87
N ASP C 398 -19.65 2.21 -15.09
CA ASP C 398 -19.03 0.97 -15.54
C ASP C 398 -17.83 1.22 -16.45
N VAL C 399 -17.96 2.14 -17.40
CA VAL C 399 -16.90 2.47 -18.33
C VAL C 399 -16.74 3.98 -18.37
N VAL C 400 -15.50 4.43 -18.59
CA VAL C 400 -15.18 5.84 -18.66
C VAL C 400 -14.38 6.09 -19.92
N LEU C 401 -14.79 7.08 -20.70
CA LEU C 401 -14.05 7.51 -21.89
C LEU C 401 -13.55 8.92 -21.66
N LEU C 402 -12.25 9.06 -21.48
CA LEU C 402 -11.62 10.36 -21.30
C LEU C 402 -11.22 10.90 -22.67
N VAL C 403 -11.91 11.94 -23.12
CA VAL C 403 -11.67 12.53 -24.42
C VAL C 403 -10.76 13.74 -24.25
N GLY C 404 -9.64 13.73 -24.96
CA GLY C 404 -8.72 14.86 -25.00
C GLY C 404 -8.57 15.60 -23.70
N THR C 405 -8.14 14.89 -22.64
CA THR C 405 -7.94 15.53 -21.35
C THR C 405 -6.88 14.76 -20.57
N ASN C 406 -6.33 15.42 -19.56
CA ASN C 406 -5.33 14.84 -18.67
C ASN C 406 -5.84 15.01 -17.25
N PRO C 407 -6.70 14.09 -16.80
CA PRO C 407 -7.34 14.29 -15.50
C PRO C 407 -6.37 14.43 -14.35
N ARG C 408 -5.18 13.82 -14.44
CA ARG C 408 -4.27 13.83 -13.31
C ARG C 408 -3.85 15.25 -12.94
N PHE C 409 -3.56 16.08 -13.94
CA PHE C 409 -3.08 17.43 -13.71
C PHE C 409 -4.16 18.49 -13.87
N GLU C 410 -5.39 18.08 -14.13
CA GLU C 410 -6.54 18.97 -14.05
C GLU C 410 -7.68 18.17 -13.42
N ALA C 411 -8.19 18.63 -12.30
CA ALA C 411 -9.09 17.83 -11.50
C ALA C 411 -8.33 16.63 -10.95
N PRO C 412 -7.23 16.85 -10.24
CA PRO C 412 -6.50 15.71 -9.67
C PRO C 412 -7.34 14.89 -8.72
N LEU C 413 -8.29 15.52 -8.02
CA LEU C 413 -9.17 14.75 -7.16
C LEU C 413 -10.23 13.99 -7.95
N PHE C 414 -10.61 14.49 -9.12
CA PHE C 414 -11.43 13.67 -10.02
C PHE C 414 -10.66 12.45 -10.48
N ASN C 415 -9.37 12.61 -10.79
CA ASN C 415 -8.54 11.47 -11.11
C ASN C 415 -8.43 10.51 -9.93
N ALA C 416 -8.32 11.05 -8.72
CA ALA C 416 -8.27 10.20 -7.54
C ALA C 416 -9.54 9.38 -7.40
N ARG C 417 -10.70 10.00 -7.65
CA ARG C 417 -11.95 9.25 -7.60
C ARG C 417 -11.99 8.16 -8.67
N ILE C 418 -11.51 8.48 -9.88
CA ILE C 418 -11.47 7.48 -10.93
C ILE C 418 -10.60 6.30 -10.51
N ARG C 419 -9.44 6.58 -9.93
CA ARG C 419 -8.58 5.50 -9.50
C ARG C 419 -9.22 4.68 -8.40
N LYS C 420 -9.92 5.33 -7.47
CA LYS C 420 -10.59 4.59 -6.41
C LYS C 420 -11.61 3.63 -7.00
N SER C 421 -12.40 4.11 -7.95
CA SER C 421 -13.38 3.23 -8.59
C SER C 421 -12.68 2.07 -9.29
N TRP C 422 -11.64 2.37 -10.07
CA TRP C 422 -10.94 1.33 -10.81
C TRP C 422 -10.34 0.29 -9.88
N LEU C 423 -9.77 0.73 -8.75
CA LEU C 423 -9.12 -0.18 -7.84
C LEU C 423 -10.13 -1.04 -7.09
N HIS C 424 -11.27 -0.46 -6.70
CA HIS C 424 -12.24 -1.20 -5.91
C HIS C 424 -13.35 -1.77 -6.79
N ASN C 425 -14.28 -0.93 -7.22
CA ASN C 425 -15.39 -1.38 -8.06
C ASN C 425 -14.87 -1.53 -9.48
N ASP C 426 -14.60 -2.77 -9.88
CA ASP C 426 -14.00 -3.06 -11.18
C ASP C 426 -14.48 -2.08 -12.24
N LEU C 427 -13.58 -1.21 -12.68
CA LEU C 427 -13.89 -0.18 -13.67
C LEU C 427 -12.97 -0.34 -14.88
N LYS C 428 -13.39 0.22 -16.00
CA LYS C 428 -12.62 0.22 -17.23
C LYS C 428 -12.50 1.65 -17.71
N VAL C 429 -11.29 2.06 -18.09
CA VAL C 429 -11.00 3.42 -18.53
C VAL C 429 -10.37 3.34 -19.91
N ALA C 430 -10.81 4.22 -20.81
CA ALA C 430 -10.21 4.36 -22.12
C ALA C 430 -9.96 5.83 -22.39
N LEU C 431 -8.92 6.12 -23.17
CA LEU C 431 -8.47 7.49 -23.38
C LEU C 431 -8.37 7.76 -24.87
N ILE C 432 -9.01 8.84 -25.32
CA ILE C 432 -8.91 9.29 -26.70
C ILE C 432 -8.05 10.54 -26.75
N GLY C 433 -6.76 10.37 -26.51
CA GLY C 433 -5.87 11.50 -26.50
C GLY C 433 -4.43 11.06 -26.38
N SER C 434 -3.57 12.00 -26.02
CA SER C 434 -2.16 11.67 -25.87
C SER C 434 -1.98 10.62 -24.77
N PRO C 435 -1.08 9.67 -24.95
CA PRO C 435 -0.87 8.64 -23.92
C PRO C 435 -0.07 9.21 -22.75
N VAL C 436 -0.72 9.35 -21.61
CA VAL C 436 -0.09 9.91 -20.42
C VAL C 436 -0.33 8.97 -19.25
N ASP C 437 0.54 9.07 -18.25
CA ASP C 437 0.44 8.24 -17.06
C ASP C 437 -0.67 8.80 -16.18
N LEU C 438 -1.76 8.05 -16.06
CA LEU C 438 -2.90 8.46 -15.26
C LEU C 438 -2.93 7.78 -13.90
N THR C 439 -1.95 6.95 -13.58
CA THR C 439 -1.85 6.22 -12.31
C THR C 439 -2.76 5.01 -12.27
N TYR C 440 -3.30 4.59 -13.41
CA TYR C 440 -4.09 3.36 -13.46
C TYR C 440 -4.13 2.87 -14.90
N ARG C 441 -4.40 1.58 -15.05
CA ARG C 441 -4.47 0.99 -16.39
C ARG C 441 -5.62 1.59 -17.17
N TYR C 442 -5.38 1.85 -18.45
CA TYR C 442 -6.41 2.38 -19.34
C TYR C 442 -6.10 1.97 -20.77
N ASP C 443 -7.14 1.99 -21.59
CA ASP C 443 -7.00 1.70 -23.02
C ASP C 443 -6.73 2.98 -23.79
N HIS C 444 -5.64 3.01 -24.54
CA HIS C 444 -5.32 4.15 -25.38
C HIS C 444 -5.95 3.91 -26.76
N LEU C 445 -7.14 4.46 -26.97
CA LEU C 445 -7.86 4.28 -28.22
C LEU C 445 -7.31 5.13 -29.34
N GLY C 446 -6.15 5.77 -29.16
CA GLY C 446 -5.60 6.65 -30.16
C GLY C 446 -5.90 8.12 -29.85
N ASP C 447 -5.07 8.99 -30.42
CA ASP C 447 -5.12 10.42 -30.14
C ASP C 447 -5.65 11.21 -31.33
N SER C 448 -6.65 10.67 -32.02
CA SER C 448 -7.27 11.31 -33.16
C SER C 448 -8.72 11.66 -32.86
N PRO C 449 -9.18 12.86 -33.23
CA PRO C 449 -10.58 13.20 -33.01
C PRO C 449 -11.55 12.54 -33.98
N LYS C 450 -11.06 11.72 -34.91
CA LYS C 450 -11.93 10.93 -35.77
C LYS C 450 -12.34 9.62 -35.13
N ILE C 451 -11.65 9.20 -34.07
CA ILE C 451 -12.07 8.02 -33.32
C ILE C 451 -13.46 8.22 -32.76
N LEU C 452 -13.84 9.46 -32.50
CA LEU C 452 -15.20 9.74 -32.01
C LEU C 452 -16.23 9.30 -33.04
N GLN C 453 -16.06 9.72 -34.29
CA GLN C 453 -16.97 9.28 -35.34
C GLN C 453 -16.86 7.78 -35.56
N ASP C 454 -15.66 7.23 -35.44
CA ASP C 454 -15.50 5.78 -35.59
C ASP C 454 -16.35 5.03 -34.57
N ILE C 455 -16.27 5.45 -33.30
CA ILE C 455 -17.05 4.80 -32.26
C ILE C 455 -18.54 5.02 -32.49
N ALA C 456 -18.91 6.22 -32.92
CA ALA C 456 -20.33 6.51 -33.16
C ALA C 456 -20.88 5.59 -34.24
N SER C 457 -20.13 5.39 -35.32
CA SER C 457 -20.59 4.55 -36.42
C SER C 457 -20.33 3.07 -36.19
N GLY C 458 -19.61 2.71 -35.13
CA GLY C 458 -19.37 1.31 -34.82
C GLY C 458 -18.15 0.70 -35.47
N ARG C 459 -17.28 1.50 -36.09
CA ARG C 459 -16.11 0.96 -36.77
C ARG C 459 -14.97 0.60 -35.82
N HIS C 460 -15.01 1.06 -34.58
CA HIS C 460 -13.91 0.86 -33.65
C HIS C 460 -14.19 -0.34 -32.75
N SER C 461 -13.12 -0.87 -32.15
CA SER C 461 -13.24 -2.02 -31.28
C SER C 461 -13.81 -1.69 -29.90
N PHE C 462 -13.73 -0.43 -29.49
CA PHE C 462 -14.24 -0.06 -28.17
C PHE C 462 -15.74 -0.25 -28.06
N CYS C 463 -16.44 -0.32 -29.19
CA CYS C 463 -17.88 -0.56 -29.14
C CYS C 463 -18.18 -1.91 -28.49
N GLU C 464 -17.24 -2.86 -28.56
CA GLU C 464 -17.44 -4.15 -27.91
C GLU C 464 -17.57 -3.97 -26.40
N VAL C 465 -16.71 -3.13 -25.80
CA VAL C 465 -16.83 -2.86 -24.37
C VAL C 465 -18.06 -2.01 -24.08
N LEU C 466 -18.33 -1.02 -24.94
CA LEU C 466 -19.50 -0.17 -24.73
C LEU C 466 -20.79 -0.98 -24.79
N LYS C 467 -20.80 -2.11 -25.50
CA LYS C 467 -21.99 -2.93 -25.59
C LYS C 467 -22.37 -3.49 -24.21
N ASP C 468 -21.41 -4.13 -23.53
CA ASP C 468 -21.71 -4.72 -22.23
C ASP C 468 -21.63 -3.71 -21.10
N ALA C 469 -21.14 -2.50 -21.36
CA ALA C 469 -21.21 -1.47 -20.33
C ALA C 469 -22.65 -1.18 -19.97
N LYS C 470 -22.89 -0.93 -18.68
CA LYS C 470 -24.22 -0.57 -18.19
C LYS C 470 -24.36 0.90 -17.82
N LYS C 471 -23.30 1.51 -17.31
CA LYS C 471 -23.32 2.88 -16.79
C LYS C 471 -22.15 3.66 -17.37
N PRO C 472 -22.20 3.98 -18.66
CA PRO C 472 -21.05 4.62 -19.30
C PRO C 472 -20.91 6.09 -18.91
N MET C 473 -19.69 6.59 -19.09
CA MET C 473 -19.39 8.01 -18.97
C MET C 473 -18.52 8.42 -20.15
N VAL C 474 -18.70 9.67 -20.58
CA VAL C 474 -17.90 10.20 -21.67
C VAL C 474 -17.42 11.61 -21.30
N VAL C 475 -16.42 11.69 -20.44
CA VAL C 475 -15.89 12.98 -20.01
C VAL C 475 -15.18 13.65 -21.18
N LEU C 476 -15.30 14.97 -21.25
CA LEU C 476 -14.67 15.76 -22.32
C LEU C 476 -14.01 16.98 -21.69
N GLY C 477 -12.72 16.90 -21.44
CA GLY C 477 -12.01 18.01 -20.82
C GLY C 477 -12.13 19.28 -21.64
N SER C 478 -12.31 20.40 -20.95
CA SER C 478 -12.41 21.70 -21.61
C SER C 478 -11.12 22.10 -22.32
N SER C 479 -9.99 21.52 -21.92
CA SER C 479 -8.74 21.80 -22.61
C SER C 479 -8.85 21.40 -24.08
N ALA C 480 -9.52 20.29 -24.37
CA ALA C 480 -9.78 19.92 -25.75
C ALA C 480 -10.72 20.93 -26.41
N LEU C 481 -11.76 21.36 -25.70
CA LEU C 481 -12.70 22.31 -26.27
C LEU C 481 -12.04 23.63 -26.63
N GLN C 482 -10.91 23.95 -26.02
CA GLN C 482 -10.23 25.21 -26.30
C GLN C 482 -9.40 25.19 -27.58
N ARG C 483 -9.44 24.12 -28.36
CA ARG C 483 -8.87 24.16 -29.69
C ARG C 483 -9.76 25.01 -30.61
N ASP C 484 -9.28 25.22 -31.84
CA ASP C 484 -10.08 25.92 -32.83
C ASP C 484 -11.19 25.05 -33.40
N ASP C 485 -11.12 23.73 -33.21
CA ASP C 485 -12.16 22.79 -33.63
C ASP C 485 -12.98 22.30 -32.45
N GLY C 486 -13.05 23.11 -31.38
CA GLY C 486 -13.80 22.69 -30.20
C GLY C 486 -15.26 22.43 -30.51
N ALA C 487 -15.85 23.22 -31.39
CA ALA C 487 -17.24 23.00 -31.76
C ALA C 487 -17.42 21.64 -32.42
N ALA C 488 -16.53 21.29 -33.34
CA ALA C 488 -16.60 19.98 -33.98
C ALA C 488 -16.40 18.87 -32.96
N ILE C 489 -15.46 19.04 -32.05
CA ILE C 489 -15.20 18.01 -31.03
C ILE C 489 -16.44 17.79 -30.18
N LEU C 490 -17.06 18.88 -29.71
CA LEU C 490 -18.23 18.75 -28.86
C LEU C 490 -19.39 18.13 -29.61
N VAL C 491 -19.60 18.55 -30.87
CA VAL C 491 -20.68 17.96 -31.66
C VAL C 491 -20.47 16.46 -31.81
N ALA C 492 -19.24 16.06 -32.13
CA ALA C 492 -18.96 14.64 -32.32
C ALA C 492 -19.17 13.87 -31.02
N VAL C 493 -18.72 14.42 -29.89
CA VAL C 493 -18.87 13.72 -28.63
C VAL C 493 -20.34 13.56 -28.27
N SER C 494 -21.13 14.61 -28.45
CA SER C 494 -22.55 14.49 -28.16
C SER C 494 -23.26 13.51 -29.09
N ASN C 495 -22.89 13.51 -30.37
CA ASN C 495 -23.51 12.58 -31.30
C ASN C 495 -23.12 11.14 -31.01
N MET C 496 -21.89 10.91 -30.54
CA MET C 496 -21.54 9.58 -30.06
C MET C 496 -22.34 9.24 -28.81
N VAL C 497 -22.54 10.22 -27.93
CA VAL C 497 -23.23 9.94 -26.67
C VAL C 497 -24.66 9.48 -26.93
N GLN C 498 -25.32 10.11 -27.90
CA GLN C 498 -26.69 9.71 -28.20
C GLN C 498 -26.75 8.24 -28.60
N LYS C 499 -25.85 7.81 -29.49
CA LYS C 499 -25.85 6.42 -29.91
C LYS C 499 -25.44 5.50 -28.78
N ILE C 500 -24.53 5.93 -27.91
CA ILE C 500 -24.20 5.11 -26.74
C ILE C 500 -25.43 4.89 -25.89
N ARG C 501 -26.23 5.95 -25.69
CA ARG C 501 -27.45 5.82 -24.91
C ARG C 501 -28.42 4.84 -25.57
N VAL C 502 -28.60 4.97 -26.89
CA VAL C 502 -29.62 4.13 -27.53
C VAL C 502 -29.18 2.67 -27.54
N THR C 503 -27.91 2.38 -27.82
CA THR C 503 -27.46 1.00 -27.86
C THR C 503 -27.42 0.40 -26.46
N THR C 504 -26.81 1.12 -25.51
CA THR C 504 -26.67 0.59 -24.16
C THR C 504 -27.99 0.55 -23.41
N GLY C 505 -29.00 1.28 -23.87
CA GLY C 505 -30.28 1.29 -23.18
C GLY C 505 -30.18 1.76 -21.74
N VAL C 506 -29.39 2.81 -21.50
CA VAL C 506 -29.26 3.33 -20.15
C VAL C 506 -30.52 4.10 -19.77
N ALA C 507 -30.89 4.03 -18.50
CA ALA C 507 -32.07 4.73 -18.03
C ALA C 507 -31.91 6.24 -18.23
N ALA C 508 -33.02 6.95 -18.06
CA ALA C 508 -33.02 8.40 -18.21
C ALA C 508 -32.45 9.11 -16.98
N GLU C 509 -32.30 8.42 -15.86
CA GLU C 509 -31.77 9.02 -14.65
C GLU C 509 -30.26 8.91 -14.55
N TRP C 510 -29.60 8.33 -15.55
CA TRP C 510 -28.15 8.23 -15.59
C TRP C 510 -27.63 9.09 -16.73
N LYS C 511 -26.96 10.18 -16.38
CA LYS C 511 -26.34 11.06 -17.36
C LYS C 511 -24.96 10.55 -17.71
N VAL C 512 -24.69 10.36 -19.00
CA VAL C 512 -23.40 9.87 -19.46
C VAL C 512 -22.48 11.01 -19.87
N MET C 513 -23.00 12.00 -20.59
CA MET C 513 -22.15 13.06 -21.11
C MET C 513 -21.71 13.99 -19.98
N ASN C 514 -20.40 14.23 -19.90
CA ASN C 514 -19.84 15.11 -18.90
C ASN C 514 -18.79 16.00 -19.55
N ILE C 515 -18.58 17.17 -18.97
CA ILE C 515 -17.54 18.09 -19.41
C ILE C 515 -16.76 18.53 -18.18
N LEU C 516 -15.46 18.31 -18.20
CA LEU C 516 -14.60 18.56 -17.05
C LEU C 516 -13.90 19.90 -17.24
N HIS C 517 -14.18 20.84 -16.34
CA HIS C 517 -13.63 22.17 -16.42
C HIS C 517 -12.34 22.27 -15.61
N ARG C 518 -11.51 23.25 -15.97
CA ARG C 518 -10.24 23.47 -15.32
C ARG C 518 -10.12 24.88 -14.72
N ILE C 519 -11.13 25.71 -14.86
CA ILE C 519 -11.12 27.08 -14.36
C ILE C 519 -12.23 27.24 -13.33
N ALA C 520 -11.92 27.88 -12.21
CA ALA C 520 -12.86 27.95 -11.11
C ALA C 520 -14.13 28.69 -11.49
N SER C 521 -14.00 29.81 -12.20
CA SER C 521 -15.13 30.69 -12.45
C SER C 521 -15.87 30.38 -13.74
N GLN C 522 -15.44 29.36 -14.50
CA GLN C 522 -16.04 29.12 -15.80
C GLN C 522 -17.51 28.77 -15.67
N VAL C 523 -17.85 27.86 -14.75
CA VAL C 523 -19.24 27.43 -14.63
C VAL C 523 -20.12 28.57 -14.17
N ALA C 524 -19.67 29.34 -13.17
CA ALA C 524 -20.48 30.45 -12.69
C ALA C 524 -20.68 31.49 -13.77
N ALA C 525 -19.63 31.81 -14.54
CA ALA C 525 -19.77 32.77 -15.62
C ALA C 525 -20.75 32.26 -16.68
N LEU C 526 -20.65 30.99 -17.05
CA LEU C 526 -21.57 30.45 -18.03
C LEU C 526 -23.01 30.48 -17.53
N ASP C 527 -23.22 30.17 -16.25
CA ASP C 527 -24.55 30.26 -15.69
C ASP C 527 -25.08 31.68 -15.74
N LEU C 528 -24.24 32.66 -15.39
CA LEU C 528 -24.68 34.04 -15.45
C LEU C 528 -24.84 34.55 -16.88
N GLY C 529 -24.35 33.83 -17.87
CA GLY C 529 -24.58 34.17 -19.25
C GLY C 529 -23.42 34.86 -19.94
N TYR C 530 -22.25 34.93 -19.31
CA TYR C 530 -21.09 35.50 -19.97
C TYR C 530 -20.81 34.76 -21.27
N LYS C 531 -20.51 35.51 -22.32
CA LYS C 531 -20.21 34.87 -23.60
C LYS C 531 -18.91 34.09 -23.47
N PRO C 532 -18.91 32.78 -23.70
CA PRO C 532 -17.65 32.04 -23.62
C PRO C 532 -16.71 32.43 -24.75
N GLY C 533 -15.42 32.38 -24.45
CA GLY C 533 -14.42 32.76 -25.43
C GLY C 533 -14.41 34.24 -25.71
N VAL C 534 -13.23 34.78 -26.03
CA VAL C 534 -13.05 36.20 -26.23
C VAL C 534 -13.04 36.49 -27.72
N GLU C 535 -14.03 35.95 -28.45
CA GLU C 535 -14.09 36.12 -29.89
C GLU C 535 -14.82 37.39 -30.28
N ALA C 536 -15.91 37.74 -29.58
CA ALA C 536 -16.62 38.98 -29.91
C ALA C 536 -15.74 40.19 -29.69
N ILE C 537 -14.79 40.11 -28.75
CA ILE C 537 -13.89 41.24 -28.50
C ILE C 537 -13.05 41.51 -29.75
N ARG C 538 -12.52 40.46 -30.36
CA ARG C 538 -11.76 40.64 -31.59
C ARG C 538 -12.67 41.01 -32.75
N LYS C 539 -13.90 40.50 -32.78
CA LYS C 539 -14.82 40.86 -33.84
C LYS C 539 -15.12 42.35 -33.84
N ASN C 540 -15.38 42.92 -32.65
CA ASN C 540 -15.68 44.34 -32.50
C ASN C 540 -14.78 44.92 -31.42
N PRO C 541 -13.55 45.27 -31.76
CA PRO C 541 -12.60 45.74 -30.76
C PRO C 541 -13.18 46.89 -29.95
N PRO C 542 -13.19 46.80 -28.62
CA PRO C 542 -13.81 47.83 -27.82
C PRO C 542 -12.93 49.05 -27.64
N LYS C 543 -13.56 50.16 -27.31
CA LYS C 543 -12.86 51.39 -26.96
C LYS C 543 -12.66 51.52 -25.45
N MET C 544 -13.06 50.52 -24.67
CA MET C 544 -12.80 50.53 -23.23
C MET C 544 -12.91 49.08 -22.75
N LEU C 545 -11.78 48.44 -22.53
CA LEU C 545 -11.75 47.07 -22.04
C LEU C 545 -11.76 47.06 -20.52
N PHE C 546 -12.40 46.05 -19.96
CA PHE C 546 -12.62 45.95 -18.52
C PHE C 546 -12.12 44.59 -18.07
N LEU C 547 -10.82 44.49 -17.78
CA LEU C 547 -10.23 43.23 -17.38
C LEU C 547 -10.51 42.99 -15.90
N LEU C 548 -11.14 41.86 -15.59
CA LEU C 548 -11.54 41.51 -14.23
C LEU C 548 -10.81 40.22 -13.87
N GLY C 549 -9.59 40.36 -13.38
CA GLY C 549 -8.76 39.19 -13.11
C GLY C 549 -8.44 38.42 -14.38
N ALA C 550 -8.13 39.12 -15.46
CA ALA C 550 -7.91 38.50 -16.77
C ALA C 550 -6.42 38.47 -17.08
N ASP C 551 -5.70 37.61 -16.37
CA ASP C 551 -4.26 37.46 -16.55
C ASP C 551 -3.91 36.39 -17.57
N GLY C 552 -4.89 35.79 -18.23
CA GLY C 552 -4.60 34.74 -19.19
C GLY C 552 -3.86 35.23 -20.42
N GLY C 553 -3.88 36.53 -20.68
CA GLY C 553 -3.17 37.06 -21.83
C GLY C 553 -3.86 36.79 -23.16
N CYS C 554 -5.14 36.46 -23.14
CA CYS C 554 -5.84 36.18 -24.39
C CYS C 554 -5.88 37.39 -25.29
N ILE C 555 -6.15 38.56 -24.73
CA ILE C 555 -6.23 39.81 -25.46
C ILE C 555 -5.14 40.74 -24.94
N THR C 556 -4.34 41.28 -25.85
CA THR C 556 -3.23 42.16 -25.50
C THR C 556 -3.49 43.55 -26.06
N ARG C 557 -2.66 44.50 -25.65
CA ARG C 557 -2.80 45.88 -26.14
C ARG C 557 -2.60 45.95 -27.64
N GLN C 558 -1.94 44.97 -28.26
CA GLN C 558 -1.80 44.97 -29.71
C GLN C 558 -3.17 44.94 -30.39
N ASP C 559 -4.08 44.13 -29.87
CA ASP C 559 -5.47 44.18 -30.28
C ASP C 559 -6.04 45.52 -29.83
N LEU C 560 -7.36 45.69 -29.96
CA LEU C 560 -8.01 46.90 -29.49
C LEU C 560 -7.51 48.12 -30.28
N PRO C 561 -8.19 49.26 -30.18
CA PRO C 561 -7.70 50.46 -30.86
C PRO C 561 -6.38 50.95 -30.28
N LYS C 562 -5.98 52.16 -30.66
CA LYS C 562 -4.71 52.73 -30.22
C LYS C 562 -4.81 53.47 -28.89
N ASP C 563 -6.00 53.56 -28.30
CA ASP C 563 -6.20 54.24 -27.03
C ASP C 563 -7.43 53.63 -26.36
N CYS C 564 -7.31 52.34 -26.01
CA CYS C 564 -8.46 51.60 -25.52
C CYS C 564 -8.86 51.98 -24.10
N PHE C 565 -7.89 52.33 -23.25
CA PHE C 565 -8.16 52.56 -21.84
C PHE C 565 -8.63 51.28 -21.17
N ILE C 566 -7.72 50.40 -20.86
CA ILE C 566 -8.02 49.14 -20.21
C ILE C 566 -8.09 49.36 -18.71
N VAL C 567 -8.95 48.58 -18.05
CA VAL C 567 -9.17 48.69 -16.60
C VAL C 567 -8.94 47.31 -16.02
N TYR C 568 -7.91 47.16 -15.19
CA TYR C 568 -7.65 45.90 -14.54
C TYR C 568 -8.25 45.90 -13.14
N GLN C 569 -8.90 44.80 -12.79
CA GLN C 569 -9.61 44.66 -11.51
C GLN C 569 -9.27 43.28 -10.96
N GLY C 570 -8.23 43.21 -10.15
CA GLY C 570 -7.77 41.93 -9.65
C GLY C 570 -6.85 42.10 -8.47
N HIS C 571 -6.33 40.96 -8.00
CA HIS C 571 -5.48 40.92 -6.83
C HIS C 571 -3.97 40.89 -7.08
N HIS C 572 -3.54 40.32 -8.20
CA HIS C 572 -2.13 40.13 -8.50
C HIS C 572 -1.76 40.92 -9.74
N GLY C 573 -0.60 41.55 -9.71
CA GLY C 573 -0.07 42.20 -10.89
C GLY C 573 0.72 41.22 -11.73
N ASP C 574 0.09 40.67 -12.77
CA ASP C 574 0.72 39.63 -13.57
C ASP C 574 0.73 40.05 -15.05
N VAL C 575 0.07 39.28 -15.92
CA VAL C 575 0.01 39.64 -17.33
C VAL C 575 -0.90 40.83 -17.54
N GLY C 576 -2.07 40.83 -16.90
CA GLY C 576 -3.05 41.89 -17.13
C GLY C 576 -2.60 43.24 -16.63
N ALA C 577 -2.05 43.29 -15.42
CA ALA C 577 -1.82 44.58 -14.76
C ALA C 577 -0.94 45.52 -15.57
N PRO C 578 0.20 45.09 -16.12
CA PRO C 578 1.04 46.04 -16.87
C PRO C 578 0.28 46.74 -17.98
N MET C 579 -0.58 46.02 -18.69
CA MET C 579 -1.41 46.62 -19.74
C MET C 579 -2.66 47.16 -19.08
N ALA C 580 -2.67 48.47 -18.82
CA ALA C 580 -3.81 49.07 -18.14
C ALA C 580 -3.64 50.58 -18.03
N ASP C 581 -4.76 51.30 -18.01
CA ASP C 581 -4.78 52.72 -17.71
C ASP C 581 -5.27 52.99 -16.30
N VAL C 582 -5.46 51.95 -15.50
CA VAL C 582 -5.90 52.09 -14.11
C VAL C 582 -5.95 50.70 -13.50
N ILE C 583 -5.56 50.59 -12.23
CA ILE C 583 -5.62 49.34 -11.48
C ILE C 583 -6.48 49.56 -10.25
N LEU C 584 -7.45 48.68 -10.04
CA LEU C 584 -8.31 48.72 -8.86
C LEU C 584 -8.09 47.46 -8.04
N PRO C 585 -7.42 47.53 -6.88
CA PRO C 585 -7.09 46.31 -6.16
C PRO C 585 -8.32 45.63 -5.60
N GLY C 586 -8.45 44.32 -5.90
CA GLY C 586 -9.50 43.50 -5.36
C GLY C 586 -9.00 42.57 -4.26
N ALA C 587 -9.90 41.71 -3.81
CA ALA C 587 -9.60 40.76 -2.76
C ALA C 587 -9.34 39.38 -3.35
N ALA C 588 -8.46 38.62 -2.69
CA ALA C 588 -8.22 37.24 -3.06
C ALA C 588 -9.27 36.34 -2.42
N TYR C 589 -9.30 35.08 -2.86
CA TYR C 589 -10.34 34.17 -2.41
C TYR C 589 -10.24 33.86 -0.93
N THR C 590 -9.14 34.19 -0.26
CA THR C 590 -9.01 33.98 1.17
C THR C 590 -9.46 35.18 1.99
N GLU C 591 -9.87 36.27 1.35
CA GLU C 591 -10.22 37.49 2.04
C GLU C 591 -11.63 37.96 1.81
N LYS C 592 -12.38 37.31 0.92
CA LYS C 592 -13.73 37.70 0.59
C LYS C 592 -14.66 36.51 0.69
N SER C 593 -15.93 36.78 0.98
CA SER C 593 -16.99 35.78 0.94
C SER C 593 -17.53 35.76 -0.49
N ALA C 594 -17.23 34.69 -1.22
CA ALA C 594 -17.52 34.61 -2.64
C ALA C 594 -18.17 33.28 -2.97
N THR C 595 -18.99 33.29 -4.02
CA THR C 595 -19.68 32.10 -4.49
C THR C 595 -18.92 31.54 -5.67
N TYR C 596 -18.51 30.27 -5.57
CA TYR C 596 -17.80 29.59 -6.63
C TYR C 596 -18.54 28.30 -6.96
N VAL C 597 -18.79 28.07 -8.24
CA VAL C 597 -19.44 26.85 -8.71
C VAL C 597 -18.36 25.95 -9.30
N ASN C 598 -18.40 24.66 -8.95
CA ASN C 598 -17.41 23.72 -9.42
C ASN C 598 -17.87 23.09 -10.74
N THR C 599 -17.07 22.15 -11.25
CA THR C 599 -17.32 21.59 -12.57
C THR C 599 -18.59 20.76 -12.63
N GLU C 600 -19.15 20.35 -11.50
CA GLU C 600 -20.36 19.55 -11.47
C GLU C 600 -21.62 20.36 -11.21
N GLY C 601 -21.50 21.69 -11.15
CA GLY C 601 -22.63 22.56 -10.94
C GLY C 601 -22.91 22.88 -9.49
N ARG C 602 -22.23 22.25 -8.55
CA ARG C 602 -22.44 22.55 -7.14
C ARG C 602 -21.97 23.97 -6.84
N ALA C 603 -22.82 24.74 -6.16
CA ALA C 603 -22.49 26.10 -5.76
C ALA C 603 -21.98 26.08 -4.33
N GLN C 604 -20.82 26.70 -4.11
CA GLN C 604 -20.23 26.77 -2.78
C GLN C 604 -19.74 28.19 -2.54
N GLN C 605 -19.66 28.55 -1.27
CA GLN C 605 -19.22 29.89 -0.88
C GLN C 605 -18.05 29.79 0.09
N THR C 606 -17.11 30.72 -0.04
CA THR C 606 -15.97 30.79 0.85
C THR C 606 -16.32 31.65 2.06
N LYS C 607 -15.37 31.74 3.00
CA LYS C 607 -15.51 32.58 4.18
C LYS C 607 -14.27 33.46 4.29
N VAL C 608 -14.45 34.63 4.90
CA VAL C 608 -13.36 35.60 5.01
C VAL C 608 -12.37 35.08 6.05
N ALA C 609 -11.16 34.74 5.60
CA ALA C 609 -10.10 34.31 6.52
C ALA C 609 -9.28 35.52 6.94
N VAL C 610 -8.57 36.13 6.00
CA VAL C 610 -7.80 37.34 6.26
C VAL C 610 -8.63 38.52 5.79
N THR C 611 -8.12 39.73 6.01
CA THR C 611 -8.75 40.92 5.46
C THR C 611 -7.92 41.43 4.28
N PRO C 612 -8.54 42.15 3.34
CA PRO C 612 -7.80 42.55 2.15
C PRO C 612 -6.58 43.36 2.54
N PRO C 613 -5.49 43.24 1.77
CA PRO C 613 -4.23 43.88 2.16
C PRO C 613 -4.15 45.34 1.78
N GLY C 614 -4.30 46.23 2.74
CA GLY C 614 -4.15 47.66 2.49
C GLY C 614 -5.48 48.30 2.14
N LEU C 615 -5.58 48.84 0.92
CA LEU C 615 -6.78 49.50 0.44
C LEU C 615 -7.60 48.62 -0.48
N ALA C 616 -7.28 47.34 -0.58
CA ALA C 616 -8.04 46.43 -1.43
C ALA C 616 -9.49 46.35 -0.95
N ARG C 617 -10.41 46.22 -1.90
CA ARG C 617 -11.84 46.14 -1.61
C ARG C 617 -12.44 44.98 -2.36
N GLU C 618 -13.55 44.44 -1.84
CA GLU C 618 -14.25 43.37 -2.52
C GLU C 618 -14.60 43.79 -3.94
N ASP C 619 -14.56 42.82 -4.85
CA ASP C 619 -14.72 43.15 -6.27
C ASP C 619 -16.12 43.65 -6.59
N TRP C 620 -17.15 42.99 -6.04
CA TRP C 620 -18.51 43.46 -6.27
C TRP C 620 -18.71 44.83 -5.66
N LYS C 621 -18.11 45.07 -4.50
CA LYS C 621 -18.20 46.40 -3.89
C LYS C 621 -17.55 47.45 -4.79
N ILE C 622 -16.39 47.13 -5.37
CA ILE C 622 -15.72 48.07 -6.25
C ILE C 622 -16.60 48.37 -7.46
N ILE C 623 -17.22 47.34 -8.03
CA ILE C 623 -18.08 47.54 -9.18
C ILE C 623 -19.26 48.43 -8.81
N ARG C 624 -19.89 48.18 -7.66
CA ARG C 624 -21.04 48.98 -7.26
C ARG C 624 -20.65 50.42 -6.97
N ALA C 625 -19.49 50.63 -6.35
CA ALA C 625 -19.02 51.98 -6.09
C ALA C 625 -18.73 52.71 -7.39
N LEU C 626 -18.11 52.03 -8.35
CA LEU C 626 -17.91 52.64 -9.66
C LEU C 626 -19.23 53.01 -10.29
N SER C 627 -20.22 52.13 -10.19
CA SER C 627 -21.54 52.43 -10.71
C SER C 627 -22.08 53.70 -10.09
N GLU C 628 -22.09 53.77 -8.76
CA GLU C 628 -22.70 54.92 -8.10
C GLU C 628 -21.97 56.21 -8.44
N ILE C 629 -20.64 56.16 -8.50
CA ILE C 629 -19.89 57.34 -8.90
C ILE C 629 -20.29 57.75 -10.31
N ALA C 630 -20.50 56.78 -11.19
CA ALA C 630 -21.10 57.05 -12.48
C ALA C 630 -22.60 57.30 -12.32
N GLY C 631 -23.25 57.68 -13.41
CA GLY C 631 -24.67 57.95 -13.35
C GLY C 631 -25.48 56.72 -13.02
N ILE C 632 -25.05 55.56 -13.52
CA ILE C 632 -25.81 54.32 -13.36
C ILE C 632 -25.48 53.70 -12.01
N THR C 633 -26.49 53.58 -11.15
CA THR C 633 -26.34 53.00 -9.83
C THR C 633 -27.01 51.65 -9.79
N LEU C 634 -26.31 50.64 -9.26
CA LEU C 634 -26.84 49.29 -9.25
C LEU C 634 -27.78 49.09 -8.07
N PRO C 635 -28.72 48.15 -8.17
CA PRO C 635 -29.73 48.00 -7.12
C PRO C 635 -29.35 47.02 -6.01
N TYR C 636 -28.07 46.97 -5.63
CA TYR C 636 -27.66 46.22 -4.45
C TYR C 636 -26.73 47.07 -3.61
N ASP C 637 -26.85 46.93 -2.29
CA ASP C 637 -25.98 47.61 -1.35
C ASP C 637 -25.33 46.67 -0.34
N THR C 638 -25.65 45.38 -0.39
CA THR C 638 -25.09 44.41 0.54
C THR C 638 -24.90 43.08 -0.15
N LEU C 639 -24.04 42.26 0.45
CA LEU C 639 -23.78 40.94 -0.10
C LEU C 639 -25.07 40.18 -0.31
N ASP C 640 -26.02 40.30 0.62
CA ASP C 640 -27.27 39.56 0.49
C ASP C 640 -28.09 40.06 -0.69
N GLN C 641 -28.05 41.38 -0.96
CA GLN C 641 -28.78 41.88 -2.12
C GLN C 641 -28.13 41.43 -3.41
N VAL C 642 -26.80 41.36 -3.44
CA VAL C 642 -26.13 40.80 -4.62
C VAL C 642 -26.53 39.33 -4.79
N ARG C 643 -26.65 38.61 -3.67
CA ARG C 643 -27.07 37.22 -3.74
C ARG C 643 -28.49 37.09 -4.26
N ASN C 644 -29.37 38.02 -3.87
CA ASN C 644 -30.73 38.01 -4.42
C ASN C 644 -30.71 38.30 -5.92
N ARG C 645 -29.82 39.18 -6.36
CA ARG C 645 -29.65 39.38 -7.79
C ARG C 645 -29.20 38.10 -8.48
N LEU C 646 -28.29 37.37 -7.85
CA LEU C 646 -27.87 36.08 -8.40
C LEU C 646 -29.06 35.13 -8.48
N GLU C 647 -29.90 35.12 -7.45
CA GLU C 647 -31.10 34.30 -7.48
C GLU C 647 -31.98 34.68 -8.67
N GLU C 648 -32.14 35.98 -8.91
CA GLU C 648 -32.95 36.42 -10.04
C GLU C 648 -32.35 35.93 -11.35
N VAL C 649 -31.04 36.02 -11.50
CA VAL C 649 -30.40 35.63 -12.74
C VAL C 649 -30.48 34.12 -12.90
N SER C 650 -29.70 33.39 -12.11
CA SER C 650 -29.69 31.92 -12.16
C SER C 650 -30.02 31.37 -10.78
N PRO C 651 -31.20 30.79 -10.57
CA PRO C 651 -31.58 30.40 -9.21
C PRO C 651 -30.61 29.44 -8.54
N ASN C 652 -30.03 28.51 -9.30
CA ASN C 652 -29.22 27.47 -8.70
C ASN C 652 -27.97 28.02 -8.02
N LEU C 653 -27.54 29.23 -8.37
CA LEU C 653 -26.29 29.76 -7.82
C LEU C 653 -26.36 30.00 -6.33
N VAL C 654 -27.55 30.09 -5.75
CA VAL C 654 -27.69 30.39 -4.33
C VAL C 654 -27.94 29.16 -3.47
N ARG C 655 -28.26 28.02 -4.08
CA ARG C 655 -28.44 26.78 -3.33
C ARG C 655 -27.06 26.17 -3.11
N TYR C 656 -26.53 26.31 -1.91
CA TYR C 656 -25.15 25.96 -1.62
C TYR C 656 -25.04 24.48 -1.27
N ASP C 657 -24.06 23.82 -1.88
CA ASP C 657 -23.76 22.40 -1.66
C ASP C 657 -24.83 21.48 -2.22
N ASP C 658 -25.78 22.00 -2.98
CA ASP C 658 -26.85 21.21 -3.58
C ASP C 658 -26.67 21.19 -5.08
N ILE C 659 -26.60 20.00 -5.66
CA ILE C 659 -26.42 19.82 -7.10
C ILE C 659 -27.82 19.62 -7.70
N GLU C 660 -28.34 20.67 -8.32
CA GLU C 660 -29.57 20.53 -9.10
C GLU C 660 -29.31 19.68 -10.33
N GLU C 661 -30.24 18.76 -10.61
CA GLU C 661 -30.09 17.93 -11.80
C GLU C 661 -30.29 18.80 -13.04
N THR C 662 -30.35 18.15 -14.19
CA THR C 662 -30.51 18.87 -15.45
C THR C 662 -31.17 17.95 -16.47
N ASN C 663 -31.67 18.54 -17.55
CA ASN C 663 -32.39 17.78 -18.55
C ASN C 663 -32.17 18.40 -19.93
N TYR C 664 -32.91 17.87 -20.90
CA TYR C 664 -32.89 18.34 -22.29
C TYR C 664 -31.51 18.24 -22.93
N PHE C 665 -30.80 17.16 -22.59
CA PHE C 665 -29.64 16.83 -23.41
C PHE C 665 -30.06 16.25 -24.75
N GLN C 666 -31.25 15.66 -24.84
CA GLN C 666 -31.78 15.31 -26.15
C GLN C 666 -31.93 16.55 -27.02
N GLN C 667 -32.44 17.64 -26.46
CA GLN C 667 -32.52 18.89 -27.21
C GLN C 667 -31.14 19.42 -27.54
N ALA C 668 -30.21 19.35 -26.58
CA ALA C 668 -28.86 19.81 -26.87
C ALA C 668 -28.27 19.05 -28.06
N SER C 669 -28.41 17.73 -28.08
CA SER C 669 -27.90 16.93 -29.18
C SER C 669 -28.64 17.26 -30.48
N GLU C 670 -29.94 17.49 -30.39
CA GLU C 670 -30.72 17.82 -31.58
C GLU C 670 -30.17 19.09 -32.23
N LEU C 671 -29.89 20.10 -31.42
CA LEU C 671 -29.33 21.34 -31.98
C LEU C 671 -27.89 21.15 -32.44
N ALA C 672 -27.14 20.28 -31.77
CA ALA C 672 -25.75 20.07 -32.17
C ALA C 672 -25.65 19.37 -33.51
N LYS C 673 -26.58 18.46 -33.82
CA LYS C 673 -26.55 17.77 -35.11
C LYS C 673 -26.50 18.77 -36.25
N LEU C 674 -27.29 19.83 -36.17
CA LEU C 674 -27.38 20.80 -37.26
C LEU C 674 -26.07 21.56 -37.46
N VAL C 675 -25.18 21.57 -36.46
CA VAL C 675 -23.91 22.24 -36.62
C VAL C 675 -23.08 21.50 -37.65
N ASN C 676 -22.49 22.26 -38.59
CA ASN C 676 -21.75 21.69 -39.71
C ASN C 676 -20.28 22.09 -39.56
N GLN C 677 -19.50 21.21 -38.93
CA GLN C 677 -18.06 21.41 -38.80
C GLN C 677 -17.39 20.05 -38.80
N GLU C 678 -16.09 20.06 -39.09
CA GLU C 678 -15.30 18.85 -39.21
C GLU C 678 -14.15 18.91 -38.23
N VAL C 679 -13.79 17.76 -37.68
CA VAL C 679 -12.71 17.68 -36.69
C VAL C 679 -11.38 17.76 -37.41
N LEU C 680 -10.58 18.76 -37.04
CA LEU C 680 -9.24 18.88 -37.62
C LEU C 680 -8.42 17.64 -37.27
N ALA C 681 -7.60 17.20 -38.22
CA ALA C 681 -6.86 15.96 -38.06
C ALA C 681 -5.70 16.07 -37.09
N ASP C 682 -5.48 17.23 -36.48
CA ASP C 682 -4.36 17.38 -35.56
C ASP C 682 -4.56 16.46 -34.36
N PRO C 683 -3.47 16.01 -33.73
CA PRO C 683 -3.62 15.14 -32.56
C PRO C 683 -4.27 15.86 -31.40
N LEU C 684 -4.96 15.09 -30.56
CA LEU C 684 -5.61 15.61 -29.36
C LEU C 684 -4.58 15.59 -28.24
N VAL C 685 -3.96 16.74 -28.00
CA VAL C 685 -2.84 16.87 -27.07
C VAL C 685 -3.32 17.63 -25.84
N PRO C 686 -3.05 17.15 -24.63
CA PRO C 686 -3.40 17.93 -23.45
C PRO C 686 -2.36 19.00 -23.17
N PRO C 687 -2.78 20.20 -22.77
CA PRO C 687 -1.78 21.25 -22.49
C PRO C 687 -0.83 20.89 -21.37
N GLN C 688 -1.30 20.16 -20.35
CA GLN C 688 -0.47 19.77 -19.22
C GLN C 688 -0.04 18.32 -19.44
N LEU C 689 1.02 18.16 -20.23
CA LEU C 689 1.49 16.85 -20.63
C LEU C 689 2.43 16.21 -19.62
N THR C 690 2.87 16.95 -18.61
CA THR C 690 3.82 16.45 -17.64
C THR C 690 3.62 17.18 -16.32
N ILE C 691 4.18 16.60 -15.25
CA ILE C 691 4.01 17.18 -13.93
C ILE C 691 4.59 18.58 -13.86
N LYS C 692 5.63 18.86 -14.67
CA LYS C 692 6.25 20.18 -14.60
C LYS C 692 5.25 21.30 -14.91
N ASP C 693 4.22 20.99 -15.68
CA ASP C 693 3.22 21.98 -16.07
C ASP C 693 2.10 22.14 -15.04
N PHE C 694 2.05 21.28 -14.03
CA PHE C 694 0.95 21.32 -13.07
C PHE C 694 1.08 22.47 -12.08
N TYR C 695 2.30 22.88 -11.76
CA TYR C 695 2.53 23.80 -10.65
C TYR C 695 2.33 25.26 -11.00
N MET C 696 2.21 25.61 -12.29
CA MET C 696 1.98 26.98 -12.71
C MET C 696 0.77 27.00 -13.62
N THR C 697 -0.30 27.67 -13.18
CA THR C 697 -1.53 27.72 -13.95
C THR C 697 -2.31 29.01 -13.70
N ASP C 698 -2.39 29.42 -12.44
CA ASP C 698 -3.10 30.63 -12.06
C ASP C 698 -2.11 31.76 -11.79
N SER C 699 -2.66 32.95 -11.55
CA SER C 699 -1.81 34.06 -11.15
C SER C 699 -1.13 33.78 -9.82
N ILE C 700 -1.89 33.23 -8.87
CA ILE C 700 -1.31 32.89 -7.56
C ILE C 700 -0.24 31.84 -7.72
N SER C 701 -0.49 30.82 -8.54
CA SER C 701 0.52 29.79 -8.75
C SER C 701 1.78 30.37 -9.39
N ARG C 702 1.62 31.27 -10.36
CA ARG C 702 2.78 31.86 -11.00
C ARG C 702 3.56 32.75 -10.05
N ALA C 703 2.89 33.41 -9.12
CA ALA C 703 3.56 34.27 -8.16
C ALA C 703 4.05 33.53 -6.92
N SER C 704 3.69 32.26 -6.77
CA SER C 704 4.16 31.48 -5.63
C SER C 704 5.64 31.13 -5.76
N GLN C 705 6.35 31.14 -4.63
CA GLN C 705 7.75 30.74 -4.63
C GLN C 705 7.90 29.22 -4.54
N THR C 706 7.07 28.57 -3.72
CA THR C 706 7.18 27.12 -3.59
C THR C 706 6.86 26.43 -4.90
N MET C 707 5.89 26.95 -5.65
CA MET C 707 5.60 26.39 -6.97
C MET C 707 6.81 26.48 -7.88
N ALA C 708 7.57 27.57 -7.78
CA ALA C 708 8.80 27.69 -8.56
C ALA C 708 9.81 26.62 -8.16
N LYS C 709 9.94 26.36 -6.85
CA LYS C 709 10.85 25.32 -6.41
C LYS C 709 10.42 23.96 -6.94
N CYS C 710 9.11 23.68 -6.90
CA CYS C 710 8.62 22.40 -7.43
C CYS C 710 8.90 22.29 -8.92
N VAL C 711 8.67 23.37 -9.66
CA VAL C 711 8.95 23.34 -11.10
C VAL C 711 10.42 23.04 -11.34
N LYS C 712 11.30 23.73 -10.62
CA LYS C 712 12.73 23.52 -10.83
C LYS C 712 13.13 22.09 -10.49
N ALA C 713 12.60 21.56 -9.38
CA ALA C 713 12.94 20.20 -8.98
C ALA C 713 12.48 19.20 -10.03
N VAL C 714 11.26 19.38 -10.55
CA VAL C 714 10.76 18.45 -11.57
C VAL C 714 11.62 18.54 -12.82
N THR C 715 11.94 19.76 -13.26
CA THR C 715 12.73 19.91 -14.48
C THR C 715 14.13 19.34 -14.31
N GLU C 716 14.70 19.43 -13.12
CA GLU C 716 16.01 18.86 -12.88
C GLU C 716 15.97 17.34 -12.99
N GLY D 15 -34.42 46.97 -27.75
CA GLY D 15 -34.65 45.62 -28.24
C GLY D 15 -34.46 44.58 -27.15
N LEU D 16 -34.70 43.32 -27.49
CA LEU D 16 -34.56 42.23 -26.54
C LEU D 16 -33.14 41.68 -26.59
N ARG D 17 -32.59 41.37 -25.42
CA ARG D 17 -31.23 40.89 -25.30
C ARG D 17 -31.12 39.48 -24.73
N GLU D 18 -32.09 39.05 -23.94
CA GLU D 18 -32.05 37.72 -23.34
C GLU D 18 -33.47 37.25 -23.07
N ILE D 19 -33.59 35.93 -22.93
CA ILE D 19 -34.73 35.30 -22.30
C ILE D 19 -34.17 34.29 -21.31
N ARG D 20 -34.70 34.31 -20.09
CA ARG D 20 -34.25 33.42 -19.03
C ARG D 20 -35.47 32.71 -18.48
N VAL D 21 -35.57 31.42 -18.74
CA VAL D 21 -36.71 30.62 -18.30
C VAL D 21 -36.28 29.86 -17.06
N HIS D 22 -36.88 30.17 -15.92
CA HIS D 22 -36.67 29.46 -14.68
C HIS D 22 -37.84 28.51 -14.47
N LEU D 23 -37.52 27.25 -14.13
CA LEU D 23 -38.54 26.23 -13.96
C LEU D 23 -38.08 25.27 -12.89
N CYS D 24 -39.04 24.52 -12.35
CA CYS D 24 -38.74 23.48 -11.38
C CYS D 24 -38.42 22.18 -12.10
N GLN D 25 -37.54 21.39 -11.48
CA GLN D 25 -37.09 20.16 -12.10
C GLN D 25 -38.23 19.16 -12.23
N ARG D 26 -39.11 19.10 -11.23
CA ARG D 26 -40.21 18.15 -11.25
C ARG D 26 -41.29 18.56 -10.25
N SER D 27 -42.04 19.60 -10.58
CA SER D 27 -43.13 20.07 -9.73
C SER D 27 -44.39 20.25 -10.57
N PRO D 28 -45.56 20.13 -9.94
CA PRO D 28 -46.81 20.24 -10.72
C PRO D 28 -46.97 21.58 -11.41
N GLY D 29 -46.47 22.65 -10.81
CA GLY D 29 -46.65 23.98 -11.36
C GLY D 29 -45.70 24.34 -12.48
N SER D 30 -44.82 23.43 -12.88
CA SER D 30 -43.87 23.68 -13.94
C SER D 30 -43.97 22.67 -15.08
N GLN D 31 -45.03 21.85 -15.08
CA GLN D 31 -45.19 20.85 -16.14
C GLN D 31 -45.36 21.52 -17.50
N GLY D 32 -46.15 22.59 -17.55
CA GLY D 32 -46.34 23.28 -18.81
C GLY D 32 -45.03 23.79 -19.39
N VAL D 33 -44.21 24.42 -18.54
CA VAL D 33 -42.93 24.92 -19.01
C VAL D 33 -42.03 23.78 -19.43
N ARG D 34 -42.03 22.69 -18.66
CA ARG D 34 -41.13 21.59 -18.95
C ARG D 34 -41.48 20.93 -20.28
N ASP D 35 -42.77 20.76 -20.58
CA ASP D 35 -43.13 20.22 -21.88
C ASP D 35 -42.99 21.25 -23.00
N PHE D 36 -43.08 22.55 -22.69
CA PHE D 36 -42.79 23.56 -23.68
C PHE D 36 -41.34 23.47 -24.13
N ILE D 37 -40.42 23.25 -23.19
CA ILE D 37 -39.02 23.09 -23.56
C ILE D 37 -38.88 21.91 -24.52
N VAL D 38 -39.46 20.76 -24.17
CA VAL D 38 -39.29 19.58 -25.00
C VAL D 38 -39.87 19.82 -26.39
N GLN D 39 -41.01 20.52 -26.47
CA GLN D 39 -41.64 20.73 -27.77
C GLN D 39 -40.98 21.85 -28.57
N ARG D 40 -41.17 23.09 -28.14
CA ARG D 40 -40.90 24.25 -28.97
C ARG D 40 -39.51 24.86 -28.78
N TYR D 41 -38.69 24.34 -27.88
CA TYR D 41 -37.40 24.98 -27.64
C TYR D 41 -36.50 24.90 -28.86
N VAL D 42 -36.45 23.74 -29.51
CA VAL D 42 -35.55 23.59 -30.66
C VAL D 42 -35.95 24.52 -31.79
N GLU D 43 -37.25 24.56 -32.10
CA GLU D 43 -37.74 25.41 -33.17
C GLU D 43 -37.62 26.90 -32.84
N LEU D 44 -37.40 27.25 -31.58
CA LEU D 44 -37.17 28.64 -31.21
C LEU D 44 -35.69 29.00 -31.27
N LYS D 45 -34.82 28.10 -30.79
CA LYS D 45 -33.39 28.37 -30.85
C LYS D 45 -32.83 28.24 -32.26
N LYS D 46 -33.53 27.53 -33.14
CA LYS D 46 -33.13 27.48 -34.55
C LYS D 46 -33.73 28.60 -35.38
N ALA D 47 -34.62 29.40 -34.80
CA ALA D 47 -35.20 30.55 -35.48
C ALA D 47 -34.65 31.88 -34.98
N HIS D 48 -34.32 31.98 -33.70
CA HIS D 48 -33.62 33.14 -33.17
C HIS D 48 -32.23 32.71 -32.74
N PRO D 49 -31.36 32.35 -33.70
CA PRO D 49 -30.06 31.75 -33.33
C PRO D 49 -29.18 32.65 -32.48
N ASN D 50 -29.25 33.96 -32.68
CA ASN D 50 -28.35 34.87 -31.99
C ASN D 50 -28.88 35.34 -30.64
N LEU D 51 -30.12 34.97 -30.29
CA LEU D 51 -30.70 35.41 -29.03
C LEU D 51 -30.52 34.33 -27.98
N PRO D 52 -29.79 34.58 -26.89
CA PRO D 52 -29.71 33.59 -25.81
C PRO D 52 -31.09 33.28 -25.24
N ILE D 53 -31.30 32.01 -24.91
CA ILE D 53 -32.50 31.55 -24.21
C ILE D 53 -32.02 30.61 -23.11
N LEU D 54 -31.73 31.17 -21.93
CA LEU D 54 -31.08 30.44 -20.87
C LEU D 54 -32.12 29.63 -20.10
N ILE D 55 -32.12 28.31 -20.28
CA ILE D 55 -32.97 27.41 -19.53
C ILE D 55 -32.19 27.02 -18.28
N ARG D 56 -32.58 27.58 -17.14
CA ARG D 56 -31.95 27.27 -15.86
C ARG D 56 -33.00 26.69 -14.93
N GLU D 57 -32.72 25.53 -14.37
CA GLU D 57 -33.62 24.84 -13.46
C GLU D 57 -33.08 24.85 -12.04
N CYS D 58 -34.00 24.92 -11.08
CA CYS D 58 -33.65 24.78 -9.68
C CYS D 58 -34.82 24.11 -8.98
N SER D 59 -34.50 23.29 -7.98
CA SER D 59 -35.54 22.53 -7.30
C SER D 59 -36.42 23.45 -6.47
N GLU D 60 -37.72 23.18 -6.48
CA GLU D 60 -38.69 23.94 -5.69
C GLU D 60 -38.59 25.43 -5.98
N VAL D 61 -38.42 25.77 -7.25
CA VAL D 61 -38.38 27.16 -7.68
C VAL D 61 -39.73 27.50 -8.28
N GLN D 62 -40.05 28.79 -8.29
CA GLN D 62 -41.30 29.26 -8.88
C GLN D 62 -41.06 29.58 -10.35
N PRO D 63 -41.71 28.89 -11.28
CA PRO D 63 -41.42 29.15 -12.70
C PRO D 63 -41.73 30.59 -13.06
N LYS D 64 -40.77 31.24 -13.72
CA LYS D 64 -40.90 32.64 -14.10
C LYS D 64 -40.01 32.91 -15.29
N LEU D 65 -40.57 33.54 -16.32
CA LEU D 65 -39.81 33.92 -17.50
C LEU D 65 -39.18 35.29 -17.27
N TRP D 66 -37.89 35.42 -17.59
CA TRP D 66 -37.15 36.67 -17.46
C TRP D 66 -36.76 37.14 -18.85
N ALA D 67 -36.92 38.44 -19.10
CA ALA D 67 -36.58 39.03 -20.39
C ALA D 67 -35.90 40.36 -20.17
N ARG D 68 -34.69 40.51 -20.71
CA ARG D 68 -33.90 41.72 -20.57
C ARG D 68 -33.83 42.43 -21.90
N TYR D 69 -34.07 43.75 -21.88
CA TYR D 69 -34.13 44.58 -23.08
C TYR D 69 -32.86 45.41 -23.17
N ALA D 70 -32.97 46.61 -23.75
CA ALA D 70 -31.81 47.41 -24.09
C ALA D 70 -30.96 47.76 -22.88
N PHE D 71 -31.14 48.96 -22.32
CA PHE D 71 -30.23 49.48 -21.30
C PHE D 71 -30.54 48.85 -19.95
N GLY D 72 -30.33 47.53 -19.88
CA GLY D 72 -30.47 46.81 -18.63
C GLY D 72 -31.84 46.94 -17.99
N GLN D 73 -32.90 46.84 -18.79
CA GLN D 73 -34.26 46.85 -18.29
C GLN D 73 -34.82 45.44 -18.42
N GLU D 74 -35.13 44.81 -17.28
CA GLU D 74 -35.59 43.44 -17.24
C GLU D 74 -37.06 43.41 -16.84
N LYS D 75 -37.86 42.65 -17.57
CA LYS D 75 -39.28 42.48 -17.31
C LYS D 75 -39.59 41.02 -17.08
N THR D 76 -40.41 40.73 -16.08
CA THR D 76 -40.68 39.37 -15.63
C THR D 76 -42.16 39.03 -15.77
N VAL D 77 -42.43 37.75 -16.01
CA VAL D 77 -43.79 37.24 -16.02
C VAL D 77 -43.84 36.02 -15.11
N SER D 78 -44.96 35.30 -15.12
CA SER D 78 -45.15 34.11 -14.30
C SER D 78 -45.68 33.00 -15.17
N LEU D 79 -45.26 31.77 -14.86
CA LEU D 79 -45.71 30.60 -15.61
C LEU D 79 -46.20 29.49 -14.70
N ASN D 80 -46.49 29.81 -13.43
CA ASN D 80 -46.88 28.78 -12.49
C ASN D 80 -48.27 28.27 -12.83
N ASN D 81 -48.41 26.94 -12.90
CA ASN D 81 -49.67 26.27 -13.22
C ASN D 81 -50.19 26.66 -14.61
N LEU D 82 -49.31 27.16 -15.48
CA LEU D 82 -49.70 27.45 -16.85
C LEU D 82 -49.46 26.23 -17.73
N SER D 83 -50.18 26.18 -18.84
CA SER D 83 -50.10 25.07 -19.76
C SER D 83 -49.08 25.36 -20.86
N ALA D 84 -48.83 24.33 -21.69
CA ALA D 84 -47.81 24.45 -22.72
C ALA D 84 -48.14 25.56 -23.71
N ASP D 85 -49.40 25.61 -24.15
CA ASP D 85 -49.78 26.63 -25.12
C ASP D 85 -49.73 28.03 -24.51
N GLU D 86 -50.11 28.15 -23.24
CA GLU D 86 -50.02 29.45 -22.59
C GLU D 86 -48.56 29.90 -22.47
N VAL D 87 -47.67 28.98 -22.13
CA VAL D 87 -46.25 29.32 -22.07
C VAL D 87 -45.74 29.74 -23.44
N THR D 88 -46.16 29.02 -24.48
CA THR D 88 -45.74 29.40 -25.83
C THR D 88 -46.27 30.78 -26.20
N ARG D 89 -47.51 31.08 -25.83
CA ARG D 89 -48.06 32.40 -26.11
C ARG D 89 -47.25 33.49 -25.41
N ALA D 90 -46.90 33.25 -24.15
CA ALA D 90 -46.09 34.22 -23.41
C ALA D 90 -44.74 34.42 -24.08
N MET D 91 -44.10 33.32 -24.49
CA MET D 91 -42.80 33.44 -25.15
C MET D 91 -42.92 34.21 -26.45
N GLN D 92 -43.96 33.94 -27.25
CA GLN D 92 -44.16 34.68 -28.49
C GLN D 92 -44.39 36.15 -28.21
N ASN D 93 -45.17 36.47 -27.17
CA ASN D 93 -45.45 37.86 -26.87
C ASN D 93 -44.19 38.60 -26.43
N VAL D 94 -43.33 37.95 -25.64
CA VAL D 94 -42.09 38.61 -25.26
C VAL D 94 -41.17 38.76 -26.46
N LEU D 95 -41.12 37.75 -27.34
CA LEU D 95 -40.27 37.84 -28.51
C LEU D 95 -40.78 38.86 -29.52
N SER D 96 -42.06 39.22 -29.47
CA SER D 96 -42.63 40.18 -30.41
C SER D 96 -43.19 41.39 -29.69
N THR E 65 27.65 -48.81 5.54
CA THR E 65 29.06 -48.72 5.88
C THR E 65 29.69 -47.49 5.25
N THR E 66 29.19 -47.10 4.07
CA THR E 66 29.73 -45.99 3.31
C THR E 66 28.64 -44.98 3.01
N TYR E 67 28.98 -43.70 3.15
CA TYR E 67 28.04 -42.63 2.86
C TYR E 67 27.65 -42.67 1.39
N LYS E 68 26.37 -42.47 1.11
CA LYS E 68 25.85 -42.57 -0.24
C LYS E 68 25.50 -41.24 -0.88
N ASN E 69 25.13 -40.23 -0.08
CA ASN E 69 24.74 -38.93 -0.62
C ASN E 69 26.00 -38.13 -0.92
N LEU E 70 26.63 -38.49 -2.04
CA LEU E 70 27.84 -37.82 -2.49
C LEU E 70 27.64 -37.01 -3.77
N GLN E 71 26.49 -37.15 -4.43
CA GLN E 71 26.28 -36.46 -5.69
C GLN E 71 26.32 -34.95 -5.53
N HIS E 72 26.08 -34.44 -4.33
CA HIS E 72 26.08 -33.00 -4.11
C HIS E 72 27.49 -32.43 -4.01
N HIS E 73 28.52 -33.28 -4.05
CA HIS E 73 29.89 -32.81 -4.04
C HIS E 73 30.32 -32.26 -5.39
N ASP E 74 29.50 -32.36 -6.43
CA ASP E 74 29.84 -31.87 -7.75
C ASP E 74 28.86 -30.86 -8.31
N TYR E 75 27.78 -30.54 -7.59
CA TYR E 75 26.84 -29.55 -8.08
C TYR E 75 27.53 -28.20 -8.23
N ASN E 76 27.32 -27.56 -9.37
CA ASN E 76 27.82 -26.22 -9.62
C ASN E 76 26.82 -25.21 -9.09
N THR E 77 27.03 -23.93 -9.41
CA THR E 77 26.14 -22.88 -8.90
C THR E 77 24.80 -22.86 -9.62
N TYR E 78 24.71 -23.42 -10.82
CA TYR E 78 23.48 -23.39 -11.60
C TYR E 78 22.74 -24.71 -11.59
N THR E 79 23.09 -25.64 -10.71
CA THR E 79 22.44 -26.94 -10.70
C THR E 79 20.94 -26.81 -10.44
N PHE E 80 20.58 -26.01 -9.43
CA PHE E 80 19.18 -25.87 -9.08
C PHE E 80 18.37 -25.37 -10.26
N LEU E 81 18.84 -24.29 -10.89
CA LEU E 81 18.09 -23.69 -11.98
C LEU E 81 18.07 -24.59 -13.20
N ASP E 82 19.14 -25.33 -13.44
CA ASP E 82 19.14 -26.30 -14.54
C ASP E 82 18.08 -27.36 -14.31
N LEU E 83 17.97 -27.87 -13.08
CA LEU E 83 16.94 -28.87 -12.80
C LEU E 83 15.55 -28.28 -12.97
N ASN E 84 15.36 -27.03 -12.52
CA ASN E 84 14.06 -26.40 -12.70
C ASN E 84 13.72 -26.26 -14.18
N LEU E 85 14.70 -25.86 -14.99
CA LEU E 85 14.46 -25.73 -16.42
C LEU E 85 14.12 -27.07 -17.05
N ASP E 86 14.80 -28.13 -16.61
CA ASP E 86 14.50 -29.45 -17.14
C ASP E 86 13.08 -29.88 -16.78
N LEU E 87 12.67 -29.64 -15.53
CA LEU E 87 11.31 -29.97 -15.12
C LEU E 87 10.26 -29.11 -15.82
N SER E 88 10.67 -27.99 -16.38
CA SER E 88 9.70 -27.12 -17.06
C SER E 88 8.93 -27.88 -18.13
N LYS E 89 9.54 -28.92 -18.73
CA LYS E 89 8.81 -29.68 -19.74
C LYS E 89 7.70 -30.51 -19.11
N PHE E 90 7.95 -31.11 -17.95
CA PHE E 90 6.94 -31.95 -17.31
C PHE E 90 5.84 -31.13 -16.65
N ARG E 91 6.16 -29.91 -16.22
CA ARG E 91 5.18 -29.14 -15.46
C ARG E 91 3.89 -28.98 -16.26
N LEU E 92 2.76 -29.06 -15.57
CA LEU E 92 1.44 -29.08 -16.19
C LEU E 92 0.96 -27.65 -16.45
N PRO E 93 0.14 -27.44 -17.47
CA PRO E 93 -0.34 -26.07 -17.78
C PRO E 93 -0.84 -25.35 -16.54
N GLN E 94 -0.39 -24.10 -16.39
CA GLN E 94 -0.78 -23.30 -15.24
C GLN E 94 -2.24 -22.87 -15.36
N PRO E 95 -2.88 -22.53 -14.23
CA PRO E 95 -4.27 -22.05 -14.25
C PRO E 95 -4.45 -20.84 -15.16
FE1 FES F . 24.82 -23.07 14.41
FE2 FES F . 22.29 -23.97 14.21
S1 FES F . 23.21 -22.95 15.96
S2 FES F . 23.98 -24.39 12.82
FE1 SF4 G . 5.26 -8.68 14.54
FE2 SF4 G . 7.79 -9.53 15.09
FE3 SF4 G . 6.01 -11.25 13.92
FE4 SF4 G . 7.02 -9.16 12.49
S1 SF4 G . 8.20 -10.94 13.33
S2 SF4 G . 4.82 -9.81 12.59
S3 SF4 G . 7.20 -7.56 14.11
S4 SF4 G . 5.86 -10.33 16.01
N1 FMN H . 6.96 -24.53 10.98
C2 FMN H . 7.47 -25.58 10.37
O2 FMN H . 6.71 -26.73 10.11
N3 FMN H . 8.68 -25.51 10.05
C4 FMN H . 9.58 -24.50 10.21
O4 FMN H . 10.90 -24.61 9.77
C4A FMN H . 9.02 -23.12 10.96
N5 FMN H . 9.50 -21.88 11.36
C5A FMN H . 8.91 -20.74 12.02
C6 FMN H . 9.17 -19.29 12.57
C7 FMN H . 8.21 -18.49 13.20
C7M FMN H . 8.67 -17.09 13.66
C8 FMN H . 7.05 -18.85 13.39
C8M FMN H . 6.04 -17.89 14.10
C9 FMN H . 6.63 -19.97 13.03
C9A FMN H . 7.38 -20.97 12.38
N10 FMN H . 6.92 -22.28 11.95
C10 FMN H . 7.54 -23.32 11.32
C1' FMN H . 5.49 -22.60 12.25
C2' FMN H . 4.59 -22.37 11.00
O2' FMN H . 4.04 -21.09 11.04
C3' FMN H . 3.45 -23.36 10.99
O3' FMN H . 2.95 -23.48 12.29
C4' FMN H . 3.93 -24.74 10.52
O4' FMN H . 4.66 -24.63 9.35
C5' FMN H . 2.70 -25.61 10.26
O5' FMN H . 3.12 -26.90 9.97
P FMN H . 2.37 -28.13 10.75
O1P FMN H . 2.73 -29.45 10.26
O2P FMN H . 0.93 -28.10 10.68
O3P FMN H . 2.67 -28.18 12.16
FE1 SF4 I . 4.32 13.88 18.95
FE2 SF4 I . 6.43 14.85 20.41
FE3 SF4 I . 6.79 12.73 18.74
FE4 SF4 I . 6.35 15.21 17.70
S1 SF4 I . 8.16 14.54 18.95
S2 SF4 I . 5.38 13.27 17.02
S3 SF4 I . 4.89 16.09 19.24
S4 SF4 I . 5.46 12.78 20.60
FE1 SF4 J . 3.52 6.32 9.46
FE2 SF4 J . 6.23 6.66 9.51
FE3 SF4 J . 4.86 6.96 7.16
FE4 SF4 J . 4.59 8.82 9.14
S1 SF4 J . 6.49 8.34 7.97
S2 SF4 J . 2.91 7.89 7.90
S3 SF4 J . 4.71 7.51 11.01
S4 SF4 J . 5.08 5.03 8.39
FE1 FES K . -3.04 -0.11 14.45
FE2 FES K . -5.34 -1.46 14.93
S1 FES K . -3.25 -2.26 15.02
S2 FES K . -5.08 0.76 14.77
#